data_2PQN
# 
_entry.id   2PQN 
# 
_audit_conform.dict_name       mmcif_pdbx.dic 
_audit_conform.dict_version    5.377 
_audit_conform.dict_location   http://mmcif.pdb.org/dictionaries/ascii/mmcif_pdbx.dic 
# 
loop_
_database_2.database_id 
_database_2.database_code 
_database_2.pdbx_database_accession 
_database_2.pdbx_DOI 
PDB   2PQN         pdb_00002pqn 10.2210/pdb2pqn/pdb 
RCSB  RCSB042680   ?            ?                   
WWPDB D_1000042680 ?            ?                   
# 
_pdbx_database_related.db_name        PDB 
_pdbx_database_related.db_id          2PQR 
_pdbx_database_related.details        . 
_pdbx_database_related.content_type   unspecified 
# 
_pdbx_database_status.entry_id                        2PQN 
_pdbx_database_status.deposit_site                    RCSB 
_pdbx_database_status.process_site                    RCSB 
_pdbx_database_status.recvd_initial_deposition_date   2007-05-02 
_pdbx_database_status.status_code                     REL 
_pdbx_database_status.status_code_sf                  REL 
_pdbx_database_status.status_code_mr                  ? 
_pdbx_database_status.SG_entry                        ? 
_pdbx_database_status.pdb_format_compatible           Y 
_pdbx_database_status.status_code_cs                  ? 
_pdbx_database_status.methods_development_category    ? 
_pdbx_database_status.status_code_nmr_data            ? 
# 
loop_
_audit_author.name 
_audit_author.pdbx_ordinal 
'Zhang, Y.'  1 
'Chan, D.C.' 2 
# 
_citation.id                        primary 
_citation.title                     'Structural basis for recruitment of mitochondrial fission complexes by Fis1.' 
_citation.journal_abbrev            Proc.Natl.Acad.Sci.USA 
_citation.journal_volume            104 
_citation.page_first                18526 
_citation.page_last                 18530 
_citation.year                      2007 
_citation.journal_id_ASTM           PNASA6 
_citation.country                   US 
_citation.journal_id_ISSN           0027-8424 
_citation.journal_id_CSD            0040 
_citation.book_publisher            ? 
_citation.pdbx_database_id_PubMed   17998537 
_citation.pdbx_database_id_DOI      10.1073/pnas.0706441104 
# 
loop_
_citation_author.citation_id 
_citation_author.name 
_citation_author.ordinal 
_citation_author.identifier_ORCID 
primary 'Zhang, Y.'  1 ? 
primary 'Chan, D.C.' 2 ? 
# 
_cell.entry_id           2PQN 
_cell.length_a           43.172 
_cell.length_b           57.388 
_cell.length_c           69.804 
_cell.angle_alpha        90.00 
_cell.angle_beta         90.00 
_cell.angle_gamma        90.00 
_cell.Z_PDB              4 
_cell.pdbx_unique_axis   ? 
_cell.length_a_esd       ? 
_cell.length_b_esd       ? 
_cell.length_c_esd       ? 
_cell.angle_alpha_esd    ? 
_cell.angle_beta_esd     ? 
_cell.angle_gamma_esd    ? 
# 
_symmetry.entry_id                         2PQN 
_symmetry.space_group_name_H-M             'P 21 21 2' 
_symmetry.pdbx_full_space_group_name_H-M   ? 
_symmetry.cell_setting                     ? 
_symmetry.Int_Tables_number                18 
_symmetry.space_group_name_Hall            ? 
# 
loop_
_entity.id 
_entity.type 
_entity.src_method 
_entity.pdbx_description 
_entity.formula_weight 
_entity.pdbx_number_of_molecules 
_entity.pdbx_ec 
_entity.pdbx_mutation 
_entity.pdbx_fragment 
_entity.details 
1 polymer man 'Mitochondria fission 1 protein'   15128.260 1  ? ? 'cytosolic portion' ? 
2 polymer man 'Mitochondrial division protein 1' 6037.681  1  ? ? 'N-terminal domain' ? 
3 water   nat water                              18.015    41 ? ? ?                   ? 
# 
loop_
_entity_name_com.entity_id 
_entity_name_com.name 
1 'Mitochondrial division protein 2' 
2 'Mitochondria fission 2 protein'   
# 
loop_
_entity_poly.entity_id 
_entity_poly.type 
_entity_poly.nstd_linkage 
_entity_poly.nstd_monomer 
_entity_poly.pdbx_seq_one_letter_code 
_entity_poly.pdbx_seq_one_letter_code_can 
_entity_poly.pdbx_strand_id 
_entity_poly.pdbx_target_identifier 
1 'polypeptide(L)' no no 
;MTKVDFWPTLKDAYEPLYPQQLEILRQQVVSEGGPTATIQSRFNYAWGLIKSTDVNDERLGVKILTDIYKEAESRRRECL
YYLTIGCYKLGEYSMAKRYVDTLFEHERNNKQVGALKSMVEDKIQKETL
;
;MTKVDFWPTLKDAYEPLYPQQLEILRQQVVSEGGPTATIQSRFNYAWGLIKSTDVNDERLGVKILTDIYKEAESRRRECL
YYLTIGCYKLGEYSMAKRYVDTLFEHERNNKQVGALKSMVEDKIQKETL
;
A ? 
2 'polypeptide(L)' no no GSHMDADGKLLTEGGENENLRKNASKKETSLFQGFKSYLPIAELAIENTERLNY 
GSHMDADGKLLTEGGENENLRKNASKKETSLFQGFKSYLPIAELAIENTERLNY B ? 
# 
loop_
_entity_poly_seq.entity_id 
_entity_poly_seq.num 
_entity_poly_seq.mon_id 
_entity_poly_seq.hetero 
1 1   MET n 
1 2   THR n 
1 3   LYS n 
1 4   VAL n 
1 5   ASP n 
1 6   PHE n 
1 7   TRP n 
1 8   PRO n 
1 9   THR n 
1 10  LEU n 
1 11  LYS n 
1 12  ASP n 
1 13  ALA n 
1 14  TYR n 
1 15  GLU n 
1 16  PRO n 
1 17  LEU n 
1 18  TYR n 
1 19  PRO n 
1 20  GLN n 
1 21  GLN n 
1 22  LEU n 
1 23  GLU n 
1 24  ILE n 
1 25  LEU n 
1 26  ARG n 
1 27  GLN n 
1 28  GLN n 
1 29  VAL n 
1 30  VAL n 
1 31  SER n 
1 32  GLU n 
1 33  GLY n 
1 34  GLY n 
1 35  PRO n 
1 36  THR n 
1 37  ALA n 
1 38  THR n 
1 39  ILE n 
1 40  GLN n 
1 41  SER n 
1 42  ARG n 
1 43  PHE n 
1 44  ASN n 
1 45  TYR n 
1 46  ALA n 
1 47  TRP n 
1 48  GLY n 
1 49  LEU n 
1 50  ILE n 
1 51  LYS n 
1 52  SER n 
1 53  THR n 
1 54  ASP n 
1 55  VAL n 
1 56  ASN n 
1 57  ASP n 
1 58  GLU n 
1 59  ARG n 
1 60  LEU n 
1 61  GLY n 
1 62  VAL n 
1 63  LYS n 
1 64  ILE n 
1 65  LEU n 
1 66  THR n 
1 67  ASP n 
1 68  ILE n 
1 69  TYR n 
1 70  LYS n 
1 71  GLU n 
1 72  ALA n 
1 73  GLU n 
1 74  SER n 
1 75  ARG n 
1 76  ARG n 
1 77  ARG n 
1 78  GLU n 
1 79  CYS n 
1 80  LEU n 
1 81  TYR n 
1 82  TYR n 
1 83  LEU n 
1 84  THR n 
1 85  ILE n 
1 86  GLY n 
1 87  CYS n 
1 88  TYR n 
1 89  LYS n 
1 90  LEU n 
1 91  GLY n 
1 92  GLU n 
1 93  TYR n 
1 94  SER n 
1 95  MET n 
1 96  ALA n 
1 97  LYS n 
1 98  ARG n 
1 99  TYR n 
1 100 VAL n 
1 101 ASP n 
1 102 THR n 
1 103 LEU n 
1 104 PHE n 
1 105 GLU n 
1 106 HIS n 
1 107 GLU n 
1 108 ARG n 
1 109 ASN n 
1 110 ASN n 
1 111 LYS n 
1 112 GLN n 
1 113 VAL n 
1 114 GLY n 
1 115 ALA n 
1 116 LEU n 
1 117 LYS n 
1 118 SER n 
1 119 MET n 
1 120 VAL n 
1 121 GLU n 
1 122 ASP n 
1 123 LYS n 
1 124 ILE n 
1 125 GLN n 
1 126 LYS n 
1 127 GLU n 
1 128 THR n 
1 129 LEU n 
2 1   GLY n 
2 2   SER n 
2 3   HIS n 
2 4   MET n 
2 5   ASP n 
2 6   ALA n 
2 7   ASP n 
2 8   GLY n 
2 9   LYS n 
2 10  LEU n 
2 11  LEU n 
2 12  THR n 
2 13  GLU n 
2 14  GLY n 
2 15  GLY n 
2 16  GLU n 
2 17  ASN n 
2 18  GLU n 
2 19  ASN n 
2 20  LEU n 
2 21  ARG n 
2 22  LYS n 
2 23  ASN n 
2 24  ALA n 
2 25  SER n 
2 26  LYS n 
2 27  LYS n 
2 28  GLU n 
2 29  THR n 
2 30  SER n 
2 31  LEU n 
2 32  PHE n 
2 33  GLN n 
2 34  GLY n 
2 35  PHE n 
2 36  LYS n 
2 37  SER n 
2 38  TYR n 
2 39  LEU n 
2 40  PRO n 
2 41  ILE n 
2 42  ALA n 
2 43  GLU n 
2 44  LEU n 
2 45  ALA n 
2 46  ILE n 
2 47  GLU n 
2 48  ASN n 
2 49  THR n 
2 50  GLU n 
2 51  ARG n 
2 52  LEU n 
2 53  ASN n 
2 54  TYR n 
# 
loop_
_entity_src_gen.entity_id 
_entity_src_gen.pdbx_src_id 
_entity_src_gen.pdbx_alt_source_flag 
_entity_src_gen.pdbx_seq_type 
_entity_src_gen.pdbx_beg_seq_num 
_entity_src_gen.pdbx_end_seq_num 
_entity_src_gen.gene_src_common_name 
_entity_src_gen.gene_src_genus 
_entity_src_gen.pdbx_gene_src_gene 
_entity_src_gen.gene_src_species 
_entity_src_gen.gene_src_strain 
_entity_src_gen.gene_src_tissue 
_entity_src_gen.gene_src_tissue_fraction 
_entity_src_gen.gene_src_details 
_entity_src_gen.pdbx_gene_src_fragment 
_entity_src_gen.pdbx_gene_src_scientific_name 
_entity_src_gen.pdbx_gene_src_ncbi_taxonomy_id 
_entity_src_gen.pdbx_gene_src_variant 
_entity_src_gen.pdbx_gene_src_cell_line 
_entity_src_gen.pdbx_gene_src_atcc 
_entity_src_gen.pdbx_gene_src_organ 
_entity_src_gen.pdbx_gene_src_organelle 
_entity_src_gen.pdbx_gene_src_cell 
_entity_src_gen.pdbx_gene_src_cellular_location 
_entity_src_gen.host_org_common_name 
_entity_src_gen.pdbx_host_org_scientific_name 
_entity_src_gen.pdbx_host_org_ncbi_taxonomy_id 
_entity_src_gen.host_org_genus 
_entity_src_gen.pdbx_host_org_gene 
_entity_src_gen.pdbx_host_org_organ 
_entity_src_gen.host_org_species 
_entity_src_gen.pdbx_host_org_tissue 
_entity_src_gen.pdbx_host_org_tissue_fraction 
_entity_src_gen.pdbx_host_org_strain 
_entity_src_gen.pdbx_host_org_variant 
_entity_src_gen.pdbx_host_org_cell_line 
_entity_src_gen.pdbx_host_org_atcc 
_entity_src_gen.pdbx_host_org_culture_collection 
_entity_src_gen.pdbx_host_org_cell 
_entity_src_gen.pdbx_host_org_organelle 
_entity_src_gen.pdbx_host_org_cellular_location 
_entity_src_gen.pdbx_host_org_vector_type 
_entity_src_gen.pdbx_host_org_vector 
_entity_src_gen.host_org_details 
_entity_src_gen.expression_system_id 
_entity_src_gen.plasmid_name 
_entity_src_gen.plasmid_details 
_entity_src_gen.pdbx_description 
1 1 sample ? ? ? 
;baker's yeast
;
Saccharomyces 'FIS1, MDV2'             ? ? ? ? ? ? 'Saccharomyces cerevisiae' 4932 ? ? ? ? ? ? ? ? 'Escherichia coli' 562 
Escherichia ? ? ? ? ? 'Rosetta (DE3)' ? ? ? ? ? ? ? Plasmid ? ? ? pBB75  ? ? 
2 1 sample ? ? ? 
;baker's yeast
;
Saccharomyces 'MDV1, FIS2, GAG3, NET2' ? ? ? ? ? ? 'Saccharomyces cerevisiae' 4932 ? ? ? ? ? ? ? ? 'Escherichia coli' 562 
Escherichia ? ? ? ? ? 'Rosetta (DE3)' ? ? ? ? ? ? ? Plasmid ? ? ? pET15b ? ? 
# 
loop_
_struct_ref.id 
_struct_ref.db_name 
_struct_ref.db_code 
_struct_ref.pdbx_db_accession 
_struct_ref.entity_id 
_struct_ref.pdbx_seq_one_letter_code 
_struct_ref.pdbx_align_begin 
_struct_ref.pdbx_db_isoform 
1 UNP FIS1_YEAST P40515 1 
;MTKVDFWPTLKDAYEPLYPQQLEILRQQVVSEGGPTATIQSRFNYAWGLIKSTDVNDERLGVKILTDIYKEAESRRRECL
YYLTIGCYKLGEYSMAKRYVDTLFEHERNNKQVGALKSMVEDKIQKETL
;
1   ? 
2 UNP MDV1_YEAST P47025 2 DADGKLLTEGGENENLRKNASKKETSLFQGFKSYLPIAELAIENTERLNY 122 ? 
# 
loop_
_struct_ref_seq.align_id 
_struct_ref_seq.ref_id 
_struct_ref_seq.pdbx_PDB_id_code 
_struct_ref_seq.pdbx_strand_id 
_struct_ref_seq.seq_align_beg 
_struct_ref_seq.pdbx_seq_align_beg_ins_code 
_struct_ref_seq.seq_align_end 
_struct_ref_seq.pdbx_seq_align_end_ins_code 
_struct_ref_seq.pdbx_db_accession 
_struct_ref_seq.db_align_beg 
_struct_ref_seq.pdbx_db_align_beg_ins_code 
_struct_ref_seq.db_align_end 
_struct_ref_seq.pdbx_db_align_end_ins_code 
_struct_ref_seq.pdbx_auth_seq_align_beg 
_struct_ref_seq.pdbx_auth_seq_align_end 
1 1 2PQN A 1 ? 129 ? P40515 1   ? 129 ? 1   129 
2 2 2PQN B 5 ? 54  ? P47025 122 ? 171 ? 122 171 
# 
loop_
_struct_ref_seq_dif.align_id 
_struct_ref_seq_dif.pdbx_pdb_id_code 
_struct_ref_seq_dif.mon_id 
_struct_ref_seq_dif.pdbx_pdb_strand_id 
_struct_ref_seq_dif.seq_num 
_struct_ref_seq_dif.pdbx_pdb_ins_code 
_struct_ref_seq_dif.pdbx_seq_db_name 
_struct_ref_seq_dif.pdbx_seq_db_accession_code 
_struct_ref_seq_dif.db_mon_id 
_struct_ref_seq_dif.pdbx_seq_db_seq_num 
_struct_ref_seq_dif.details 
_struct_ref_seq_dif.pdbx_auth_seq_num 
_struct_ref_seq_dif.pdbx_ordinal 
2 2PQN GLY B 1 ? UNP P47025 ? ? 'expression tag' 118 1 
2 2PQN SER B 2 ? UNP P47025 ? ? 'expression tag' 119 2 
2 2PQN HIS B 3 ? UNP P47025 ? ? 'expression tag' 120 3 
2 2PQN MET B 4 ? UNP P47025 ? ? 'expression tag' 121 4 
# 
loop_
_chem_comp.id 
_chem_comp.type 
_chem_comp.mon_nstd_flag 
_chem_comp.name 
_chem_comp.pdbx_synonyms 
_chem_comp.formula 
_chem_comp.formula_weight 
ALA 'L-peptide linking' y ALANINE         ? 'C3 H7 N O2'     89.093  
ARG 'L-peptide linking' y ARGININE        ? 'C6 H15 N4 O2 1' 175.209 
ASN 'L-peptide linking' y ASPARAGINE      ? 'C4 H8 N2 O3'    132.118 
ASP 'L-peptide linking' y 'ASPARTIC ACID' ? 'C4 H7 N O4'     133.103 
CYS 'L-peptide linking' y CYSTEINE        ? 'C3 H7 N O2 S'   121.158 
GLN 'L-peptide linking' y GLUTAMINE       ? 'C5 H10 N2 O3'   146.144 
GLU 'L-peptide linking' y 'GLUTAMIC ACID' ? 'C5 H9 N O4'     147.129 
GLY 'peptide linking'   y GLYCINE         ? 'C2 H5 N O2'     75.067  
HIS 'L-peptide linking' y HISTIDINE       ? 'C6 H10 N3 O2 1' 156.162 
HOH non-polymer         . WATER           ? 'H2 O'           18.015  
ILE 'L-peptide linking' y ISOLEUCINE      ? 'C6 H13 N O2'    131.173 
LEU 'L-peptide linking' y LEUCINE         ? 'C6 H13 N O2'    131.173 
LYS 'L-peptide linking' y LYSINE          ? 'C6 H15 N2 O2 1' 147.195 
MET 'L-peptide linking' y METHIONINE      ? 'C5 H11 N O2 S'  149.211 
PHE 'L-peptide linking' y PHENYLALANINE   ? 'C9 H11 N O2'    165.189 
PRO 'L-peptide linking' y PROLINE         ? 'C5 H9 N O2'     115.130 
SER 'L-peptide linking' y SERINE          ? 'C3 H7 N O3'     105.093 
THR 'L-peptide linking' y THREONINE       ? 'C4 H9 N O3'     119.119 
TRP 'L-peptide linking' y TRYPTOPHAN      ? 'C11 H12 N2 O2'  204.225 
TYR 'L-peptide linking' y TYROSINE        ? 'C9 H11 N O3'    181.189 
VAL 'L-peptide linking' y VALINE          ? 'C5 H11 N O2'    117.146 
# 
_exptl.entry_id          2PQN 
_exptl.method            'X-RAY DIFFRACTION' 
_exptl.crystals_number   1 
# 
_exptl_crystal.id                    1 
_exptl_crystal.density_meas          ? 
_exptl_crystal.density_Matthews      2.05 
_exptl_crystal.density_percent_sol   40.09 
_exptl_crystal.description           ? 
_exptl_crystal.F_000                 ? 
_exptl_crystal.preparation           ? 
# 
_exptl_crystal_grow.crystal_id      1 
_exptl_crystal_grow.method          'VAPOR DIFFUSION, HANGING DROP' 
_exptl_crystal_grow.temp            295 
_exptl_crystal_grow.temp_details    ? 
_exptl_crystal_grow.pH              8.0 
_exptl_crystal_grow.pdbx_details    '20% PEG3350, 0.1M Tris, pH 8.0, VAPOR DIFFUSION, HANGING DROP, temperature 295K' 
_exptl_crystal_grow.pdbx_pH_range   . 
# 
_diffrn.id                     1 
_diffrn.ambient_temp           100 
_diffrn.ambient_temp_details   ? 
_diffrn.crystal_id             1 
# 
_diffrn_detector.diffrn_id              1 
_diffrn_detector.detector               CCD 
_diffrn_detector.type                   'MARMOSAIC 325 mm CCD' 
_diffrn_detector.pdbx_collection_date   2006-04-12 
_diffrn_detector.details                'Flat collimating mirror, double crystal monochromator, toroid focusing mirror' 
# 
_diffrn_radiation.diffrn_id                        1 
_diffrn_radiation.wavelength_id                    1 
_diffrn_radiation.pdbx_monochromatic_or_laue_m_l   M 
_diffrn_radiation.monochromator                    'Double crystal monochromator, Si(111)' 
_diffrn_radiation.pdbx_diffrn_protocol             'SINGLE WAVELENGTH' 
_diffrn_radiation.pdbx_scattering_type             x-ray 
# 
_diffrn_radiation_wavelength.id           1 
_diffrn_radiation_wavelength.wavelength   0.97946 
_diffrn_radiation_wavelength.wt           1.0 
# 
_diffrn_source.diffrn_id                   1 
_diffrn_source.source                      SYNCHROTRON 
_diffrn_source.type                        'SSRL BEAMLINE BL9-2' 
_diffrn_source.pdbx_synchrotron_site       SSRL 
_diffrn_source.pdbx_synchrotron_beamline   BL9-2 
_diffrn_source.pdbx_wavelength             0.97946 
_diffrn_source.pdbx_wavelength_list        ? 
# 
_reflns.entry_id                     2PQN 
_reflns.observed_criterion_sigma_I   ? 
_reflns.observed_criterion_sigma_F   ? 
_reflns.d_resolution_low             50.000 
_reflns.d_resolution_high            2.150 
_reflns.number_obs                   9834 
_reflns.number_all                   ? 
_reflns.percent_possible_obs         98.600 
_reflns.pdbx_Rmerge_I_obs            0.063 
_reflns.pdbx_Rsym_value              ? 
_reflns.pdbx_netI_over_sigmaI        13.000 
_reflns.B_iso_Wilson_estimate        ? 
_reflns.pdbx_redundancy              5.700 
_reflns.R_free_details               ? 
_reflns.limit_h_max                  ? 
_reflns.limit_h_min                  ? 
_reflns.limit_k_max                  ? 
_reflns.limit_k_min                  ? 
_reflns.limit_l_max                  ? 
_reflns.limit_l_min                  ? 
_reflns.observed_criterion_F_max     ? 
_reflns.observed_criterion_F_min     ? 
_reflns.pdbx_chi_squared             ? 
_reflns.pdbx_scaling_rejects         ? 
_reflns.pdbx_ordinal                 1 
_reflns.pdbx_diffrn_id               1 
# 
_reflns_shell.d_res_high             2.15 
_reflns_shell.d_res_low              2.23 
_reflns_shell.percent_possible_all   89.50 
_reflns_shell.Rmerge_I_obs           0.359 
_reflns_shell.pdbx_Rsym_value        ? 
_reflns_shell.meanI_over_sigI_obs    ? 
_reflns_shell.pdbx_redundancy        4.30 
_reflns_shell.percent_possible_obs   ? 
_reflns_shell.number_unique_all      ? 
_reflns_shell.number_measured_all    ? 
_reflns_shell.number_measured_obs    ? 
_reflns_shell.number_unique_obs      ? 
_reflns_shell.pdbx_chi_squared       ? 
_reflns_shell.pdbx_ordinal           1 
_reflns_shell.pdbx_diffrn_id         1 
# 
_refine.entry_id                                 2PQN 
_refine.ls_number_reflns_obs                     8653 
_refine.ls_number_reflns_all                     ? 
_refine.pdbx_ls_sigma_I                          ? 
_refine.pdbx_ls_sigma_F                          ? 
_refine.pdbx_data_cutoff_high_absF               ? 
_refine.pdbx_data_cutoff_low_absF                ? 
_refine.pdbx_data_cutoff_high_rms_absF           ? 
_refine.ls_d_res_low                             29.81 
_refine.ls_d_res_high                            2.15 
_refine.ls_percent_reflns_obs                    95.99 
_refine.ls_R_factor_obs                          0.20062 
_refine.ls_R_factor_all                          ? 
_refine.ls_R_factor_R_work                       0.19769 
_refine.ls_R_factor_R_free                       0.23306 
_refine.ls_R_factor_R_free_error                 ? 
_refine.ls_R_factor_R_free_error_details         ? 
_refine.ls_percent_reflns_R_free                 8.1 
_refine.ls_number_reflns_R_free                  765 
_refine.ls_number_parameters                     ? 
_refine.ls_number_restraints                     ? 
_refine.occupancy_min                            ? 
_refine.occupancy_max                            ? 
_refine.correlation_coeff_Fo_to_Fc               0.953 
_refine.correlation_coeff_Fo_to_Fc_free          0.939 
_refine.B_iso_mean                               43.170 
_refine.aniso_B[1][1]                            1.96 
_refine.aniso_B[2][2]                            -1.76 
_refine.aniso_B[3][3]                            -0.20 
_refine.aniso_B[1][2]                            0.00 
_refine.aniso_B[1][3]                            0.00 
_refine.aniso_B[2][3]                            0.00 
_refine.solvent_model_details                    MASK 
_refine.solvent_model_param_ksol                 ? 
_refine.solvent_model_param_bsol                 ? 
_refine.pdbx_solvent_vdw_probe_radii             1.20 
_refine.pdbx_solvent_ion_probe_radii             0.80 
_refine.pdbx_solvent_shrinkage_radii             0.80 
_refine.pdbx_ls_cross_valid_method               THROUGHOUT 
_refine.details                                  'HYDROGENS HAVE BEEN ADDED IN THE RIDING POSITIONS' 
_refine.pdbx_starting_model                      'PDB entry 1Y8M' 
_refine.pdbx_method_to_determine_struct          'MOLECULAR REPLACEMENT' 
_refine.pdbx_isotropic_thermal_model             ? 
_refine.pdbx_stereochemistry_target_values       'MAXIMUM LIKELIHOOD' 
_refine.pdbx_stereochem_target_val_spec_case     ? 
_refine.pdbx_R_Free_selection_details            RANDOM 
_refine.pdbx_overall_ESU_R                       0.254 
_refine.pdbx_overall_ESU_R_Free                  0.197 
_refine.overall_SU_ML                            0.147 
_refine.overall_SU_B                             11.018 
_refine.ls_redundancy_reflns_obs                 ? 
_refine.B_iso_min                                ? 
_refine.B_iso_max                                ? 
_refine.overall_SU_R_Cruickshank_DPI             ? 
_refine.overall_SU_R_free                        ? 
_refine.ls_wR_factor_R_free                      ? 
_refine.ls_wR_factor_R_work                      ? 
_refine.overall_FOM_free_R_set                   ? 
_refine.overall_FOM_work_R_set                   ? 
_refine.pdbx_refine_id                           'X-RAY DIFFRACTION' 
_refine.pdbx_TLS_residual_ADP_flag               'LIKELY RESIDUAL' 
_refine.pdbx_diffrn_id                           1 
_refine.pdbx_overall_phase_error                 ? 
_refine.pdbx_overall_SU_R_free_Cruickshank_DPI   ? 
_refine.pdbx_overall_SU_R_Blow_DPI               ? 
_refine.pdbx_overall_SU_R_free_Blow_DPI          ? 
# 
_refine_hist.pdbx_refine_id                   'X-RAY DIFFRACTION' 
_refine_hist.cycle_id                         LAST 
_refine_hist.pdbx_number_atoms_protein        1185 
_refine_hist.pdbx_number_atoms_nucleic_acid   0 
_refine_hist.pdbx_number_atoms_ligand         0 
_refine_hist.number_atoms_solvent             41 
_refine_hist.number_atoms_total               1226 
_refine_hist.d_res_high                       2.15 
_refine_hist.d_res_low                        29.81 
# 
loop_
_refine_ls_restr.type 
_refine_ls_restr.dev_ideal 
_refine_ls_restr.dev_ideal_target 
_refine_ls_restr.weight 
_refine_ls_restr.number 
_refine_ls_restr.pdbx_refine_id 
_refine_ls_restr.pdbx_restraint_function 
r_bond_refined_d             0.016  0.022  ? 1214 'X-RAY DIFFRACTION' ? 
r_bond_other_d               ?      ?      ? ?    'X-RAY DIFFRACTION' ? 
r_angle_refined_deg          1.495  1.975  ? 1642 'X-RAY DIFFRACTION' ? 
r_angle_other_deg            ?      ?      ? ?    'X-RAY DIFFRACTION' ? 
r_dihedral_angle_1_deg       5.845  5.000  ? 146  'X-RAY DIFFRACTION' ? 
r_dihedral_angle_2_deg       34.311 24.915 ? 59   'X-RAY DIFFRACTION' ? 
r_dihedral_angle_3_deg       17.664 15.000 ? 221  'X-RAY DIFFRACTION' ? 
r_dihedral_angle_4_deg       24.449 15.000 ? 6    'X-RAY DIFFRACTION' ? 
r_chiral_restr               0.096  0.200  ? 181  'X-RAY DIFFRACTION' ? 
r_gen_planes_refined         0.006  0.020  ? 911  'X-RAY DIFFRACTION' ? 
r_gen_planes_other           ?      ?      ? ?    'X-RAY DIFFRACTION' ? 
r_nbd_refined                0.215  0.200  ? 578  'X-RAY DIFFRACTION' ? 
r_nbd_other                  ?      ?      ? ?    'X-RAY DIFFRACTION' ? 
r_nbtor_refined              0.306  0.200  ? 853  'X-RAY DIFFRACTION' ? 
r_nbtor_other                ?      ?      ? ?    'X-RAY DIFFRACTION' ? 
r_xyhbond_nbd_refined        0.168  0.200  ? 64   'X-RAY DIFFRACTION' ? 
r_xyhbond_nbd_other          ?      ?      ? ?    'X-RAY DIFFRACTION' ? 
r_metal_ion_refined          ?      ?      ? ?    'X-RAY DIFFRACTION' ? 
r_metal_ion_other            ?      ?      ? ?    'X-RAY DIFFRACTION' ? 
r_symmetry_vdw_refined       0.130  0.200  ? 29   'X-RAY DIFFRACTION' ? 
r_symmetry_vdw_other         ?      ?      ? ?    'X-RAY DIFFRACTION' ? 
r_symmetry_hbond_refined     0.172  0.200  ? 4    'X-RAY DIFFRACTION' ? 
r_symmetry_hbond_other       ?      ?      ? ?    'X-RAY DIFFRACTION' ? 
r_symmetry_metal_ion_refined ?      ?      ? ?    'X-RAY DIFFRACTION' ? 
r_symmetry_metal_ion_other   ?      ?      ? ?    'X-RAY DIFFRACTION' ? 
r_mcbond_it                  0.822  1.500  ? 757  'X-RAY DIFFRACTION' ? 
r_mcbond_other               ?      ?      ? ?    'X-RAY DIFFRACTION' ? 
r_mcangle_it                 1.336  2.000  ? 1175 'X-RAY DIFFRACTION' ? 
r_scbond_it                  2.056  3.000  ? 536  'X-RAY DIFFRACTION' ? 
r_scangle_it                 3.176  4.500  ? 466  'X-RAY DIFFRACTION' ? 
r_rigid_bond_restr           ?      ?      ? ?    'X-RAY DIFFRACTION' ? 
r_sphericity_free            ?      ?      ? ?    'X-RAY DIFFRACTION' ? 
r_sphericity_bonded          ?      ?      ? ?    'X-RAY DIFFRACTION' ? 
# 
_refine_ls_shell.pdbx_total_number_of_bins_used   20 
_refine_ls_shell.d_res_high                       2.147 
_refine_ls_shell.d_res_low                        2.203 
_refine_ls_shell.number_reflns_R_work             494 
_refine_ls_shell.R_factor_R_work                  0.218 
_refine_ls_shell.percent_reflns_obs               87.50 
_refine_ls_shell.R_factor_R_free                  0.233 
_refine_ls_shell.R_factor_R_free_error            ? 
_refine_ls_shell.percent_reflns_R_free            ? 
_refine_ls_shell.number_reflns_R_free             52 
_refine_ls_shell.number_reflns_all                ? 
_refine_ls_shell.R_factor_all                     ? 
_refine_ls_shell.redundancy_reflns_obs            ? 
_refine_ls_shell.number_reflns_obs                ? 
_refine_ls_shell.pdbx_refine_id                   'X-RAY DIFFRACTION' 
# 
_struct.entry_id                  2PQN 
_struct.title                     'Crystal structure of yeast Fis1 complexed with a fragment of yeast Mdv1' 
_struct.pdbx_model_details        ? 
_struct.pdbx_CASP_flag            ? 
_struct.pdbx_model_type_details   ? 
# 
_struct_keywords.entry_id        2PQN 
_struct_keywords.pdbx_keywords   APOPTOSIS 
_struct_keywords.text            'TPR domain, protein-protein complex, APOPTOSIS' 
# 
loop_
_struct_asym.id 
_struct_asym.pdbx_blank_PDB_chainid_flag 
_struct_asym.pdbx_modified 
_struct_asym.entity_id 
_struct_asym.details 
A N N 1 ? 
B N N 2 ? 
C N N 3 ? 
D N N 3 ? 
# 
_struct_biol.id        1 
_struct_biol.details   ? 
# 
loop_
_struct_conf.conf_type_id 
_struct_conf.id 
_struct_conf.pdbx_PDB_helix_id 
_struct_conf.beg_label_comp_id 
_struct_conf.beg_label_asym_id 
_struct_conf.beg_label_seq_id 
_struct_conf.pdbx_beg_PDB_ins_code 
_struct_conf.end_label_comp_id 
_struct_conf.end_label_asym_id 
_struct_conf.end_label_seq_id 
_struct_conf.pdbx_end_PDB_ins_code 
_struct_conf.beg_auth_comp_id 
_struct_conf.beg_auth_asym_id 
_struct_conf.beg_auth_seq_id 
_struct_conf.end_auth_comp_id 
_struct_conf.end_auth_asym_id 
_struct_conf.end_auth_seq_id 
_struct_conf.pdbx_PDB_helix_class 
_struct_conf.details 
_struct_conf.pdbx_PDB_helix_length 
HELX_P HELX_P1 1 THR A 9   ? TYR A 14  ? THR A 9   TYR A 14  1 ? 6  
HELX_P HELX_P2 2 TYR A 18  ? GLU A 32  ? TYR A 18  GLU A 32  1 ? 15 
HELX_P HELX_P3 3 GLY A 33  ? ALA A 37  ? GLY A 33  ALA A 37  5 ? 5  
HELX_P HELX_P4 4 THR A 38  ? SER A 52  ? THR A 38  SER A 52  1 ? 15 
HELX_P HELX_P5 5 ASP A 54  ? ALA A 72  ? ASP A 54  ALA A 72  1 ? 19 
HELX_P HELX_P6 6 ARG A 75  ? GLY A 91  ? ARG A 75  GLY A 91  1 ? 17 
HELX_P HELX_P7 7 GLU A 92  ? GLU A 107 ? GLU A 92  GLU A 107 1 ? 16 
HELX_P HELX_P8 8 ASN A 110 ? GLU A 127 ? ASN A 110 GLU A 127 1 ? 18 
HELX_P HELX_P9 9 SER B 30  ? ALA B 45  ? SER B 147 ALA B 162 1 ? 16 
# 
_struct_conf_type.id          HELX_P 
_struct_conf_type.criteria    ? 
_struct_conf_type.reference   ? 
# 
loop_
_struct_mon_prot_cis.pdbx_id 
_struct_mon_prot_cis.label_comp_id 
_struct_mon_prot_cis.label_seq_id 
_struct_mon_prot_cis.label_asym_id 
_struct_mon_prot_cis.label_alt_id 
_struct_mon_prot_cis.pdbx_PDB_ins_code 
_struct_mon_prot_cis.auth_comp_id 
_struct_mon_prot_cis.auth_seq_id 
_struct_mon_prot_cis.auth_asym_id 
_struct_mon_prot_cis.pdbx_label_comp_id_2 
_struct_mon_prot_cis.pdbx_label_seq_id_2 
_struct_mon_prot_cis.pdbx_label_asym_id_2 
_struct_mon_prot_cis.pdbx_PDB_ins_code_2 
_struct_mon_prot_cis.pdbx_auth_comp_id_2 
_struct_mon_prot_cis.pdbx_auth_seq_id_2 
_struct_mon_prot_cis.pdbx_auth_asym_id_2 
_struct_mon_prot_cis.pdbx_PDB_model_num 
_struct_mon_prot_cis.pdbx_omega_angle 
1 VAL 4   A . ? VAL 4   A ASP 5   A ? ASP 5   A 1 -19.52 
2 THR 128 A . ? THR 128 A LEU 129 A ? LEU 129 A 1 -27.82 
# 
_atom_sites.entry_id                    2PQN 
_atom_sites.fract_transf_matrix[1][1]   0.00676676 
_atom_sites.fract_transf_matrix[1][2]   -0.02200972 
_atom_sites.fract_transf_matrix[1][3]   0.00251149 
_atom_sites.fract_transf_matrix[2][1]   0.01640769 
_atom_sites.fract_transf_matrix[2][2]   0.00463389 
_atom_sites.fract_transf_matrix[2][3]   -0.00359796 
_atom_sites.fract_transf_matrix[3][1]   0.00239771 
_atom_sites.fract_transf_matrix[3][2]   0.00232680 
_atom_sites.fract_transf_matrix[3][3]   0.01393095 
_atom_sites.fract_transf_vector[1]      0.256504 
_atom_sites.fract_transf_vector[2]      0.188088 
_atom_sites.fract_transf_vector[3]      -0.214076 
# 
loop_
_atom_type.symbol 
C 
N 
O 
S 
# 
loop_
_atom_site.group_PDB 
_atom_site.id 
_atom_site.type_symbol 
_atom_site.label_atom_id 
_atom_site.label_alt_id 
_atom_site.label_comp_id 
_atom_site.label_asym_id 
_atom_site.label_entity_id 
_atom_site.label_seq_id 
_atom_site.pdbx_PDB_ins_code 
_atom_site.Cartn_x 
_atom_site.Cartn_y 
_atom_site.Cartn_z 
_atom_site.occupancy 
_atom_site.B_iso_or_equiv 
_atom_site.pdbx_formal_charge 
_atom_site.auth_seq_id 
_atom_site.auth_comp_id 
_atom_site.auth_asym_id 
_atom_site.auth_atom_id 
_atom_site.pdbx_PDB_model_num 
ATOM   1    N N   . VAL A 1 4   ? 5.126   -16.939 1.456   1.00 48.75 ? 4   VAL A N   1 
ATOM   2    C CA  . VAL A 1 4   ? 3.908   -16.243 1.976   1.00 48.80 ? 4   VAL A CA  1 
ATOM   3    C C   . VAL A 1 4   ? 4.233   -14.852 2.574   1.00 48.50 ? 4   VAL A C   1 
ATOM   4    O O   . VAL A 1 4   ? 5.048   -14.769 3.497   1.00 48.70 ? 4   VAL A O   1 
ATOM   5    C CB  . VAL A 1 4   ? 3.110   -17.148 3.009   1.00 48.73 ? 4   VAL A CB  1 
ATOM   6    C CG1 . VAL A 1 4   ? 4.021   -17.714 4.124   1.00 49.10 ? 4   VAL A CG1 1 
ATOM   7    C CG2 . VAL A 1 4   ? 1.879   -16.408 3.585   1.00 48.99 ? 4   VAL A CG2 1 
ATOM   8    N N   . ASP A 1 5   ? 3.674   -13.753 2.043   1.00 47.95 ? 5   ASP A N   1 
ATOM   9    C CA  . ASP A 1 5   ? 3.075   -13.625 0.697   1.00 47.13 ? 5   ASP A CA  1 
ATOM   10   C C   . ASP A 1 5   ? 3.512   -12.263 0.149   1.00 45.94 ? 5   ASP A C   1 
ATOM   11   O O   . ASP A 1 5   ? 3.815   -11.363 0.937   1.00 45.76 ? 5   ASP A O   1 
ATOM   12   C CB  . ASP A 1 5   ? 1.550   -13.714 0.730   1.00 47.70 ? 5   ASP A CB  1 
ATOM   13   C CG  . ASP A 1 5   ? 0.962   -14.141 -0.615  1.00 48.44 ? 5   ASP A CG  1 
ATOM   14   O OD1 . ASP A 1 5   ? 1.698   -14.678 -1.463  1.00 49.26 ? 5   ASP A OD1 1 
ATOM   15   O OD2 . ASP A 1 5   ? -0.249  -13.940 -0.822  1.00 50.65 ? 5   ASP A OD2 1 
ATOM   16   N N   . PHE A 1 6   ? 3.589   -12.097 -1.172  1.00 44.40 ? 6   PHE A N   1 
ATOM   17   C CA  . PHE A 1 6   ? 4.341   -10.943 -1.679  1.00 43.53 ? 6   PHE A CA  1 
ATOM   18   C C   . PHE A 1 6   ? 3.614   -9.601  -1.530  1.00 43.23 ? 6   PHE A C   1 
ATOM   19   O O   . PHE A 1 6   ? 4.221   -8.604  -1.139  1.00 42.94 ? 6   PHE A O   1 
ATOM   20   C CB  . PHE A 1 6   ? 4.853   -11.140 -3.113  1.00 42.98 ? 6   PHE A CB  1 
ATOM   21   C CG  . PHE A 1 6   ? 5.902   -10.125 -3.508  1.00 42.55 ? 6   PHE A CG  1 
ATOM   22   C CD1 . PHE A 1 6   ? 7.261   -10.350 -3.206  1.00 42.71 ? 6   PHE A CD1 1 
ATOM   23   C CD2 . PHE A 1 6   ? 5.527   -8.929  -4.155  1.00 43.35 ? 6   PHE A CD2 1 
ATOM   24   C CE1 . PHE A 1 6   ? 8.231   -9.409  -3.554  1.00 42.49 ? 6   PHE A CE1 1 
ATOM   25   C CE2 . PHE A 1 6   ? 6.489   -7.983  -4.506  1.00 42.86 ? 6   PHE A CE2 1 
ATOM   26   C CZ  . PHE A 1 6   ? 7.844   -8.223  -4.203  1.00 41.58 ? 6   PHE A CZ  1 
ATOM   27   N N   . TRP A 1 7   ? 2.325   -9.598  -1.849  1.00 43.11 ? 7   TRP A N   1 
ATOM   28   C CA  . TRP A 1 7   ? 1.466   -8.427  -1.688  1.00 43.40 ? 7   TRP A CA  1 
ATOM   29   C C   . TRP A 1 7   ? 0.281   -8.749  -0.779  1.00 42.94 ? 7   TRP A C   1 
ATOM   30   O O   . TRP A 1 7   ? -0.101  -9.918  -0.622  1.00 42.47 ? 7   TRP A O   1 
ATOM   31   C CB  . TRP A 1 7   ? 0.917   -7.983  -3.054  1.00 43.98 ? 7   TRP A CB  1 
ATOM   32   C CG  . TRP A 1 7   ? 1.868   -7.187  -3.908  1.00 44.62 ? 7   TRP A CG  1 
ATOM   33   C CD1 . TRP A 1 7   ? 2.407   -5.953  -3.621  1.00 45.30 ? 7   TRP A CD1 1 
ATOM   34   C CD2 . TRP A 1 7   ? 2.383   -7.561  -5.189  1.00 44.08 ? 7   TRP A CD2 1 
ATOM   35   N NE1 . TRP A 1 7   ? 3.228   -5.553  -4.653  1.00 45.74 ? 7   TRP A NE1 1 
ATOM   36   C CE2 . TRP A 1 7   ? 3.230   -6.517  -5.623  1.00 44.06 ? 7   TRP A CE2 1 
ATOM   37   C CE3 . TRP A 1 7   ? 2.215   -8.682  -6.014  1.00 43.62 ? 7   TRP A CE3 1 
ATOM   38   C CZ2 . TRP A 1 7   ? 3.907   -6.560  -6.846  1.00 44.88 ? 7   TRP A CZ2 1 
ATOM   39   C CZ3 . TRP A 1 7   ? 2.887   -8.720  -7.220  1.00 45.05 ? 7   TRP A CZ3 1 
ATOM   40   C CH2 . TRP A 1 7   ? 3.726   -7.666  -7.625  1.00 44.87 ? 7   TRP A CH2 1 
ATOM   41   N N   . PRO A 1 8   ? -0.343  -7.707  -0.221  1.00 43.02 ? 8   PRO A N   1 
ATOM   42   C CA  . PRO A 1 8   ? -1.629  -7.904  0.444   1.00 43.02 ? 8   PRO A CA  1 
ATOM   43   C C   . PRO A 1 8   ? -2.741  -8.115  -0.606  1.00 43.14 ? 8   PRO A C   1 
ATOM   44   O O   . PRO A 1 8   ? -2.503  -7.962  -1.825  1.00 42.78 ? 8   PRO A O   1 
ATOM   45   C CB  . PRO A 1 8   ? -1.801  -6.587  1.215   1.00 42.97 ? 8   PRO A CB  1 
ATOM   46   C CG  . PRO A 1 8   ? -1.144  -5.603  0.290   1.00 43.30 ? 8   PRO A CG  1 
ATOM   47   C CD  . PRO A 1 8   ? 0.071   -6.288  -0.189  1.00 43.02 ? 8   PRO A CD  1 
ATOM   48   N N   . THR A 1 9   ? -3.924  -8.518  -0.147  1.00 43.71 ? 9   THR A N   1 
ATOM   49   C CA  . THR A 1 9   ? -5.103  -8.614  -1.021  1.00 43.85 ? 9   THR A CA  1 
ATOM   50   C C   . THR A 1 9   ? -5.830  -7.278  -1.044  1.00 44.73 ? 9   THR A C   1 
ATOM   51   O O   . THR A 1 9   ? -5.541  -6.421  -0.218  1.00 45.18 ? 9   THR A O   1 
ATOM   52   C CB  . THR A 1 9   ? -6.056  -9.735  -0.570  1.00 43.95 ? 9   THR A CB  1 
ATOM   53   O OG1 . THR A 1 9   ? -6.437  -9.520  0.789   1.00 42.06 ? 9   THR A OG1 1 
ATOM   54   C CG2 . THR A 1 9   ? -5.362  -11.082 -0.676  1.00 42.38 ? 9   THR A CG2 1 
ATOM   55   N N   . LEU A 1 10  ? -6.737  -7.067  -1.998  1.00 45.50 ? 10  LEU A N   1 
ATOM   56   C CA  . LEU A 1 10  ? -7.537  -5.818  -2.003  1.00 45.67 ? 10  LEU A CA  1 
ATOM   57   C C   . LEU A 1 10  ? -8.406  -5.796  -0.745  1.00 45.44 ? 10  LEU A C   1 
ATOM   58   O O   . LEU A 1 10  ? -8.521  -4.763  -0.073  1.00 46.63 ? 10  LEU A O   1 
ATOM   59   C CB  . LEU A 1 10  ? -8.373  -5.674  -3.315  1.00 46.46 ? 10  LEU A CB  1 
ATOM   60   C CG  . LEU A 1 10  ? -9.200  -4.376  -3.545  1.00 46.17 ? 10  LEU A CG  1 
ATOM   61   C CD1 . LEU A 1 10  ? -8.378  -3.078  -3.407  1.00 44.80 ? 10  LEU A CD1 1 
ATOM   62   C CD2 . LEU A 1 10  ? -9.964  -4.384  -4.889  1.00 44.97 ? 10  LEU A CD2 1 
ATOM   63   N N   . LYS A 1 11  ? -8.956  -6.952  -0.388  1.00 44.60 ? 11  LYS A N   1 
ATOM   64   C CA  . LYS A 1 11  ? -9.599  -7.128  0.907   1.00 44.83 ? 11  LYS A CA  1 
ATOM   65   C C   . LYS A 1 11  ? -8.785  -6.677  2.132   1.00 44.05 ? 11  LYS A C   1 
ATOM   66   O O   . LYS A 1 11  ? -9.365  -6.071  3.024   1.00 43.98 ? 11  LYS A O   1 
ATOM   67   C CB  . LYS A 1 11  ? -10.044 -8.566  1.114   1.00 44.45 ? 11  LYS A CB  1 
ATOM   68   C CG  . LYS A 1 11  ? -10.757 -8.790  2.427   1.00 46.44 ? 11  LYS A CG  1 
ATOM   69   C CD  . LYS A 1 11  ? -12.074 -9.536  2.198   1.00 52.01 ? 11  LYS A CD  1 
ATOM   70   C CE  . LYS A 1 11  ? -12.565 -10.238 3.457   1.00 53.26 ? 11  LYS A CE  1 
ATOM   71   N NZ  . LYS A 1 11  ? -11.687 -11.401 3.783   1.00 55.51 ? 11  LYS A NZ  1 
ATOM   72   N N   . ASP A 1 12  ? -7.495  -7.033  2.192   1.00 43.42 ? 12  ASP A N   1 
ATOM   73   C CA  A ASP A 1 12  ? -6.602  -6.605  3.282   0.50 43.49 ? 12  ASP A CA  1 
ATOM   74   C CA  B ASP A 1 12  ? -6.589  -6.593  3.261   0.50 43.27 ? 12  ASP A CA  1 
ATOM   75   C C   . ASP A 1 12  ? -6.578  -5.070  3.306   1.00 43.49 ? 12  ASP A C   1 
ATOM   76   O O   . ASP A 1 12  ? -6.547  -4.453  4.388   1.00 41.60 ? 12  ASP A O   1 
ATOM   77   C CB  A ASP A 1 12  ? -5.191  -7.176  3.064   0.50 43.59 ? 12  ASP A CB  1 
ATOM   78   C CB  B ASP A 1 12  ? -5.163  -7.061  2.987   0.50 43.22 ? 12  ASP A CB  1 
ATOM   79   C CG  A ASP A 1 12  ? -4.309  -7.179  4.341   0.50 44.32 ? 12  ASP A CG  1 
ATOM   80   C CG  B ASP A 1 12  ? -4.980  -8.559  3.140   0.50 42.81 ? 12  ASP A CG  1 
ATOM   81   O OD1 A ASP A 1 12  ? -3.294  -7.915  4.352   0.50 44.26 ? 12  ASP A OD1 1 
ATOM   82   O OD1 B ASP A 1 12  ? -5.929  -9.249  3.571   0.50 43.11 ? 12  ASP A OD1 1 
ATOM   83   O OD2 A ASP A 1 12  ? -4.592  -6.464  5.323   0.50 43.96 ? 12  ASP A OD2 1 
ATOM   84   O OD2 B ASP A 1 12  ? -3.868  -9.042  2.826   0.50 41.96 ? 12  ASP A OD2 1 
ATOM   85   N N   . ALA A 1 13  ? -6.620  -4.487  2.100   1.00 43.58 ? 13  ALA A N   1 
ATOM   86   C CA  . ALA A 1 13  ? -6.613  -3.031  1.879   1.00 44.96 ? 13  ALA A CA  1 
ATOM   87   C C   . ALA A 1 13  ? -7.823  -2.355  2.491   1.00 44.22 ? 13  ALA A C   1 
ATOM   88   O O   . ALA A 1 13  ? -7.772  -1.155  2.826   1.00 45.91 ? 13  ALA A O   1 
ATOM   89   C CB  . ALA A 1 13  ? -6.551  -2.735  0.368   1.00 45.12 ? 13  ALA A CB  1 
ATOM   90   N N   . TYR A 1 14  ? -8.903  -3.131  2.648   1.00 43.16 ? 14  TYR A N   1 
ATOM   91   C CA  . TYR A 1 14  ? -10.136 -2.635  3.275   1.00 42.60 ? 14  TYR A CA  1 
ATOM   92   C C   . TYR A 1 14  ? -10.317 -2.954  4.756   1.00 41.40 ? 14  TYR A C   1 
ATOM   93   O O   . TYR A 1 14  ? -11.377 -2.681  5.313   1.00 42.34 ? 14  TYR A O   1 
ATOM   94   C CB  . TYR A 1 14  ? -11.368 -3.073  2.473   1.00 40.62 ? 14  TYR A CB  1 
ATOM   95   C CG  . TYR A 1 14  ? -11.560 -2.183  1.267   1.00 43.07 ? 14  TYR A CG  1 
ATOM   96   C CD1 . TYR A 1 14  ? -12.381 -1.034  1.347   1.00 38.89 ? 14  TYR A CD1 1 
ATOM   97   C CD2 . TYR A 1 14  ? -10.938 -2.479  0.054   1.00 41.56 ? 14  TYR A CD2 1 
ATOM   98   C CE1 . TYR A 1 14  ? -12.552 -0.203  0.269   1.00 41.75 ? 14  TYR A CE1 1 
ATOM   99   C CE2 . TYR A 1 14  ? -11.114 -1.639  -1.053  1.00 41.93 ? 14  TYR A CE2 1 
ATOM   100  C CZ  . TYR A 1 14  ? -11.919 -0.510  -0.939  1.00 41.94 ? 14  TYR A CZ  1 
ATOM   101  O OH  . TYR A 1 14  ? -12.115 0.311   -2.035  1.00 41.90 ? 14  TYR A OH  1 
ATOM   102  N N   . GLU A 1 15  ? -9.309  -3.509  5.401   1.00 39.20 ? 15  GLU A N   1 
ATOM   103  C CA  . GLU A 1 15  ? -9.410  -3.806  6.836   1.00 39.28 ? 15  GLU A CA  1 
ATOM   104  C C   . GLU A 1 15  ? -8.545  -2.797  7.593   1.00 35.68 ? 15  GLU A C   1 
ATOM   105  O O   . GLU A 1 15  ? -7.325  -2.894  7.560   1.00 36.12 ? 15  GLU A O   1 
ATOM   106  C CB  . GLU A 1 15  ? -8.977  -5.275  7.164   1.00 38.01 ? 15  GLU A CB  1 
ATOM   107  C CG  . GLU A 1 15  ? -10.157 -6.280  7.146   1.00 42.98 ? 15  GLU A CG  1 
ATOM   108  C CD  . GLU A 1 15  ? -9.741  -7.739  6.924   1.00 44.72 ? 15  GLU A CD  1 
ATOM   109  O OE1 . GLU A 1 15  ? -8.536  -8.084  7.157   1.00 50.78 ? 15  GLU A OE1 1 
ATOM   110  O OE2 . GLU A 1 15  ? -10.636 -8.555  6.522   1.00 50.93 ? 15  GLU A OE2 1 
ATOM   111  N N   . PRO A 1 16  ? -9.168  -1.837  8.289   1.00 35.21 ? 16  PRO A N   1 
ATOM   112  C CA  . PRO A 1 16  ? -8.296  -0.816  8.906   1.00 33.78 ? 16  PRO A CA  1 
ATOM   113  C C   . PRO A 1 16  ? -7.505  -1.425  10.078  1.00 33.57 ? 16  PRO A C   1 
ATOM   114  O O   . PRO A 1 16  ? -7.919  -2.434  10.672  1.00 31.68 ? 16  PRO A O   1 
ATOM   115  C CB  . PRO A 1 16  ? -9.273  0.269   9.388   1.00 33.95 ? 16  PRO A CB  1 
ATOM   116  C CG  . PRO A 1 16  ? -10.640 -0.156  8.979   1.00 35.74 ? 16  PRO A CG  1 
ATOM   117  C CD  . PRO A 1 16  ? -10.605 -1.608  8.559   1.00 34.12 ? 16  PRO A CD  1 
ATOM   118  N N   . LEU A 1 17  ? -6.360  -0.842  10.371  1.00 33.23 ? 17  LEU A N   1 
ATOM   119  C CA  . LEU A 1 17  ? -5.661  -1.163  11.613  1.00 33.15 ? 17  LEU A CA  1 
ATOM   120  C C   . LEU A 1 17  ? -6.421  -0.524  12.758  1.00 33.35 ? 17  LEU A C   1 
ATOM   121  O O   . LEU A 1 17  ? -7.165  0.429   12.546  1.00 32.30 ? 17  LEU A O   1 
ATOM   122  C CB  . LEU A 1 17  ? -4.251  -0.575  11.573  1.00 33.12 ? 17  LEU A CB  1 
ATOM   123  C CG  . LEU A 1 17  ? -3.375  -1.095  10.442  1.00 32.41 ? 17  LEU A CG  1 
ATOM   124  C CD1 . LEU A 1 17  ? -2.135  -0.159  10.475  1.00 34.19 ? 17  LEU A CD1 1 
ATOM   125  C CD2 . LEU A 1 17  ? -3.007  -2.633  10.584  1.00 30.12 ? 17  LEU A CD2 1 
ATOM   126  N N   . TYR A 1 18  ? -6.234  -1.053  13.969  1.00 33.24 ? 18  TYR A N   1 
ATOM   127  C CA  . TYR A 1 18  ? -6.730  -0.403  15.164  1.00 32.63 ? 18  TYR A CA  1 
ATOM   128  C C   . TYR A 1 18  ? -6.015  0.908   15.346  1.00 33.09 ? 18  TYR A C   1 
ATOM   129  O O   . TYR A 1 18  ? -4.878  1.043   14.926  1.00 33.49 ? 18  TYR A O   1 
ATOM   130  C CB  . TYR A 1 18  ? -6.579  -1.317  16.387  1.00 33.40 ? 18  TYR A CB  1 
ATOM   131  C CG  . TYR A 1 18  ? -7.169  -2.704  16.164  1.00 32.78 ? 18  TYR A CG  1 
ATOM   132  C CD1 . TYR A 1 18  ? -8.402  -2.864  15.514  1.00 35.70 ? 18  TYR A CD1 1 
ATOM   133  C CD2 . TYR A 1 18  ? -6.505  -3.849  16.597  1.00 36.22 ? 18  TYR A CD2 1 
ATOM   134  C CE1 . TYR A 1 18  ? -8.958  -4.139  15.286  1.00 35.46 ? 18  TYR A CE1 1 
ATOM   135  C CE2 . TYR A 1 18  ? -7.047  -5.156  16.383  1.00 34.77 ? 18  TYR A CE2 1 
ATOM   136  C CZ  . TYR A 1 18  ? -8.257  -5.284  15.714  1.00 36.01 ? 18  TYR A CZ  1 
ATOM   137  O OH  . TYR A 1 18  ? -8.821  -6.535  15.505  1.00 36.69 ? 18  TYR A OH  1 
ATOM   138  N N   . PRO A 1 19  ? -6.694  1.916   15.925  1.00 33.86 ? 19  PRO A N   1 
ATOM   139  C CA  . PRO A 1 19  ? -6.050  3.235   16.079  1.00 34.05 ? 19  PRO A CA  1 
ATOM   140  C C   . PRO A 1 19  ? -4.654  3.139   16.732  1.00 33.83 ? 19  PRO A C   1 
ATOM   141  O O   . PRO A 1 19  ? -3.721  3.817   16.299  1.00 33.01 ? 19  PRO A O   1 
ATOM   142  C CB  . PRO A 1 19  ? -7.035  4.019   16.966  1.00 33.60 ? 19  PRO A CB  1 
ATOM   143  C CG  . PRO A 1 19  ? -8.377  3.398   16.668  1.00 34.09 ? 19  PRO A CG  1 
ATOM   144  C CD  . PRO A 1 19  ? -8.094  1.913   16.418  1.00 34.17 ? 19  PRO A CD  1 
ATOM   145  N N   . GLN A 1 20  ? -4.506  2.277   17.729  1.00 33.28 ? 20  GLN A N   1 
ATOM   146  C CA  . GLN A 1 20  ? -3.236  2.219   18.458  1.00 33.96 ? 20  GLN A CA  1 
ATOM   147  C C   . GLN A 1 20  ? -2.129  1.628   17.580  1.00 33.15 ? 20  GLN A C   1 
ATOM   148  O O   . GLN A 1 20  ? -0.976  1.971   17.736  1.00 33.43 ? 20  GLN A O   1 
ATOM   149  C CB  . GLN A 1 20  ? -3.386  1.493   19.806  1.00 34.20 ? 20  GLN A CB  1 
ATOM   150  C CG  . GLN A 1 20  ? -3.864  0.027   19.717  1.00 38.21 ? 20  GLN A CG  1 
ATOM   151  C CD  . GLN A 1 20  ? -5.396  -0.153  19.567  1.00 41.47 ? 20  GLN A CD  1 
ATOM   152  O OE1 . GLN A 1 20  ? -6.137  0.765   19.106  1.00 35.83 ? 20  GLN A OE1 1 
ATOM   153  N NE2 . GLN A 1 20  ? -5.867  -1.375  19.897  1.00 41.12 ? 20  GLN A NE2 1 
ATOM   154  N N   . GLN A 1 21  ? -2.498  0.768   16.637  1.00 33.23 ? 21  GLN A N   1 
ATOM   155  C CA  . GLN A 1 21  ? -1.546  0.186   15.682  1.00 33.40 ? 21  GLN A CA  1 
ATOM   156  C C   . GLN A 1 21  ? -1.055  1.228   14.695  1.00 33.72 ? 21  GLN A C   1 
ATOM   157  O O   . GLN A 1 21  ? 0.146   1.330   14.447  1.00 34.05 ? 21  GLN A O   1 
ATOM   158  C CB  . GLN A 1 21  ? -2.173  -0.986  14.938  1.00 32.31 ? 21  GLN A CB  1 
ATOM   159  C CG  . GLN A 1 21  ? -2.357  -2.267  15.846  1.00 32.14 ? 21  GLN A CG  1 
ATOM   160  C CD  . GLN A 1 21  ? -3.115  -3.351  15.120  1.00 33.51 ? 21  GLN A CD  1 
ATOM   161  O OE1 . GLN A 1 21  ? -3.977  -3.041  14.273  1.00 35.80 ? 21  GLN A OE1 1 
ATOM   162  N NE2 . GLN A 1 21  ? -2.809  -4.638  15.424  1.00 31.26 ? 21  GLN A NE2 1 
ATOM   163  N N   . LEU A 1 22  ? -1.990  2.007   14.144  1.00 33.43 ? 22  LEU A N   1 
ATOM   164  C CA  . LEU A 1 22  ? -1.654  3.113   13.254  1.00 33.86 ? 22  LEU A CA  1 
ATOM   165  C C   . LEU A 1 22  ? -0.731  4.122   13.962  1.00 34.40 ? 22  LEU A C   1 
ATOM   166  O O   . LEU A 1 22  ? 0.260   4.542   13.388  1.00 35.10 ? 22  LEU A O   1 
ATOM   167  C CB  . LEU A 1 22  ? -2.918  3.788   12.650  1.00 33.78 ? 22  LEU A CB  1 
ATOM   168  C CG  . LEU A 1 22  ? -2.609  4.839   11.530  1.00 33.96 ? 22  LEU A CG  1 
ATOM   169  C CD1 . LEU A 1 22  ? -1.922  4.200   10.308  1.00 28.03 ? 22  LEU A CD1 1 
ATOM   170  C CD2 . LEU A 1 22  ? -3.926  5.600   11.113  1.00 32.36 ? 22  LEU A CD2 1 
ATOM   171  N N   . GLU A 1 23  ? -1.052  4.477   15.209  1.00 33.99 ? 23  GLU A N   1 
ATOM   172  C CA  . GLU A 1 23  ? -0.218  5.382   16.003  1.00 32.69 ? 23  GLU A CA  1 
ATOM   173  C C   . GLU A 1 23  ? 1.202   4.859   16.204  1.00 31.94 ? 23  GLU A C   1 
ATOM   174  O O   . GLU A 1 23  ? 2.193   5.600   16.104  1.00 32.13 ? 23  GLU A O   1 
ATOM   175  C CB  . GLU A 1 23  ? -0.871  5.647   17.352  1.00 33.33 ? 23  GLU A CB  1 
ATOM   176  C CG  . GLU A 1 23  ? -0.146  6.710   18.210  1.00 36.68 ? 23  GLU A CG  1 
ATOM   177  C CD  . GLU A 1 23  ? 0.087   8.078   17.489  1.00 39.78 ? 23  GLU A CD  1 
ATOM   178  O OE1 . GLU A 1 23  ? -0.568  8.407   16.452  1.00 38.26 ? 23  GLU A OE1 1 
ATOM   179  O OE2 . GLU A 1 23  ? 0.968   8.817   17.975  1.00 43.70 ? 23  GLU A OE2 1 
ATOM   180  N N   . ILE A 1 24  ? 1.322   3.575   16.454  1.00 30.45 ? 24  ILE A N   1 
ATOM   181  C CA  . ILE A 1 24  ? 2.642   2.953   16.527  1.00 30.20 ? 24  ILE A CA  1 
ATOM   182  C C   . ILE A 1 24  ? 3.459   3.171   15.266  1.00 29.54 ? 24  ILE A C   1 
ATOM   183  O O   . ILE A 1 24  ? 4.619   3.516   15.341  1.00 29.90 ? 24  ILE A O   1 
ATOM   184  C CB  . ILE A 1 24  ? 2.517   1.437   16.809  1.00 31.05 ? 24  ILE A CB  1 
ATOM   185  C CG1 . ILE A 1 24  ? 2.206   1.205   18.285  1.00 30.50 ? 24  ILE A CG1 1 
ATOM   186  C CG2 . ILE A 1 24  ? 3.766   0.683   16.367  1.00 28.68 ? 24  ILE A CG2 1 
ATOM   187  C CD1 . ILE A 1 24  ? 1.914   -0.319  18.549  1.00 31.19 ? 24  ILE A CD1 1 
ATOM   188  N N   . LEU A 1 25  ? 2.831   3.026   14.106  1.00 30.36 ? 25  LEU A N   1 
ATOM   189  C CA  . LEU A 1 25  ? 3.487   3.179   12.820  1.00 30.05 ? 25  LEU A CA  1 
ATOM   190  C C   . LEU A 1 25  ? 3.843   4.658   12.569  1.00 31.19 ? 25  LEU A C   1 
ATOM   191  O O   . LEU A 1 25  ? 4.883   4.990   11.958  1.00 30.90 ? 25  LEU A O   1 
ATOM   192  C CB  . LEU A 1 25  ? 2.566   2.635   11.709  1.00 28.22 ? 25  LEU A CB  1 
ATOM   193  C CG  . LEU A 1 25  ? 2.152   1.194   11.714  1.00 31.47 ? 25  LEU A CG  1 
ATOM   194  C CD1 . LEU A 1 25  ? 1.244   0.993   10.575  1.00 35.05 ? 25  LEU A CD1 1 
ATOM   195  C CD2 . LEU A 1 25  ? 3.389   0.330   11.571  1.00 27.92 ? 25  LEU A CD2 1 
ATOM   196  N N   . ARG A 1 26  ? 2.972   5.549   13.025  1.00 31.16 ? 26  ARG A N   1 
ATOM   197  C CA  . ARG A 1 26  ? 3.258   6.959   12.983  1.00 31.04 ? 26  ARG A CA  1 
ATOM   198  C C   . ARG A 1 26  ? 4.507   7.336   13.874  1.00 32.85 ? 26  ARG A C   1 
ATOM   199  O O   . ARG A 1 26  ? 5.461   8.074   13.422  1.00 31.92 ? 26  ARG A O   1 
ATOM   200  C CB  . ARG A 1 26  ? 2.013   7.778   13.390  1.00 30.27 ? 26  ARG A CB  1 
ATOM   201  C CG  . ARG A 1 26  ? 2.219   9.287   13.065  1.00 30.30 ? 26  ARG A CG  1 
ATOM   202  C CD  . ARG A 1 26  ? 1.009   10.251  13.390  1.00 33.39 ? 26  ARG A CD  1 
ATOM   203  N NE  . ARG A 1 26  ? 0.941   10.459  14.823  1.00 37.45 ? 26  ARG A NE  1 
ATOM   204  C CZ  . ARG A 1 26  ? 1.197   11.581  15.474  1.00 43.05 ? 26  ARG A CZ  1 
ATOM   205  N NH1 . ARG A 1 26  ? 1.422   12.735  14.818  1.00 45.17 ? 26  ARG A NH1 1 
ATOM   206  N NH2 . ARG A 1 26  ? 1.146   11.548  16.809  1.00 41.82 ? 26  ARG A NH2 1 
ATOM   207  N N   . GLN A 1 27  ? 4.488   6.878   15.132  1.00 31.63 ? 27  GLN A N   1 
ATOM   208  C CA  . GLN A 1 27  ? 5.586   7.173   16.044  1.00 32.31 ? 27  GLN A CA  1 
ATOM   209  C C   . GLN A 1 27  ? 6.934   6.648   15.508  1.00 31.96 ? 27  GLN A C   1 
ATOM   210  O O   . GLN A 1 27  ? 8.004   7.236   15.760  1.00 30.97 ? 27  GLN A O   1 
ATOM   211  C CB  . GLN A 1 27  ? 5.315   6.571   17.435  1.00 33.15 ? 27  GLN A CB  1 
ATOM   212  C CG  . GLN A 1 27  ? 4.317   7.371   18.208  1.00 35.09 ? 27  GLN A CG  1 
ATOM   213  C CD  . GLN A 1 27  ? 4.660   8.901   18.190  1.00 39.68 ? 27  GLN A CD  1 
ATOM   214  O OE1 . GLN A 1 27  ? 5.806   9.297   18.421  1.00 39.43 ? 27  GLN A OE1 1 
ATOM   215  N NE2 . GLN A 1 27  ? 3.660   9.739   17.890  1.00 36.02 ? 27  GLN A NE2 1 
ATOM   216  N N   . GLN A 1 28  ? 6.898   5.527   14.780  1.00 32.45 ? 28  GLN A N   1 
ATOM   217  C CA  . GLN A 1 28  ? 8.153   4.988   14.185  1.00 32.21 ? 28  GLN A CA  1 
ATOM   218  C C   . GLN A 1 28  ? 8.757   6.000   13.143  1.00 32.38 ? 28  GLN A C   1 
ATOM   219  O O   . GLN A 1 28  ? 9.960   6.286   13.131  1.00 31.98 ? 28  GLN A O   1 
ATOM   220  C CB  . GLN A 1 28  ? 7.913   3.645   13.548  1.00 31.58 ? 28  GLN A CB  1 
ATOM   221  C CG  . GLN A 1 28  ? 9.195   3.040   12.999  1.00 32.49 ? 28  GLN A CG  1 
ATOM   222  C CD  . GLN A 1 28  ? 10.218  2.704   14.101  1.00 36.46 ? 28  GLN A CD  1 
ATOM   223  O OE1 . GLN A 1 28  ? 9.868   2.175   15.142  1.00 33.96 ? 28  GLN A OE1 1 
ATOM   224  N NE2 . GLN A 1 28  ? 11.469  3.016   13.856  1.00 37.85 ? 28  GLN A NE2 1 
ATOM   225  N N   . VAL A 1 29  ? 7.905   6.539   12.291  1.00 32.45 ? 29  VAL A N   1 
ATOM   226  C CA  . VAL A 1 29  ? 8.324   7.575   11.361  1.00 32.87 ? 29  VAL A CA  1 
ATOM   227  C C   . VAL A 1 29  ? 8.767   8.848   12.087  1.00 32.70 ? 29  VAL A C   1 
ATOM   228  O O   . VAL A 1 29  ? 9.756   9.468   11.699  1.00 33.14 ? 29  VAL A O   1 
ATOM   229  C CB  . VAL A 1 29  ? 7.205   7.853   10.326  1.00 33.73 ? 29  VAL A CB  1 
ATOM   230  C CG1 . VAL A 1 29  ? 7.532   9.133   9.461   1.00 32.64 ? 29  VAL A CG1 1 
ATOM   231  C CG2 . VAL A 1 29  ? 6.987   6.574   9.481   1.00 34.43 ? 29  VAL A CG2 1 
ATOM   232  N N   . VAL A 1 30  ? 8.059   9.237   13.144  1.00 32.33 ? 30  VAL A N   1 
ATOM   233  C CA  . VAL A 1 30  ? 8.468   10.415  13.930  1.00 31.80 ? 30  VAL A CA  1 
ATOM   234  C C   . VAL A 1 30  ? 9.887   10.143  14.457  1.00 32.26 ? 30  VAL A C   1 
ATOM   235  O O   . VAL A 1 30  ? 10.816  10.953  14.296  1.00 32.09 ? 30  VAL A O   1 
ATOM   236  C CB  . VAL A 1 30  ? 7.447   10.747  15.079  1.00 31.16 ? 30  VAL A CB  1 
ATOM   237  C CG1 . VAL A 1 30  ? 8.070   11.682  16.133  1.00 29.43 ? 30  VAL A CG1 1 
ATOM   238  C CG2 . VAL A 1 30  ? 6.118   11.315  14.523  1.00 29.50 ? 30  VAL A CG2 1 
ATOM   239  N N   . SER A 1 31  ? 10.076  8.980   15.051  1.00 32.19 ? 31  SER A N   1 
ATOM   240  C CA  . SER A 1 31  ? 11.375  8.678   15.676  1.00 33.12 ? 31  SER A CA  1 
ATOM   241  C C   . SER A 1 31  ? 12.537  8.738   14.672  1.00 33.43 ? 31  SER A C   1 
ATOM   242  O O   . SER A 1 31  ? 13.655  9.022   15.073  1.00 32.69 ? 31  SER A O   1 
ATOM   243  C CB  . SER A 1 31  ? 11.337  7.332   16.419  1.00 32.70 ? 31  SER A CB  1 
ATOM   244  O OG  . SER A 1 31  ? 11.313  6.252   15.494  1.00 33.61 ? 31  SER A OG  1 
ATOM   245  N N   . GLU A 1 32  ? 12.254  8.521   13.375  1.00 34.03 ? 32  GLU A N   1 
ATOM   246  C CA  . GLU A 1 32  ? 13.288  8.622   12.325  1.00 34.78 ? 32  GLU A CA  1 
ATOM   247  C C   . GLU A 1 32  ? 13.357  9.978   11.598  1.00 35.05 ? 32  GLU A C   1 
ATOM   248  O O   . GLU A 1 32  ? 14.116  10.130  10.630  1.00 35.12 ? 32  GLU A O   1 
ATOM   249  C CB  . GLU A 1 32  ? 13.153  7.485   11.304  1.00 35.17 ? 32  GLU A CB  1 
ATOM   250  C CG  . GLU A 1 32  ? 13.298  6.082   11.872  1.00 34.16 ? 32  GLU A CG  1 
ATOM   251  C CD  . GLU A 1 32  ? 12.820  4.982   10.911  1.00 36.67 ? 32  GLU A CD  1 
ATOM   252  O OE1 . GLU A 1 32  ? 12.848  5.178   9.664   1.00 39.37 ? 32  GLU A OE1 1 
ATOM   253  O OE2 . GLU A 1 32  ? 12.420  3.905   11.405  1.00 32.73 ? 32  GLU A OE2 1 
ATOM   254  N N   . GLY A 1 33  ? 12.565  10.954  12.045  1.00 35.24 ? 33  GLY A N   1 
ATOM   255  C CA  . GLY A 1 33  ? 12.662  12.332  11.541  1.00 36.49 ? 33  GLY A CA  1 
ATOM   256  C C   . GLY A 1 33  ? 11.640  12.719  10.466  1.00 37.27 ? 33  GLY A C   1 
ATOM   257  O O   . GLY A 1 33  ? 11.794  13.729  9.815   1.00 36.83 ? 33  GLY A O   1 
ATOM   258  N N   . GLY A 1 34  ? 10.614  11.893  10.257  1.00 37.69 ? 34  GLY A N   1 
ATOM   259  C CA  . GLY A 1 34  ? 9.596   12.187  9.262   1.00 37.72 ? 34  GLY A CA  1 
ATOM   260  C C   . GLY A 1 34  ? 10.026  11.988  7.820   1.00 38.17 ? 34  GLY A C   1 
ATOM   261  O O   . GLY A 1 34  ? 10.156  10.860  7.368   1.00 39.15 ? 34  GLY A O   1 
ATOM   262  N N   . PRO A 1 35  ? 10.213  13.090  7.064   1.00 38.64 ? 35  PRO A N   1 
ATOM   263  C CA  . PRO A 1 35  ? 10.713  12.967  5.694   1.00 38.57 ? 35  PRO A CA  1 
ATOM   264  C C   . PRO A 1 35  ? 11.974  12.103  5.588   1.00 38.03 ? 35  PRO A C   1 
ATOM   265  O O   . PRO A 1 35  ? 12.150  11.421  4.584   1.00 38.44 ? 35  PRO A O   1 
ATOM   266  C CB  . PRO A 1 35  ? 11.057  14.428  5.327   1.00 39.11 ? 35  PRO A CB  1 
ATOM   267  C CG  . PRO A 1 35  ? 10.075  15.214  6.097   1.00 38.37 ? 35  PRO A CG  1 
ATOM   268  C CD  . PRO A 1 35  ? 9.933   14.500  7.411   1.00 38.16 ? 35  PRO A CD  1 
ATOM   269  N N   . THR A 1 36  ? 12.835  12.138  6.608   1.00 36.97 ? 36  THR A N   1 
ATOM   270  C CA  . THR A 1 36  ? 14.113  11.432  6.559   1.00 36.54 ? 36  THR A CA  1 
ATOM   271  C C   . THR A 1 36  ? 14.008  9.994   7.065   1.00 35.32 ? 36  THR A C   1 
ATOM   272  O O   . THR A 1 36  ? 15.027  9.333   7.172   1.00 35.25 ? 36  THR A O   1 
ATOM   273  C CB  . THR A 1 36  ? 15.190  12.121  7.423   1.00 36.59 ? 36  THR A CB  1 
ATOM   274  O OG1 . THR A 1 36  ? 14.697  12.228  8.763   1.00 38.15 ? 36  THR A OG1 1 
ATOM   275  C CG2 . THR A 1 36  ? 15.529  13.495  6.889   1.00 38.23 ? 36  THR A CG2 1 
ATOM   276  N N   . ALA A 1 37  ? 12.800  9.525   7.395   1.00 34.41 ? 37  ALA A N   1 
ATOM   277  C CA  . ALA A 1 37  ? 12.604  8.154   7.871   1.00 34.31 ? 37  ALA A CA  1 
ATOM   278  C C   . ALA A 1 37  ? 13.003  7.144   6.791   1.00 33.16 ? 37  ALA A C   1 
ATOM   279  O O   . ALA A 1 37  ? 13.080  7.477   5.605   1.00 33.05 ? 37  ALA A O   1 
ATOM   280  C CB  . ALA A 1 37  ? 11.141  7.938   8.313   1.00 34.26 ? 37  ALA A CB  1 
ATOM   281  N N   . THR A 1 38  ? 13.224  5.902   7.192   1.00 33.44 ? 38  THR A N   1 
ATOM   282  C CA  . THR A 1 38  ? 13.645  4.855   6.243   1.00 32.03 ? 38  THR A CA  1 
ATOM   283  C C   . THR A 1 38  ? 12.498  4.576   5.282   1.00 31.74 ? 38  THR A C   1 
ATOM   284  O O   . THR A 1 38  ? 11.344  4.933   5.570   1.00 29.63 ? 38  THR A O   1 
ATOM   285  C CB  . THR A 1 38  ? 13.962  3.549   6.924   1.00 31.75 ? 38  THR A CB  1 
ATOM   286  O OG1 . THR A 1 38  ? 12.824  3.149   7.676   1.00 32.10 ? 38  THR A OG1 1 
ATOM   287  C CG2 . THR A 1 38  ? 15.233  3.644   7.821   1.00 31.42 ? 38  THR A CG2 1 
ATOM   288  N N   . ILE A 1 39  ? 12.834  3.978   4.138   1.00 30.33 ? 39  ILE A N   1 
ATOM   289  C CA  . ILE A 1 39  ? 11.827  3.560   3.172   1.00 31.10 ? 39  ILE A CA  1 
ATOM   290  C C   . ILE A 1 39  ? 10.841  2.590   3.845   1.00 31.11 ? 39  ILE A C   1 
ATOM   291  O O   . ILE A 1 39  ? 9.637   2.791   3.781   1.00 32.22 ? 39  ILE A O   1 
ATOM   292  C CB  . ILE A 1 39  ? 12.481  2.949   1.891   1.00 30.63 ? 39  ILE A CB  1 
ATOM   293  C CG1 . ILE A 1 39  ? 12.947  4.065   0.943   1.00 31.09 ? 39  ILE A CG1 1 
ATOM   294  C CG2 . ILE A 1 39  ? 11.514  2.015   1.169   1.00 31.05 ? 39  ILE A CG2 1 
ATOM   295  C CD1 . ILE A 1 39  ? 13.971  3.607   -0.079  1.00 32.91 ? 39  ILE A CD1 1 
ATOM   296  N N   . GLN A 1 40  ? 11.356  1.557   4.511   1.00 30.96 ? 40  GLN A N   1 
ATOM   297  C CA  . GLN A 1 40  ? 10.512  0.567   5.212   1.00 31.37 ? 40  GLN A CA  1 
ATOM   298  C C   . GLN A 1 40  ? 9.523   1.222   6.175   1.00 31.38 ? 40  GLN A C   1 
ATOM   299  O O   . GLN A 1 40  ? 8.318   1.006   6.048   1.00 30.75 ? 40  GLN A O   1 
ATOM   300  C CB  . GLN A 1 40  ? 11.369  -0.529  5.914   1.00 31.73 ? 40  GLN A CB  1 
ATOM   301  C CG  . GLN A 1 40  ? 10.555  -1.741  6.426   1.00 31.79 ? 40  GLN A CG  1 
ATOM   302  C CD  . GLN A 1 40  ? 9.834   -2.474  5.304   1.00 33.59 ? 40  GLN A CD  1 
ATOM   303  O OE1 . GLN A 1 40  ? 10.471  -3.039  4.421   1.00 33.84 ? 40  GLN A OE1 1 
ATOM   304  N NE2 . GLN A 1 40  ? 8.502   -2.439  5.315   1.00 31.39 ? 40  GLN A NE2 1 
ATOM   305  N N   . SER A 1 41  ? 10.025  2.060   7.094   1.00 31.23 ? 41  SER A N   1 
ATOM   306  C CA  . SER A 1 41  ? 9.156   2.649   8.128   1.00 31.91 ? 41  SER A CA  1 
ATOM   307  C C   . SER A 1 41  ? 8.053   3.549   7.529   1.00 32.64 ? 41  SER A C   1 
ATOM   308  O O   . SER A 1 41  ? 6.897   3.554   7.995   1.00 32.11 ? 41  SER A O   1 
ATOM   309  C CB  . SER A 1 41  ? 9.973   3.438   9.140   1.00 32.08 ? 41  SER A CB  1 
ATOM   310  O OG  . SER A 1 41  ? 10.954  2.588   9.717   1.00 30.17 ? 41  SER A OG  1 
ATOM   311  N N   . ARG A 1 42  ? 8.434   4.274   6.484   1.00 33.32 ? 42  ARG A N   1 
ATOM   312  C CA  . ARG A 1 42  ? 7.507   5.104   5.726   1.00 34.04 ? 42  ARG A CA  1 
ATOM   313  C C   . ARG A 1 42  ? 6.487   4.264   4.961   1.00 33.65 ? 42  ARG A C   1 
ATOM   314  O O   . ARG A 1 42  ? 5.296   4.621   4.935   1.00 34.42 ? 42  ARG A O   1 
ATOM   315  C CB  . ARG A 1 42  ? 8.283   6.022   4.769   1.00 33.49 ? 42  ARG A CB  1 
ATOM   316  C CG  . ARG A 1 42  ? 8.834   7.261   5.466   1.00 34.19 ? 42  ARG A CG  1 
ATOM   317  C CD  . ARG A 1 42  ? 9.426   8.282   4.472   1.00 33.35 ? 42  ARG A CD  1 
ATOM   318  N NE  . ARG A 1 42  ? 10.683  7.778   3.936   1.00 34.49 ? 42  ARG A NE  1 
ATOM   319  C CZ  . ARG A 1 42  ? 11.021  7.752   2.649   1.00 36.00 ? 42  ARG A CZ  1 
ATOM   320  N NH1 . ARG A 1 42  ? 10.212  8.239   1.715   1.00 35.08 ? 42  ARG A NH1 1 
ATOM   321  N NH2 . ARG A 1 42  ? 12.190  7.245   2.298   1.00 35.76 ? 42  ARG A NH2 1 
ATOM   322  N N   . PHE A 1 43  ? 6.937   3.183   4.326   1.00 32.89 ? 43  PHE A N   1 
ATOM   323  C CA  . PHE A 1 43  ? 5.980   2.280   3.661   1.00 33.63 ? 43  PHE A CA  1 
ATOM   324  C C   . PHE A 1 43  ? 5.004   1.728   4.653   1.00 32.64 ? 43  PHE A C   1 
ATOM   325  O O   . PHE A 1 43  ? 3.810   1.691   4.395   1.00 32.83 ? 43  PHE A O   1 
ATOM   326  C CB  . PHE A 1 43  ? 6.616   1.094   2.913   1.00 34.65 ? 43  PHE A CB  1 
ATOM   327  C CG  . PHE A 1 43  ? 5.601   -0.015  2.589   1.00 38.41 ? 43  PHE A CG  1 
ATOM   328  C CD1 . PHE A 1 43  ? 4.873   0.005   1.394   1.00 39.11 ? 43  PHE A CD1 1 
ATOM   329  C CD2 . PHE A 1 43  ? 5.335   -1.045  3.510   1.00 40.78 ? 43  PHE A CD2 1 
ATOM   330  C CE1 . PHE A 1 43  ? 3.918   -0.998  1.115   1.00 38.39 ? 43  PHE A CE1 1 
ATOM   331  C CE2 . PHE A 1 43  ? 4.386   -2.062  3.222   1.00 40.25 ? 43  PHE A CE2 1 
ATOM   332  C CZ  . PHE A 1 43  ? 3.674   -2.023  2.035   1.00 38.10 ? 43  PHE A CZ  1 
ATOM   333  N N   . ASN A 1 44  ? 5.521   1.258   5.784   1.00 32.91 ? 44  ASN A N   1 
ATOM   334  C CA  . ASN A 1 44  ? 4.671   0.681   6.820   1.00 32.90 ? 44  ASN A CA  1 
ATOM   335  C C   . ASN A 1 44  ? 3.537   1.634   7.223   1.00 32.80 ? 44  ASN A C   1 
ATOM   336  O O   . ASN A 1 44  ? 2.372   1.251   7.330   1.00 34.69 ? 44  ASN A O   1 
ATOM   337  C CB  . ASN A 1 44  ? 5.502   0.350   8.037   1.00 30.67 ? 44  ASN A CB  1 
ATOM   338  C CG  . ASN A 1 44  ? 6.399   -0.872  7.832   1.00 32.59 ? 44  ASN A CG  1 
ATOM   339  O OD1 . ASN A 1 44  ? 7.187   -1.198  8.721   1.00 32.90 ? 44  ASN A OD1 1 
ATOM   340  N ND2 . ASN A 1 44  ? 6.314   -1.528  6.674   1.00 27.99 ? 44  ASN A ND2 1 
ATOM   341  N N   . TYR A 1 45  ? 3.895   2.877   7.469   1.00 32.78 ? 45  TYR A N   1 
ATOM   342  C CA  . TYR A 1 45  ? 2.917   3.865   7.869   1.00 32.96 ? 45  TYR A CA  1 
ATOM   343  C C   . TYR A 1 45  ? 1.958   4.146   6.691   1.00 32.94 ? 45  TYR A C   1 
ATOM   344  O O   . TYR A 1 45  ? 0.757   4.192   6.866   1.00 32.98 ? 45  TYR A O   1 
ATOM   345  C CB  . TYR A 1 45  ? 3.652   5.095   8.382   1.00 31.79 ? 45  TYR A CB  1 
ATOM   346  C CG  . TYR A 1 45  ? 2.746   6.225   8.877   1.00 32.91 ? 45  TYR A CG  1 
ATOM   347  C CD1 . TYR A 1 45  ? 1.648   5.951   9.685   1.00 33.01 ? 45  TYR A CD1 1 
ATOM   348  C CD2 . TYR A 1 45  ? 2.991   7.561   8.521   1.00 30.37 ? 45  TYR A CD2 1 
ATOM   349  C CE1 . TYR A 1 45  ? 0.783   7.009   10.151  1.00 29.23 ? 45  TYR A CE1 1 
ATOM   350  C CE2 . TYR A 1 45  ? 2.136   8.630   8.965   1.00 30.60 ? 45  TYR A CE2 1 
ATOM   351  C CZ  . TYR A 1 45  ? 1.044   8.333   9.788   1.00 32.35 ? 45  TYR A CZ  1 
ATOM   352  O OH  . TYR A 1 45  ? 0.180   9.308   10.281  1.00 31.23 ? 45  TYR A OH  1 
ATOM   353  N N   . ALA A 1 46  ? 2.496   4.257   5.480   1.00 33.33 ? 46  ALA A N   1 
ATOM   354  C CA  . ALA A 1 46  ? 1.681   4.519   4.292   1.00 33.24 ? 46  ALA A CA  1 
ATOM   355  C C   . ALA A 1 46  ? 0.643   3.418   4.090   1.00 33.48 ? 46  ALA A C   1 
ATOM   356  O O   . ALA A 1 46  ? -0.491  3.700   3.777   1.00 33.90 ? 46  ALA A O   1 
ATOM   357  C CB  . ALA A 1 46  ? 2.581   4.596   3.048   1.00 33.72 ? 46  ALA A CB  1 
ATOM   358  N N   . TRP A 1 47  ? 1.055   2.156   4.235   1.00 32.73 ? 47  TRP A N   1 
ATOM   359  C CA  . TRP A 1 47  ? 0.161   1.003   4.105   1.00 32.01 ? 47  TRP A CA  1 
ATOM   360  C C   . TRP A 1 47  ? -0.928  1.042   5.187   1.00 31.53 ? 47  TRP A C   1 
ATOM   361  O O   . TRP A 1 47  ? -2.090  0.820   4.873   1.00 31.94 ? 47  TRP A O   1 
ATOM   362  C CB  . TRP A 1 47  ? 0.968   -0.337  4.116   1.00 30.85 ? 47  TRP A CB  1 
ATOM   363  C CG  . TRP A 1 47  ? 0.085   -1.573  4.055   1.00 32.33 ? 47  TRP A CG  1 
ATOM   364  C CD1 . TRP A 1 47  ? 0.051   -2.605  4.954   1.00 33.66 ? 47  TRP A CD1 1 
ATOM   365  C CD2 . TRP A 1 47  ? -0.902  -1.896  3.050   1.00 32.00 ? 47  TRP A CD2 1 
ATOM   366  N NE1 . TRP A 1 47  ? -0.874  -3.542  4.577   1.00 34.36 ? 47  TRP A NE1 1 
ATOM   367  C CE2 . TRP A 1 47  ? -1.499  -3.109  3.430   1.00 33.65 ? 47  TRP A CE2 1 
ATOM   368  C CE3 . TRP A 1 47  ? -1.363  -1.248  1.896   1.00 33.49 ? 47  TRP A CE3 1 
ATOM   369  C CZ2 . TRP A 1 47  ? -2.515  -3.712  2.680   1.00 33.00 ? 47  TRP A CZ2 1 
ATOM   370  C CZ3 . TRP A 1 47  ? -2.377  -1.848  1.156   1.00 32.57 ? 47  TRP A CZ3 1 
ATOM   371  C CH2 . TRP A 1 47  ? -2.936  -3.059  1.549   1.00 32.37 ? 47  TRP A CH2 1 
ATOM   372  N N   . GLY A 1 48  ? -0.591  1.319   6.459   1.00 30.18 ? 48  GLY A N   1 
ATOM   373  C CA  . GLY A 1 48  ? -1.642  1.538   7.447   1.00 30.02 ? 48  GLY A CA  1 
ATOM   374  C C   . GLY A 1 48  ? -2.609  2.709   7.142   1.00 31.95 ? 48  GLY A C   1 
ATOM   375  O O   . GLY A 1 48  ? -3.819  2.613   7.401   1.00 31.03 ? 48  GLY A O   1 
ATOM   376  N N   . LEU A 1 49  ? -2.077  3.805   6.596   1.00 31.23 ? 49  LEU A N   1 
ATOM   377  C CA  . LEU A 1 49  ? -2.892  4.914   6.080   1.00 32.18 ? 49  LEU A CA  1 
ATOM   378  C C   . LEU A 1 49  ? -3.809  4.544   4.916   1.00 32.27 ? 49  LEU A C   1 
ATOM   379  O O   . LEU A 1 49  ? -5.006  4.985   4.877   1.00 30.53 ? 49  LEU A O   1 
ATOM   380  C CB  . LEU A 1 49  ? -2.023  6.130   5.690   1.00 31.65 ? 49  LEU A CB  1 
ATOM   381  C CG  . LEU A 1 49  ? -1.248  6.786   6.856   1.00 34.30 ? 49  LEU A CG  1 
ATOM   382  C CD1 . LEU A 1 49  ? -0.138  7.693   6.317   1.00 31.23 ? 49  LEU A CD1 1 
ATOM   383  C CD2 . LEU A 1 49  ? -2.172  7.569   7.820   1.00 34.08 ? 49  LEU A CD2 1 
ATOM   384  N N   . ILE A 1 50  ? -3.278  3.757   3.968   1.00 32.16 ? 50  ILE A N   1 
ATOM   385  C CA  . ILE A 1 50  ? -4.134  3.227   2.875   1.00 32.91 ? 50  ILE A CA  1 
ATOM   386  C C   . ILE A 1 50  ? -5.312  2.389   3.448   1.00 32.20 ? 50  ILE A C   1 
ATOM   387  O O   . ILE A 1 50  ? -6.445  2.498   2.993   1.00 32.23 ? 50  ILE A O   1 
ATOM   388  C CB  . ILE A 1 50  ? -3.332  2.391   1.791   1.00 33.09 ? 50  ILE A CB  1 
ATOM   389  C CG1 . ILE A 1 50  ? -2.310  3.254   1.030   1.00 33.54 ? 50  ILE A CG1 1 
ATOM   390  C CG2 . ILE A 1 50  ? -4.277  1.674   0.822   1.00 30.59 ? 50  ILE A CG2 1 
ATOM   391  C CD1 . ILE A 1 50  ? -2.773  4.561   0.721   1.00 35.16 ? 50  ILE A CD1 1 
ATOM   392  N N   . LYS A 1 51  ? -5.026  1.571   4.446   1.00 31.61 ? 51  LYS A N   1 
ATOM   393  C CA  . LYS A 1 51  ? -6.048  0.700   5.099   1.00 32.02 ? 51  LYS A CA  1 
ATOM   394  C C   . LYS A 1 51  ? -7.127  1.479   5.881   1.00 32.31 ? 51  LYS A C   1 
ATOM   395  O O   . LYS A 1 51  ? -8.233  0.991   6.133   1.00 32.76 ? 51  LYS A O   1 
ATOM   396  C CB  . LYS A 1 51  ? -5.335  -0.292  6.037   1.00 31.55 ? 51  LYS A CB  1 
ATOM   397  C CG  . LYS A 1 51  ? -4.570  -1.401  5.305   1.00 30.20 ? 51  LYS A CG  1 
ATOM   398  C CD  . LYS A 1 51  ? -3.543  -2.151  6.200   1.00 32.25 ? 51  LYS A CD  1 
ATOM   399  C CE  . LYS A 1 51  ? -4.180  -3.077  7.244   1.00 31.24 ? 51  LYS A CE  1 
ATOM   400  N NZ  . LYS A 1 51  ? -5.032  -4.176  6.658   1.00 29.87 ? 51  LYS A NZ  1 
ATOM   401  N N   . SER A 1 52  ? -6.765  2.678   6.271   1.00 32.30 ? 52  SER A N   1 
ATOM   402  C CA  . SER A 1 52  ? -7.602  3.576   7.039   1.00 33.95 ? 52  SER A CA  1 
ATOM   403  C C   . SER A 1 52  ? -8.925  3.932   6.319   1.00 33.62 ? 52  SER A C   1 
ATOM   404  O O   . SER A 1 52  ? -8.965  4.018   5.081   1.00 33.46 ? 52  SER A O   1 
ATOM   405  C CB  . SER A 1 52  ? -6.778  4.832   7.372   1.00 34.09 ? 52  SER A CB  1 
ATOM   406  O OG  . SER A 1 52  ? -7.625  5.851   7.878   1.00 36.62 ? 52  SER A OG  1 
ATOM   407  N N   . THR A 1 53  ? -10.018 4.096   7.075   1.00 33.35 ? 53  THR A N   1 
ATOM   408  C CA  . THR A 1 53  ? -11.300 4.546   6.483   1.00 32.84 ? 53  THR A CA  1 
ATOM   409  C C   . THR A 1 53  ? -11.383 6.072   6.301   1.00 33.24 ? 53  THR A C   1 
ATOM   410  O O   . THR A 1 53  ? -12.399 6.619   5.829   1.00 32.52 ? 53  THR A O   1 
ATOM   411  C CB  . THR A 1 53  ? -12.522 4.131   7.331   1.00 33.09 ? 53  THR A CB  1 
ATOM   412  O OG1 . THR A 1 53  ? -12.403 4.711   8.636   1.00 34.20 ? 53  THR A OG1 1 
ATOM   413  C CG2 . THR A 1 53  ? -12.637 2.630   7.440   1.00 31.73 ? 53  THR A CG2 1 
ATOM   414  N N   . ASP A 1 54  ? -10.328 6.770   6.688   1.00 33.30 ? 54  ASP A N   1 
ATOM   415  C CA  . ASP A 1 54  ? -10.329 8.217   6.535   1.00 32.81 ? 54  ASP A CA  1 
ATOM   416  C C   . ASP A 1 54  ? -9.665  8.596   5.197   1.00 32.68 ? 54  ASP A C   1 
ATOM   417  O O   . ASP A 1 54  ? -8.527  8.219   4.929   1.00 32.52 ? 54  ASP A O   1 
ATOM   418  C CB  . ASP A 1 54  ? -9.625  8.918   7.705   1.00 32.29 ? 54  ASP A CB  1 
ATOM   419  C CG  . ASP A 1 54  ? -9.675  10.440  7.569   1.00 35.28 ? 54  ASP A CG  1 
ATOM   420  O OD1 . ASP A 1 54  ? -10.640 11.050  8.080   1.00 38.47 ? 54  ASP A OD1 1 
ATOM   421  O OD2 . ASP A 1 54  ? -8.794  11.034  6.889   1.00 39.80 ? 54  ASP A OD2 1 
ATOM   422  N N   . VAL A 1 55  ? -10.392 9.350   4.390   1.00 32.66 ? 55  VAL A N   1 
ATOM   423  C CA  . VAL A 1 55  ? -9.975  9.767   3.049   1.00 34.19 ? 55  VAL A CA  1 
ATOM   424  C C   . VAL A 1 55  ? -8.635  10.564  3.026   1.00 34.09 ? 55  VAL A C   1 
ATOM   425  O O   . VAL A 1 55  ? -7.773  10.330  2.179   1.00 34.38 ? 55  VAL A O   1 
ATOM   426  C CB  . VAL A 1 55  ? -11.167 10.522  2.396   1.00 34.53 ? 55  VAL A CB  1 
ATOM   427  C CG1 . VAL A 1 55  ? -10.745 11.504  1.304   1.00 37.34 ? 55  VAL A CG1 1 
ATOM   428  C CG2 . VAL A 1 55  ? -12.217 9.527   1.912   1.00 34.81 ? 55  VAL A CG2 1 
ATOM   429  N N   . ASN A 1 56  ? -8.436  11.458  3.979   1.00 33.70 ? 56  ASN A N   1 
ATOM   430  C CA  . ASN A 1 56  ? -7.171  12.178  4.066   1.00 34.65 ? 56  ASN A CA  1 
ATOM   431  C C   . ASN A 1 56  ? -6.009  11.261  4.450   1.00 33.27 ? 56  ASN A C   1 
ATOM   432  O O   . ASN A 1 56  ? -4.883  11.465  4.007   1.00 34.29 ? 56  ASN A O   1 
ATOM   433  C CB  . ASN A 1 56  ? -7.261  13.344  5.065   1.00 34.49 ? 56  ASN A CB  1 
ATOM   434  C CG  . ASN A 1 56  ? -8.266  14.432  4.640   1.00 36.38 ? 56  ASN A CG  1 
ATOM   435  O OD1 . ASN A 1 56  ? -8.913  15.016  5.498   1.00 42.24 ? 56  ASN A OD1 1 
ATOM   436  N ND2 . ASN A 1 56  ? -8.387  14.712  3.338   1.00 35.01 ? 56  ASN A ND2 1 
ATOM   437  N N   . ASP A 1 57  ? -6.254  10.268  5.286   1.00 32.59 ? 57  ASP A N   1 
ATOM   438  C CA  . ASP A 1 57  ? -5.181  9.291   5.602   1.00 32.28 ? 57  ASP A CA  1 
ATOM   439  C C   . ASP A 1 57  ? -4.803  8.585   4.320   1.00 32.19 ? 57  ASP A C   1 
ATOM   440  O O   . ASP A 1 57  ? -3.606  8.412   4.009   1.00 33.39 ? 57  ASP A O   1 
ATOM   441  C CB  . ASP A 1 57  ? -5.660  8.223   6.585   1.00 31.94 ? 57  ASP A CB  1 
ATOM   442  C CG  . ASP A 1 57  ? -5.710  8.701   8.039   1.00 36.93 ? 57  ASP A CG  1 
ATOM   443  O OD1 . ASP A 1 57  ? -5.226  9.808   8.357   1.00 40.73 ? 57  ASP A OD1 1 
ATOM   444  O OD2 . ASP A 1 57  ? -6.252  7.956   8.891   1.00 40.07 ? 57  ASP A OD2 1 
ATOM   445  N N   . GLU A 1 58  ? -5.819  8.130   3.591   1.00 31.62 ? 58  GLU A N   1 
ATOM   446  C CA  . GLU A 1 58  ? -5.620  7.377   2.359   1.00 32.49 ? 58  GLU A CA  1 
ATOM   447  C C   . GLU A 1 58  ? -4.798  8.184   1.376   1.00 32.89 ? 58  GLU A C   1 
ATOM   448  O O   . GLU A 1 58  ? -3.856  7.644   0.799   1.00 33.72 ? 58  GLU A O   1 
ATOM   449  C CB  . GLU A 1 58  ? -6.942  6.927   1.741   1.00 31.59 ? 58  GLU A CB  1 
ATOM   450  C CG  . GLU A 1 58  ? -7.659  5.803   2.579   1.00 32.54 ? 58  GLU A CG  1 
ATOM   451  C CD  . GLU A 1 58  ? -9.124  5.543   2.125   1.00 33.46 ? 58  GLU A CD  1 
ATOM   452  O OE1 . GLU A 1 58  ? -9.831  4.805   2.802   1.00 36.61 ? 58  GLU A OE1 1 
ATOM   453  O OE2 . GLU A 1 58  ? -9.589  6.106   1.114   1.00 36.34 ? 58  GLU A OE2 1 
ATOM   454  N N   . ARG A 1 59  ? -5.110  9.472   1.239   1.00 33.29 ? 59  ARG A N   1 
ATOM   455  C CA  . ARG A 1 59  ? -4.358  10.416  0.362   1.00 34.19 ? 59  ARG A CA  1 
ATOM   456  C C   . ARG A 1 59  ? -2.941  10.533  0.811   1.00 33.73 ? 59  ARG A C   1 
ATOM   457  O O   . ARG A 1 59  ? -2.034  10.524  -0.016  1.00 34.37 ? 59  ARG A O   1 
ATOM   458  C CB  . ARG A 1 59  ? -4.961  11.842  0.354   1.00 34.60 ? 59  ARG A CB  1 
ATOM   459  C CG  . ARG A 1 59  ? -6.350  11.938  -0.257  1.00 37.02 ? 59  ARG A CG  1 
ATOM   460  C CD  . ARG A 1 59  ? -6.752  13.351  -0.733  1.00 37.10 ? 59  ARG A CD  1 
ATOM   461  N NE  . ARG A 1 59  ? -8.020  13.213  -1.453  1.00 46.90 ? 59  ARG A NE  1 
ATOM   462  C CZ  . ARG A 1 59  ? -8.114  12.915  -2.751  1.00 49.61 ? 59  ARG A CZ  1 
ATOM   463  N NH1 . ARG A 1 59  ? -7.011  12.775  -3.498  1.00 50.60 ? 59  ARG A NH1 1 
ATOM   464  N NH2 . ARG A 1 59  ? -9.307  12.774  -3.313  1.00 49.35 ? 59  ARG A NH2 1 
ATOM   465  N N   . LEU A 1 60  ? -2.727  10.649  2.126   1.00 33.89 ? 60  LEU A N   1 
ATOM   466  C CA  . LEU A 1 60  ? -1.358  10.719  2.632   1.00 33.53 ? 60  LEU A CA  1 
ATOM   467  C C   . LEU A 1 60  ? -0.580  9.434   2.351   1.00 33.72 ? 60  LEU A C   1 
ATOM   468  O O   . LEU A 1 60  ? 0.579   9.505   1.954   1.00 34.20 ? 60  LEU A O   1 
ATOM   469  C CB  . LEU A 1 60  ? -1.320  11.065  4.121   1.00 33.51 ? 60  LEU A CB  1 
ATOM   470  C CG  . LEU A 1 60  ? 0.029   11.116  4.883   1.00 34.90 ? 60  LEU A CG  1 
ATOM   471  C CD1 . LEU A 1 60  ? 0.930   12.228  4.254   1.00 33.60 ? 60  LEU A CD1 1 
ATOM   472  C CD2 . LEU A 1 60  ? -0.196  11.413  6.417   1.00 35.38 ? 60  LEU A CD2 1 
ATOM   473  N N   . GLY A 1 61  ? -1.205  8.268   2.551   1.00 33.42 ? 61  GLY A N   1 
ATOM   474  C CA  . GLY A 1 61  ? -0.577  6.992   2.207   1.00 32.45 ? 61  GLY A CA  1 
ATOM   475  C C   . GLY A 1 61  ? -0.137  6.939   0.748   1.00 32.89 ? 61  GLY A C   1 
ATOM   476  O O   . GLY A 1 61  ? 0.985   6.546   0.457   1.00 33.24 ? 61  GLY A O   1 
ATOM   477  N N   . VAL A 1 62  ? -1.015  7.335   -0.171  1.00 33.32 ? 62  VAL A N   1 
ATOM   478  C CA  . VAL A 1 62  ? -0.696  7.382   -1.607  1.00 34.33 ? 62  VAL A CA  1 
ATOM   479  C C   . VAL A 1 62  ? 0.469   8.348   -1.908  1.00 34.79 ? 62  VAL A C   1 
ATOM   480  O O   . VAL A 1 62  ? 1.406   8.014   -2.660  1.00 33.86 ? 62  VAL A O   1 
ATOM   481  C CB  . VAL A 1 62  ? -1.956  7.706   -2.478  1.00 34.12 ? 62  VAL A CB  1 
ATOM   482  C CG1 . VAL A 1 62  ? -1.593  7.884   -3.958  1.00 34.39 ? 62  VAL A CG1 1 
ATOM   483  C CG2 . VAL A 1 62  ? -2.955  6.584   -2.342  1.00 35.93 ? 62  VAL A CG2 1 
ATOM   484  N N   . LYS A 1 63  ? 0.427   9.520   -1.291  1.00 35.30 ? 63  LYS A N   1 
ATOM   485  C CA  . LYS A 1 63  ? 1.510   10.459  -1.436  1.00 37.11 ? 63  LYS A CA  1 
ATOM   486  C C   . LYS A 1 63  ? 2.864   9.824   -0.972  1.00 38.30 ? 63  LYS A C   1 
ATOM   487  O O   . LYS A 1 63  ? 3.851   9.876   -1.702  1.00 37.23 ? 63  LYS A O   1 
ATOM   488  C CB  . LYS A 1 63  ? 1.176   11.755  -0.697  1.00 36.92 ? 63  LYS A CB  1 
ATOM   489  C CG  . LYS A 1 63  ? 2.102   12.923  -0.980  1.00 38.16 ? 63  LYS A CG  1 
ATOM   490  C CD  . LYS A 1 63  ? 3.290   12.882  -0.031  1.00 38.86 ? 63  LYS A CD  1 
ATOM   491  C CE  . LYS A 1 63  ? 4.298   13.983  -0.396  1.00 39.50 ? 63  LYS A CE  1 
ATOM   492  N NZ  . LYS A 1 63  ? 5.606   13.651  0.261   1.00 39.49 ? 63  LYS A NZ  1 
ATOM   493  N N   . ILE A 1 64  ? 2.891   9.213   0.217   1.00 40.02 ? 64  ILE A N   1 
ATOM   494  C CA  . ILE A 1 64  ? 4.121   8.604   0.730   1.00 42.28 ? 64  ILE A CA  1 
ATOM   495  C C   . ILE A 1 64  ? 4.637   7.541   -0.249  1.00 44.03 ? 64  ILE A C   1 
ATOM   496  O O   . ILE A 1 64  ? 5.842   7.430   -0.473  1.00 45.32 ? 64  ILE A O   1 
ATOM   497  C CB  . ILE A 1 64  ? 3.962   8.039   2.181   1.00 41.79 ? 64  ILE A CB  1 
ATOM   498  C CG1 . ILE A 1 64  ? 3.588   9.162   3.161   1.00 42.67 ? 64  ILE A CG1 1 
ATOM   499  C CG2 . ILE A 1 64  ? 5.238   7.375   2.651   1.00 39.79 ? 64  ILE A CG2 1 
ATOM   500  C CD1 . ILE A 1 64  ? 3.006   8.664   4.510   1.00 41.61 ? 64  ILE A CD1 1 
ATOM   501  N N   . LEU A 1 65  ? 3.711   6.799   -0.851  1.00 45.76 ? 65  LEU A N   1 
ATOM   502  C CA  . LEU A 1 65  ? 4.045   5.718   -1.774  1.00 47.00 ? 65  LEU A CA  1 
ATOM   503  C C   . LEU A 1 65  ? 4.628   6.231   -3.075  1.00 47.86 ? 65  LEU A C   1 
ATOM   504  O O   . LEU A 1 65  ? 5.461   5.573   -3.689  1.00 48.45 ? 65  LEU A O   1 
ATOM   505  C CB  . LEU A 1 65  ? 2.772   4.926   -2.085  1.00 47.37 ? 65  LEU A CB  1 
ATOM   506  C CG  . LEU A 1 65  ? 2.516   3.506   -1.556  1.00 49.18 ? 65  LEU A CG  1 
ATOM   507  C CD1 . LEU A 1 65  ? 3.461   2.987   -0.440  1.00 49.93 ? 65  LEU A CD1 1 
ATOM   508  C CD2 . LEU A 1 65  ? 1.097   3.403   -1.178  1.00 47.87 ? 65  LEU A CD2 1 
ATOM   509  N N   . THR A 1 66  ? 4.179   7.398   -3.521  1.00 48.92 ? 66  THR A N   1 
ATOM   510  C CA  . THR A 1 66  ? 4.706   7.963   -4.763  1.00 49.25 ? 66  THR A CA  1 
ATOM   511  C C   . THR A 1 66  ? 6.113   8.473   -4.529  1.00 49.38 ? 66  THR A C   1 
ATOM   512  O O   . THR A 1 66  ? 6.944   8.365   -5.427  1.00 49.39 ? 66  THR A O   1 
ATOM   513  C CB  . THR A 1 66  ? 3.805   9.066   -5.361  1.00 49.09 ? 66  THR A CB  1 
ATOM   514  O OG1 . THR A 1 66  ? 3.637   10.101  -4.395  1.00 49.97 ? 66  THR A OG1 1 
ATOM   515  C CG2 . THR A 1 66  ? 2.453   8.508   -5.702  1.00 48.60 ? 66  THR A CG2 1 
ATOM   516  N N   . ASP A 1 67  ? 6.380   8.993   -3.324  1.00 49.83 ? 67  ASP A N   1 
ATOM   517  C CA  . ASP A 1 67  ? 7.752   9.346   -2.896  1.00 50.03 ? 67  ASP A CA  1 
ATOM   518  C C   . ASP A 1 67  ? 8.673   8.142   -3.055  1.00 50.04 ? 67  ASP A C   1 
ATOM   519  O O   . ASP A 1 67  ? 9.707   8.196   -3.730  1.00 50.03 ? 67  ASP A O   1 
ATOM   520  C CB  . ASP A 1 67  ? 7.786   9.730   -1.416  1.00 50.15 ? 67  ASP A CB  1 
ATOM   521  C CG  . ASP A 1 67  ? 7.171   11.071  -1.131  1.00 51.14 ? 67  ASP A CG  1 
ATOM   522  O OD1 . ASP A 1 67  ? 7.099   11.922  -2.058  1.00 51.85 ? 67  ASP A OD1 1 
ATOM   523  O OD2 . ASP A 1 67  ? 6.773   11.280  0.052   1.00 52.56 ? 67  ASP A OD2 1 
ATOM   524  N N   . ILE A 1 68  ? 8.288   7.051   -2.402  1.00 50.34 ? 68  ILE A N   1 
ATOM   525  C CA  . ILE A 1 68  ? 9.045   5.815   -2.466  1.00 50.23 ? 68  ILE A CA  1 
ATOM   526  C C   . ILE A 1 68  ? 9.233   5.376   -3.933  1.00 50.63 ? 68  ILE A C   1 
ATOM   527  O O   . ILE A 1 68  ? 10.333  5.011   -4.319  1.00 50.66 ? 68  ILE A O   1 
ATOM   528  C CB  . ILE A 1 68  ? 8.395   4.698   -1.599  1.00 50.57 ? 68  ILE A CB  1 
ATOM   529  C CG1 . ILE A 1 68  ? 8.362   5.102   -0.107  1.00 48.83 ? 68  ILE A CG1 1 
ATOM   530  C CG2 . ILE A 1 68  ? 9.119   3.369   -1.805  1.00 50.17 ? 68  ILE A CG2 1 
ATOM   531  C CD1 . ILE A 1 68  ? 7.541   4.160   0.762   1.00 48.91 ? 68  ILE A CD1 1 
ATOM   532  N N   . TYR A 1 69  ? 8.177   5.453   -4.744  1.00 50.75 ? 69  TYR A N   1 
ATOM   533  C CA  . TYR A 1 69  ? 8.274   5.077   -6.145  1.00 51.12 ? 69  TYR A CA  1 
ATOM   534  C C   . TYR A 1 69  ? 9.373   5.896   -6.780  1.00 52.28 ? 69  TYR A C   1 
ATOM   535  O O   . TYR A 1 69  ? 10.311  5.333   -7.355  1.00 52.72 ? 69  TYR A O   1 
ATOM   536  C CB  . TYR A 1 69  ? 6.953   5.282   -6.900  1.00 51.07 ? 69  TYR A CB  1 
ATOM   537  C CG  . TYR A 1 69  ? 7.016   4.815   -8.352  1.00 49.89 ? 69  TYR A CG  1 
ATOM   538  C CD1 . TYR A 1 69  ? 6.510   3.572   -8.733  1.00 46.66 ? 69  TYR A CD1 1 
ATOM   539  C CD2 . TYR A 1 69  ? 7.594   5.618   -9.332  1.00 49.92 ? 69  TYR A CD2 1 
ATOM   540  C CE1 . TYR A 1 69  ? 6.564   3.150   -10.053 1.00 48.65 ? 69  TYR A CE1 1 
ATOM   541  C CE2 . TYR A 1 69  ? 7.675   5.200   -10.655 1.00 50.31 ? 69  TYR A CE2 1 
ATOM   542  C CZ  . TYR A 1 69  ? 7.161   3.966   -11.010 1.00 49.86 ? 69  TYR A CZ  1 
ATOM   543  O OH  . TYR A 1 69  ? 7.250   3.564   -12.325 1.00 51.11 ? 69  TYR A OH  1 
ATOM   544  N N   . LYS A 1 70  ? 9.273   7.221   -6.655  1.00 52.99 ? 70  LYS A N   1 
ATOM   545  C CA  . LYS A 1 70  ? 10.281  8.127   -7.210  1.00 53.73 ? 70  LYS A CA  1 
ATOM   546  C C   . LYS A 1 70  ? 11.712  7.824   -6.761  1.00 53.97 ? 70  LYS A C   1 
ATOM   547  O O   . LYS A 1 70  ? 12.622  7.880   -7.569  1.00 53.48 ? 70  LYS A O   1 
ATOM   548  C CB  . LYS A 1 70  ? 9.936   9.589   -6.912  1.00 53.95 ? 70  LYS A CB  1 
ATOM   549  C CG  . LYS A 1 70  ? 8.862   10.183  -7.819  1.00 54.87 ? 70  LYS A CG  1 
ATOM   550  C CD  . LYS A 1 70  ? 8.266   11.439  -7.197  1.00 55.90 ? 70  LYS A CD  1 
ATOM   551  C CE  . LYS A 1 70  ? 7.071   11.941  -7.984  1.00 55.66 ? 70  LYS A CE  1 
ATOM   552  N NZ  . LYS A 1 70  ? 6.205   12.800  -7.137  1.00 55.19 ? 70  LYS A NZ  1 
ATOM   553  N N   . GLU A 1 71  ? 11.900  7.474   -5.492  1.00 54.76 ? 71  GLU A N   1 
ATOM   554  C CA  . GLU A 1 71  ? 13.249  7.382   -4.922  1.00 55.94 ? 71  GLU A CA  1 
ATOM   555  C C   . GLU A 1 71  ? 13.905  5.998   -4.922  1.00 56.10 ? 71  GLU A C   1 
ATOM   556  O O   . GLU A 1 71  ? 15.122  5.890   -4.758  1.00 56.02 ? 71  GLU A O   1 
ATOM   557  C CB  . GLU A 1 71  ? 13.263  7.930   -3.501  1.00 56.24 ? 71  GLU A CB  1 
ATOM   558  C CG  . GLU A 1 71  ? 12.575  7.023   -2.498  1.00 58.70 ? 71  GLU A CG  1 
ATOM   559  C CD  . GLU A 1 71  ? 12.929  7.385   -1.071  1.00 61.72 ? 71  GLU A CD  1 
ATOM   560  O OE1 . GLU A 1 71  ? 14.044  7.007   -0.617  1.00 61.71 ? 71  GLU A OE1 1 
ATOM   561  O OE2 . GLU A 1 71  ? 12.085  8.046   -0.420  1.00 62.00 ? 71  GLU A OE2 1 
ATOM   562  N N   . ALA A 1 72  ? 13.112  4.946   -5.081  1.00 56.49 ? 72  ALA A N   1 
ATOM   563  C CA  . ALA A 1 72  ? 13.647  3.585   -5.007  1.00 56.56 ? 72  ALA A CA  1 
ATOM   564  C C   . ALA A 1 72  ? 13.261  2.777   -6.245  1.00 56.44 ? 72  ALA A C   1 
ATOM   565  O O   . ALA A 1 72  ? 12.179  2.175   -6.303  1.00 57.21 ? 72  ALA A O   1 
ATOM   566  C CB  . ALA A 1 72  ? 13.194  2.891   -3.706  1.00 56.15 ? 72  ALA A CB  1 
ATOM   567  N N   . GLU A 1 73  ? 14.142  2.795   -7.235  1.00 55.70 ? 73  GLU A N   1 
ATOM   568  C CA  . GLU A 1 73  ? 13.923  2.091   -8.495  1.00 55.59 ? 73  GLU A CA  1 
ATOM   569  C C   . GLU A 1 73  ? 13.623  0.604   -8.260  1.00 55.18 ? 73  GLU A C   1 
ATOM   570  O O   . GLU A 1 73  ? 12.738  0.039   -8.906  1.00 55.06 ? 73  GLU A O   1 
ATOM   571  C CB  . GLU A 1 73  ? 15.122  2.291   -9.434  1.00 55.27 ? 73  GLU A CB  1 
ATOM   572  C CG  . GLU A 1 73  ? 14.785  2.186   -10.923 1.00 55.68 ? 73  GLU A CG  1 
ATOM   573  C CD  . GLU A 1 73  ? 15.839  2.832   -11.829 1.00 56.40 ? 73  GLU A CD  1 
ATOM   574  O OE1 . GLU A 1 73  ? 17.020  2.926   -11.414 1.00 56.64 ? 73  GLU A OE1 1 
ATOM   575  O OE2 . GLU A 1 73  ? 15.492  3.241   -12.968 1.00 57.28 ? 73  GLU A OE2 1 
ATOM   576  N N   . SER A 1 74  ? 14.340  -0.003  -7.309  1.00 54.89 ? 74  SER A N   1 
ATOM   577  C CA  . SER A 1 74  ? 14.159  -1.412  -6.930  1.00 54.70 ? 74  SER A CA  1 
ATOM   578  C C   . SER A 1 74  ? 12.781  -1.735  -6.328  1.00 54.54 ? 74  SER A C   1 
ATOM   579  O O   . SER A 1 74  ? 12.385  -2.895  -6.244  1.00 54.96 ? 74  SER A O   1 
ATOM   580  C CB  . SER A 1 74  ? 15.258  -1.836  -5.943  1.00 54.78 ? 74  SER A CB  1 
ATOM   581  O OG  . SER A 1 74  ? 14.971  -1.378  -4.629  1.00 54.35 ? 74  SER A OG  1 
ATOM   582  N N   . ARG A 1 75  ? 12.064  -0.699  -5.915  1.00 54.11 ? 75  ARG A N   1 
ATOM   583  C CA  . ARG A 1 75  ? 10.811  -0.812  -5.186  1.00 53.23 ? 75  ARG A CA  1 
ATOM   584  C C   . ARG A 1 75  ? 9.638   -0.451  -6.097  1.00 52.84 ? 75  ARG A C   1 
ATOM   585  O O   . ARG A 1 75  ? 8.473   -0.597  -5.704  1.00 52.16 ? 75  ARG A O   1 
ATOM   586  C CB  . ARG A 1 75  ? 10.837  0.197   -4.040  1.00 53.32 ? 75  ARG A CB  1 
ATOM   587  C CG  . ARG A 1 75  ? 11.027  -0.304  -2.601  1.00 53.47 ? 75  ARG A CG  1 
ATOM   588  C CD  . ARG A 1 75  ? 12.139  -1.288  -2.316  1.00 49.42 ? 75  ARG A CD  1 
ATOM   589  N NE  . ARG A 1 75  ? 11.531  -2.551  -1.922  1.00 50.43 ? 75  ARG A NE  1 
ATOM   590  C CZ  . ARG A 1 75  ? 12.020  -3.434  -1.047  1.00 51.16 ? 75  ARG A CZ  1 
ATOM   591  N NH1 . ARG A 1 75  ? 13.158  -3.233  -0.391  1.00 49.67 ? 75  ARG A NH1 1 
ATOM   592  N NH2 . ARG A 1 75  ? 11.344  -4.546  -0.824  1.00 50.59 ? 75  ARG A NH2 1 
ATOM   593  N N   . ARG A 1 76  ? 9.956   0.025   -7.305  1.00 52.24 ? 76  ARG A N   1 
ATOM   594  C CA  . ARG A 1 76  ? 8.971   0.631   -8.219  1.00 51.80 ? 76  ARG A CA  1 
ATOM   595  C C   . ARG A 1 76  ? 7.887   -0.306  -8.711  1.00 51.59 ? 76  ARG A C   1 
ATOM   596  O O   . ARG A 1 76  ? 6.711   0.063   -8.716  1.00 51.86 ? 76  ARG A O   1 
ATOM   597  C CB  . ARG A 1 76  ? 9.655   1.293   -9.415  1.00 51.76 ? 76  ARG A CB  1 
ATOM   598  C CG  . ARG A 1 76  ? 10.013  2.727   -9.151  1.00 51.22 ? 76  ARG A CG  1 
ATOM   599  C CD  . ARG A 1 76  ? 10.805  3.312   -10.282 1.00 51.15 ? 76  ARG A CD  1 
ATOM   600  N NE  . ARG A 1 76  ? 11.233  4.673   -9.973  1.00 51.50 ? 76  ARG A NE  1 
ATOM   601  C CZ  . ARG A 1 76  ? 12.126  5.357   -10.681 1.00 51.63 ? 76  ARG A CZ  1 
ATOM   602  N NH1 . ARG A 1 76  ? 12.694  4.813   -11.747 1.00 51.42 ? 76  ARG A NH1 1 
ATOM   603  N NH2 . ARG A 1 76  ? 12.450  6.589   -10.321 1.00 52.08 ? 76  ARG A NH2 1 
ATOM   604  N N   . ARG A 1 77  ? 8.275   -1.499  -9.139  1.00 51.02 ? 77  ARG A N   1 
ATOM   605  C CA  . ARG A 1 77  ? 7.311   -2.504  -9.557  1.00 50.95 ? 77  ARG A CA  1 
ATOM   606  C C   . ARG A 1 77  ? 6.377   -2.845  -8.390  1.00 50.98 ? 77  ARG A C   1 
ATOM   607  O O   . ARG A 1 77  ? 5.153   -2.895  -8.556  1.00 51.06 ? 77  ARG A O   1 
ATOM   608  C CB  . ARG A 1 77  ? 8.034   -3.760  -10.075 1.00 51.32 ? 77  ARG A CB  1 
ATOM   609  N N   . GLU A 1 78  ? 6.968   -3.059  -7.214  1.00 50.52 ? 78  GLU A N   1 
ATOM   610  C CA  . GLU A 1 78  ? 6.227   -3.347  -5.980  1.00 50.09 ? 78  GLU A CA  1 
ATOM   611  C C   . GLU A 1 78  ? 5.218   -2.246  -5.593  1.00 49.85 ? 78  GLU A C   1 
ATOM   612  O O   . GLU A 1 78  ? 4.089   -2.537  -5.184  1.00 49.92 ? 78  GLU A O   1 
ATOM   613  C CB  . GLU A 1 78  ? 7.211   -3.600  -4.836  1.00 49.70 ? 78  GLU A CB  1 
ATOM   614  C CG  . GLU A 1 78  ? 6.590   -4.253  -3.632  1.00 49.30 ? 78  GLU A CG  1 
ATOM   615  C CD  . GLU A 1 78  ? 7.563   -4.491  -2.502  1.00 48.42 ? 78  GLU A CD  1 
ATOM   616  O OE1 . GLU A 1 78  ? 8.800   -4.463  -2.728  1.00 50.67 ? 78  GLU A OE1 1 
ATOM   617  O OE2 . GLU A 1 78  ? 7.085   -4.733  -1.378  1.00 46.64 ? 78  GLU A OE2 1 
ATOM   618  N N   . CYS A 1 79  ? 5.633   -0.992  -5.736  1.00 49.52 ? 79  CYS A N   1 
ATOM   619  C CA  . CYS A 1 79  ? 4.804   0.165   -5.408  1.00 48.81 ? 79  CYS A CA  1 
ATOM   620  C C   . CYS A 1 79  ? 3.634   0.425   -6.342  1.00 48.92 ? 79  CYS A C   1 
ATOM   621  O O   . CYS A 1 79  ? 2.679   1.107   -5.957  1.00 49.59 ? 79  CYS A O   1 
ATOM   622  C CB  . CYS A 1 79  ? 5.666   1.408   -5.376  1.00 48.84 ? 79  CYS A CB  1 
ATOM   623  S SG  . CYS A 1 79  ? 6.692   1.469   -3.934  1.00 47.96 ? 79  CYS A SG  1 
ATOM   624  N N   . LEU A 1 80  ? 3.709   -0.086  -7.562  1.00 48.41 ? 80  LEU A N   1 
ATOM   625  C CA  . LEU A 1 80  ? 2.624   0.040   -8.527  1.00 48.66 ? 80  LEU A CA  1 
ATOM   626  C C   . LEU A 1 80  ? 1.367   -0.667  -8.035  1.00 48.79 ? 80  LEU A C   1 
ATOM   627  O O   . LEU A 1 80  ? 0.238   -0.224  -8.279  1.00 48.76 ? 80  LEU A O   1 
ATOM   628  C CB  . LEU A 1 80  ? 3.049   -0.539  -9.879  1.00 48.27 ? 80  LEU A CB  1 
ATOM   629  C CG  . LEU A 1 80  ? 3.932   0.337   -10.777 1.00 48.62 ? 80  LEU A CG  1 
ATOM   630  C CD1 . LEU A 1 80  ? 4.410   -0.433  -12.020 1.00 46.00 ? 80  LEU A CD1 1 
ATOM   631  C CD2 . LEU A 1 80  ? 3.183   1.621   -11.172 1.00 47.51 ? 80  LEU A CD2 1 
ATOM   632  N N   . TYR A 1 81  ? 1.581   -1.776  -7.339  1.00 48.82 ? 81  TYR A N   1 
ATOM   633  C CA  . TYR A 1 81  ? 0.500   -2.541  -6.763  1.00 48.86 ? 81  TYR A CA  1 
ATOM   634  C C   . TYR A 1 81  ? -0.238  -1.710  -5.712  1.00 49.27 ? 81  TYR A C   1 
ATOM   635  O O   . TYR A 1 81  ? -1.486  -1.666  -5.692  1.00 49.34 ? 81  TYR A O   1 
ATOM   636  C CB  . TYR A 1 81  ? 1.070   -3.836  -6.194  1.00 48.63 ? 81  TYR A CB  1 
ATOM   637  C CG  . TYR A 1 81  ? 0.056   -4.848  -5.711  1.00 47.64 ? 81  TYR A CG  1 
ATOM   638  C CD1 . TYR A 1 81  ? -0.350  -5.910  -6.519  1.00 46.24 ? 81  TYR A CD1 1 
ATOM   639  C CD2 . TYR A 1 81  ? -0.465  -4.763  -4.427  1.00 48.23 ? 81  TYR A CD2 1 
ATOM   640  C CE1 . TYR A 1 81  ? -1.273  -6.852  -6.053  1.00 45.77 ? 81  TYR A CE1 1 
ATOM   641  C CE2 . TYR A 1 81  ? -1.370  -5.686  -3.959  1.00 46.69 ? 81  TYR A CE2 1 
ATOM   642  C CZ  . TYR A 1 81  ? -1.785  -6.713  -4.772  1.00 46.56 ? 81  TYR A CZ  1 
ATOM   643  O OH  . TYR A 1 81  ? -2.694  -7.608  -4.246  1.00 46.33 ? 81  TYR A OH  1 
ATOM   644  N N   . TYR A 1 82  ? 0.527   -1.032  -4.856  1.00 48.62 ? 82  TYR A N   1 
ATOM   645  C CA  . TYR A 1 82  ? -0.067  -0.231  -3.793  1.00 48.39 ? 82  TYR A CA  1 
ATOM   646  C C   . TYR A 1 82  ? -0.721  1.042   -4.296  1.00 47.75 ? 82  TYR A C   1 
ATOM   647  O O   . TYR A 1 82  ? -1.752  1.446   -3.767  1.00 47.39 ? 82  TYR A O   1 
ATOM   648  C CB  . TYR A 1 82  ? 0.954   0.113   -2.716  1.00 48.78 ? 82  TYR A CB  1 
ATOM   649  C CG  . TYR A 1 82  ? 1.473   -1.104  -2.061  1.00 48.90 ? 82  TYR A CG  1 
ATOM   650  C CD1 . TYR A 1 82  ? 0.788   -1.675  -0.989  1.00 50.22 ? 82  TYR A CD1 1 
ATOM   651  C CD2 . TYR A 1 82  ? 2.643   -1.716  -2.523  1.00 48.51 ? 82  TYR A CD2 1 
ATOM   652  C CE1 . TYR A 1 82  ? 1.266   -2.831  -0.373  1.00 49.30 ? 82  TYR A CE1 1 
ATOM   653  C CE2 . TYR A 1 82  ? 3.133   -2.872  -1.920  1.00 48.79 ? 82  TYR A CE2 1 
ATOM   654  C CZ  . TYR A 1 82  ? 2.441   -3.420  -0.861  1.00 48.65 ? 82  TYR A CZ  1 
ATOM   655  O OH  . TYR A 1 82  ? 2.908   -4.536  -0.274  1.00 48.45 ? 82  TYR A OH  1 
ATOM   656  N N   . LEU A 1 83  ? -0.113  1.655   -5.312  1.00 47.49 ? 83  LEU A N   1 
ATOM   657  C CA  . LEU A 1 83  ? -0.643  2.862   -5.943  1.00 46.77 ? 83  LEU A CA  1 
ATOM   658  C C   . LEU A 1 83  ? -1.974  2.572   -6.644  1.00 47.72 ? 83  LEU A C   1 
ATOM   659  O O   . LEU A 1 83  ? -2.875  3.422   -6.689  1.00 47.89 ? 83  LEU A O   1 
ATOM   660  C CB  . LEU A 1 83  ? 0.396   3.458   -6.900  1.00 46.30 ? 83  LEU A CB  1 
ATOM   661  C CG  . LEU A 1 83  ? 1.585   4.112   -6.177  1.00 44.10 ? 83  LEU A CG  1 
ATOM   662  C CD1 . LEU A 1 83  ? 2.687   4.479   -7.145  1.00 45.15 ? 83  LEU A CD1 1 
ATOM   663  C CD2 . LEU A 1 83  ? 1.150   5.337   -5.409  1.00 42.86 ? 83  LEU A CD2 1 
ATOM   664  N N   . THR A 1 84  ? -2.091  1.358   -7.187  1.00 48.00 ? 84  THR A N   1 
ATOM   665  C CA  . THR A 1 84  ? -3.357  0.876   -7.754  1.00 47.82 ? 84  THR A CA  1 
ATOM   666  C C   . THR A 1 84  ? -4.470  0.804   -6.696  1.00 47.26 ? 84  THR A C   1 
ATOM   667  O O   . THR A 1 84  ? -5.518  1.413   -6.859  1.00 47.43 ? 84  THR A O   1 
ATOM   668  C CB  . THR A 1 84  ? -3.203  -0.496  -8.477  1.00 47.17 ? 84  THR A CB  1 
ATOM   669  O OG1 . THR A 1 84  ? -2.170  -0.415  -9.479  1.00 46.34 ? 84  THR A OG1 1 
ATOM   670  C CG2 . THR A 1 84  ? -4.525  -0.867  -9.126  1.00 48.38 ? 84  THR A CG2 1 
ATOM   671  N N   . ILE A 1 85  ? -4.236  0.077   -5.611  1.00 46.93 ? 85  ILE A N   1 
ATOM   672  C CA  . ILE A 1 85  ? -5.197  0.033   -4.504  1.00 46.94 ? 85  ILE A CA  1 
ATOM   673  C C   . ILE A 1 85  ? -5.531  1.434   -3.936  1.00 46.57 ? 85  ILE A C   1 
ATOM   674  O O   . ILE A 1 85  ? -6.688  1.767   -3.699  1.00 45.77 ? 85  ILE A O   1 
ATOM   675  C CB  . ILE A 1 85  ? -4.657  -0.874  -3.383  1.00 47.27 ? 85  ILE A CB  1 
ATOM   676  C CG1 . ILE A 1 85  ? -4.634  -2.330  -3.855  1.00 47.13 ? 85  ILE A CG1 1 
ATOM   677  C CG2 . ILE A 1 85  ? -5.457  -0.689  -2.088  1.00 46.28 ? 85  ILE A CG2 1 
ATOM   678  C CD1 . ILE A 1 85  ? -3.757  -3.232  -2.985  1.00 49.22 ? 85  ILE A CD1 1 
ATOM   679  N N   . GLY A 1 86  ? -4.507  2.246   -3.719  1.00 46.74 ? 86  GLY A N   1 
ATOM   680  C CA  . GLY A 1 86  ? -4.701  3.629   -3.247  1.00 47.34 ? 86  GLY A CA  1 
ATOM   681  C C   . GLY A 1 86  ? -5.673  4.425   -4.095  1.00 47.84 ? 86  GLY A C   1 
ATOM   682  O O   . GLY A 1 86  ? -6.640  4.991   -3.574  1.00 47.57 ? 86  GLY A O   1 
ATOM   683  N N   . CYS A 1 87  ? -5.440  4.437   -5.408  1.00 48.27 ? 87  CYS A N   1 
ATOM   684  C CA  . CYS A 1 87  ? -6.277  5.199   -6.339  1.00 48.91 ? 87  CYS A CA  1 
ATOM   685  C C   . CYS A 1 87  ? -7.655  4.618   -6.399  1.00 47.79 ? 87  CYS A C   1 
ATOM   686  O O   . CYS A 1 87  ? -8.630  5.353   -6.444  1.00 47.87 ? 87  CYS A O   1 
ATOM   687  C CB  . CYS A 1 87  ? -5.692  5.189   -7.753  1.00 48.97 ? 87  CYS A CB  1 
ATOM   688  S SG  . CYS A 1 87  ? -4.164  6.055   -7.830  1.00 53.41 ? 87  CYS A SG  1 
ATOM   689  N N   . TYR A 1 88  ? -7.722  3.292   -6.450  1.00 47.31 ? 88  TYR A N   1 
ATOM   690  C CA  . TYR A 1 88  ? -8.989  2.590   -6.376  1.00 47.05 ? 88  TYR A CA  1 
ATOM   691  C C   . TYR A 1 88  ? -9.838  2.959   -5.153  1.00 46.54 ? 88  TYR A C   1 
ATOM   692  O O   . TYR A 1 88  ? -11.039 3.182   -5.287  1.00 46.77 ? 88  TYR A O   1 
ATOM   693  C CB  . TYR A 1 88  ? -8.773  1.078   -6.418  1.00 47.14 ? 88  TYR A CB  1 
ATOM   694  C CG  . TYR A 1 88  ? -10.078 0.287   -6.374  1.00 48.01 ? 88  TYR A CG  1 
ATOM   695  C CD1 . TYR A 1 88  ? -10.570 -0.313  -7.515  1.00 48.20 ? 88  TYR A CD1 1 
ATOM   696  C CD2 . TYR A 1 88  ? -10.809 0.141   -5.182  1.00 46.22 ? 88  TYR A CD2 1 
ATOM   697  C CE1 . TYR A 1 88  ? -11.721 -1.050  -7.488  1.00 48.57 ? 88  TYR A CE1 1 
ATOM   698  C CE2 . TYR A 1 88  ? -11.981 -0.590  -5.147  1.00 45.49 ? 88  TYR A CE2 1 
ATOM   699  C CZ  . TYR A 1 88  ? -12.432 -1.181  -6.317  1.00 48.09 ? 88  TYR A CZ  1 
ATOM   700  O OH  . TYR A 1 88  ? -13.596 -1.918  -6.345  1.00 48.00 ? 88  TYR A OH  1 
ATOM   701  N N   . LYS A 1 89  ? -9.244  2.992   -3.960  1.00 46.07 ? 89  LYS A N   1 
ATOM   702  C CA  . LYS A 1 89  ? -10.006 3.396   -2.781  1.00 45.22 ? 89  LYS A CA  1 
ATOM   703  C C   . LYS A 1 89  ? -10.380 4.862   -2.908  1.00 44.70 ? 89  LYS A C   1 
ATOM   704  O O   . LYS A 1 89  ? -11.370 5.280   -2.375  1.00 44.25 ? 89  LYS A O   1 
ATOM   705  C CB  . LYS A 1 89  ? -9.242  3.159   -1.467  1.00 46.08 ? 89  LYS A CB  1 
ATOM   706  C CG  . LYS A 1 89  ? -8.855  1.690   -1.176  1.00 45.86 ? 89  LYS A CG  1 
ATOM   707  C CD  . LYS A 1 89  ? -8.332  1.521   0.273   1.00 43.86 ? 89  LYS A CD  1 
ATOM   708  C CE  . LYS A 1 89  ? -9.412  1.731   1.298   1.00 41.51 ? 89  LYS A CE  1 
ATOM   709  N NZ  . LYS A 1 89  ? -9.065  1.276   2.686   1.00 41.98 ? 89  LYS A NZ  1 
ATOM   710  N N   . LEU A 1 90  ? -9.602  5.644   -3.640  1.00 44.84 ? 90  LEU A N   1 
ATOM   711  C CA  . LEU A 1 90  ? -9.894  7.074   -3.767  1.00 45.75 ? 90  LEU A CA  1 
ATOM   712  C C   . LEU A 1 90  ? -10.908 7.437   -4.886  1.00 46.19 ? 90  LEU A C   1 
ATOM   713  O O   . LEU A 1 90  ? -11.278 8.597   -5.033  1.00 44.96 ? 90  LEU A O   1 
ATOM   714  C CB  . LEU A 1 90  ? -8.586  7.873   -3.897  1.00 45.56 ? 90  LEU A CB  1 
ATOM   715  C CG  . LEU A 1 90  ? -7.754  7.925   -2.596  1.00 45.97 ? 90  LEU A CG  1 
ATOM   716  C CD1 . LEU A 1 90  ? -6.322  8.372   -2.887  1.00 46.09 ? 90  LEU A CD1 1 
ATOM   717  C CD2 . LEU A 1 90  ? -8.445  8.812   -1.492  1.00 42.06 ? 90  LEU A CD2 1 
ATOM   718  N N   . GLY A 1 91  ? -11.331 6.441   -5.675  1.00 46.58 ? 91  GLY A N   1 
ATOM   719  C CA  . GLY A 1 91  ? -12.284 6.697   -6.750  1.00 47.55 ? 91  GLY A CA  1 
ATOM   720  C C   . GLY A 1 91  ? -11.604 7.015   -8.067  1.00 48.05 ? 91  GLY A C   1 
ATOM   721  O O   . GLY A 1 91  ? -12.271 7.219   -9.068  1.00 48.26 ? 91  GLY A O   1 
ATOM   722  N N   . GLU A 1 92  ? -10.277 7.058   -8.072  1.00 48.54 ? 92  GLU A N   1 
ATOM   723  C CA  . GLU A 1 92  ? -9.508  7.345   -9.287  1.00 49.32 ? 92  GLU A CA  1 
ATOM   724  C C   . GLU A 1 92  ? -9.193  6.056   -10.076 1.00 49.33 ? 92  GLU A C   1 
ATOM   725  O O   . GLU A 1 92  ? -8.059  5.562   -10.102 1.00 48.99 ? 92  GLU A O   1 
ATOM   726  C CB  . GLU A 1 92  ? -8.234  8.105   -8.914  1.00 49.65 ? 92  GLU A CB  1 
ATOM   727  C CG  . GLU A 1 92  ? -8.480  9.550   -8.490  1.00 54.85 ? 92  GLU A CG  1 
ATOM   728  C CD  . GLU A 1 92  ? -7.560  9.980   -7.363  1.00 62.19 ? 92  GLU A CD  1 
ATOM   729  O OE1 . GLU A 1 92  ? -6.986  9.082   -6.703  1.00 66.18 ? 92  GLU A OE1 1 
ATOM   730  O OE2 . GLU A 1 92  ? -7.406  11.206  -7.121  1.00 65.02 ? 92  GLU A OE2 1 
ATOM   731  N N   . TYR A 1 93  ? -10.217 5.505   -10.716 1.00 49.08 ? 93  TYR A N   1 
ATOM   732  C CA  . TYR A 1 93  ? -10.076 4.219   -11.379 1.00 49.10 ? 93  TYR A CA  1 
ATOM   733  C C   . TYR A 1 93  ? -9.270  4.304   -12.685 1.00 49.48 ? 93  TYR A C   1 
ATOM   734  O O   . TYR A 1 93  ? -8.608  3.337   -13.065 1.00 49.21 ? 93  TYR A O   1 
ATOM   735  C CB  . TYR A 1 93  ? -11.445 3.577   -11.596 1.00 48.71 ? 93  TYR A CB  1 
ATOM   736  C CG  . TYR A 1 93  ? -12.346 3.627   -10.370 1.00 48.07 ? 93  TYR A CG  1 
ATOM   737  C CD1 . TYR A 1 93  ? -11.931 3.060   -9.154  1.00 46.33 ? 93  TYR A CD1 1 
ATOM   738  C CD2 . TYR A 1 93  ? -13.616 4.240   -10.429 1.00 45.57 ? 93  TYR A CD2 1 
ATOM   739  C CE1 . TYR A 1 93  ? -12.748 3.103   -8.025  1.00 47.33 ? 93  TYR A CE1 1 
ATOM   740  C CE2 . TYR A 1 93  ? -14.447 4.283   -9.305  1.00 46.72 ? 93  TYR A CE2 1 
ATOM   741  C CZ  . TYR A 1 93  ? -14.003 3.713   -8.106  1.00 47.97 ? 93  TYR A CZ  1 
ATOM   742  O OH  . TYR A 1 93  ? -14.784 3.752   -6.988  1.00 46.25 ? 93  TYR A OH  1 
ATOM   743  N N   . SER A 1 94  ? -9.315  5.456   -13.353 1.00 50.00 ? 94  SER A N   1 
ATOM   744  C CA  . SER A 1 94  ? -8.445  5.711   -14.519 1.00 50.80 ? 94  SER A CA  1 
ATOM   745  C C   . SER A 1 94  ? -6.951  5.600   -14.167 1.00 51.07 ? 94  SER A C   1 
ATOM   746  O O   . SER A 1 94  ? -6.196  4.944   -14.871 1.00 51.13 ? 94  SER A O   1 
ATOM   747  C CB  . SER A 1 94  ? -8.736  7.072   -15.144 1.00 50.37 ? 94  SER A CB  1 
ATOM   748  O OG  . SER A 1 94  ? -7.568  7.598   -15.762 1.00 51.30 ? 94  SER A OG  1 
ATOM   749  N N   . MET A 1 95  ? -6.543  6.253   -13.081 1.00 51.59 ? 95  MET A N   1 
ATOM   750  C CA  . MET A 1 95  ? -5.179  6.157   -12.577 1.00 52.04 ? 95  MET A CA  1 
ATOM   751  C C   . MET A 1 95  ? -4.848  4.720   -12.142 1.00 52.06 ? 95  MET A C   1 
ATOM   752  O O   . MET A 1 95  ? -3.778  4.200   -12.497 1.00 52.47 ? 95  MET A O   1 
ATOM   753  C CB  . MET A 1 95  ? -4.958  7.160   -11.431 1.00 52.85 ? 95  MET A CB  1 
ATOM   754  C CG  . MET A 1 95  ? -3.549  7.756   -11.338 1.00 54.53 ? 95  MET A CG  1 
ATOM   755  S SD  . MET A 1 95  ? -2.913  8.413   -12.928 1.00 63.13 ? 95  MET A SD  1 
ATOM   756  C CE  . MET A 1 95  ? -3.984  9.841   -13.195 1.00 63.71 ? 95  MET A CE  1 
ATOM   757  N N   . ALA A 1 96  ? -5.761  4.082   -11.399 1.00 51.16 ? 96  ALA A N   1 
ATOM   758  C CA  . ALA A 1 96  ? -5.608  2.687   -10.966 1.00 50.67 ? 96  ALA A CA  1 
ATOM   759  C C   . ALA A 1 96  ? -5.445  1.718   -12.138 1.00 50.92 ? 96  ALA A C   1 
ATOM   760  O O   . ALA A 1 96  ? -4.576  0.853   -12.095 1.00 51.21 ? 96  ALA A O   1 
ATOM   761  C CB  . ALA A 1 96  ? -6.776  2.259   -10.061 1.00 50.19 ? 96  ALA A CB  1 
ATOM   762  N N   . LYS A 1 97  ? -6.255  1.867   -13.188 1.00 50.77 ? 97  LYS A N   1 
ATOM   763  C CA  . LYS A 1 97  ? -6.095  1.042   -14.390 1.00 51.02 ? 97  LYS A CA  1 
ATOM   764  C C   . LYS A 1 97  ? -4.714  1.201   -14.989 1.00 51.22 ? 97  LYS A C   1 
ATOM   765  O O   . LYS A 1 97  ? -4.099  0.212   -15.371 1.00 51.72 ? 97  LYS A O   1 
ATOM   766  C CB  . LYS A 1 97  ? -7.148  1.360   -15.452 1.00 50.84 ? 97  LYS A CB  1 
ATOM   767  C CG  . LYS A 1 97  ? -7.015  0.530   -16.730 1.00 51.92 ? 97  LYS A CG  1 
ATOM   768  C CD  . LYS A 1 97  ? -7.670  1.244   -17.918 1.00 52.51 ? 97  LYS A CD  1 
ATOM   769  C CE  . LYS A 1 97  ? -7.114  0.768   -19.268 1.00 52.44 ? 97  LYS A CE  1 
ATOM   770  N NZ  . LYS A 1 97  ? -7.138  -0.709  -19.425 1.00 51.00 ? 97  LYS A NZ  1 
ATOM   771  N N   . ARG A 1 98  ? -4.240  2.444   -15.075 1.00 51.40 ? 98  ARG A N   1 
ATOM   772  C CA  . ARG A 1 98  ? -2.928  2.763   -15.630 1.00 51.36 ? 98  ARG A CA  1 
ATOM   773  C C   . ARG A 1 98  ? -1.813  2.021   -14.916 1.00 51.02 ? 98  ARG A C   1 
ATOM   774  O O   . ARG A 1 98  ? -1.061  1.279   -15.537 1.00 50.92 ? 98  ARG A O   1 
ATOM   775  C CB  . ARG A 1 98  ? -2.691  4.264   -15.546 1.00 51.97 ? 98  ARG A CB  1 
ATOM   776  C CG  . ARG A 1 98  ? -3.031  4.973   -16.815 1.00 53.77 ? 98  ARG A CG  1 
ATOM   777  C CD  . ARG A 1 98  ? -3.681  6.315   -16.582 1.00 57.17 ? 98  ARG A CD  1 
ATOM   778  N NE  . ARG A 1 98  ? -4.319  6.757   -17.820 1.00 60.61 ? 98  ARG A NE  1 
ATOM   779  C CZ  . ARG A 1 98  ? -5.497  6.307   -18.267 1.00 63.49 ? 98  ARG A CZ  1 
ATOM   780  N NH1 . ARG A 1 98  ? -6.191  5.396   -17.562 1.00 63.81 ? 98  ARG A NH1 1 
ATOM   781  N NH2 . ARG A 1 98  ? -5.990  6.767   -19.422 1.00 62.03 ? 98  ARG A NH2 1 
ATOM   782  N N   . TYR A 1 99  ? -1.729  2.209   -13.604 1.00 50.67 ? 99  TYR A N   1 
ATOM   783  C CA  . TYR A 1 99  ? -0.721  1.547   -12.787 1.00 50.98 ? 99  TYR A CA  1 
ATOM   784  C C   . TYR A 1 99  ? -0.703  0.019   -12.930 1.00 51.13 ? 99  TYR A C   1 
ATOM   785  O O   . TYR A 1 99  ? 0.363   -0.577  -13.132 1.00 50.65 ? 99  TYR A O   1 
ATOM   786  C CB  . TYR A 1 99  ? -0.914  1.909   -11.314 1.00 50.74 ? 99  TYR A CB  1 
ATOM   787  C CG  . TYR A 1 99  ? -0.529  3.323   -10.972 1.00 51.00 ? 99  TYR A CG  1 
ATOM   788  C CD1 . TYR A 1 99  ? 0.687   3.862   -11.390 1.00 52.36 ? 99  TYR A CD1 1 
ATOM   789  C CD2 . TYR A 1 99  ? -1.363  4.116   -10.195 1.00 52.29 ? 99  TYR A CD2 1 
ATOM   790  C CE1 . TYR A 1 99  ? 1.052   5.172   -11.060 1.00 52.86 ? 99  TYR A CE1 1 
ATOM   791  C CE2 . TYR A 1 99  ? -1.008  5.415   -9.847  1.00 51.53 ? 99  TYR A CE2 1 
ATOM   792  C CZ  . TYR A 1 99  ? 0.189   5.944   -10.291 1.00 51.60 ? 99  TYR A CZ  1 
ATOM   793  O OH  . TYR A 1 99  ? 0.528   7.230   -9.942  1.00 50.86 ? 99  TYR A OH  1 
ATOM   794  N N   . VAL A 1 100 ? -1.885  -0.593  -12.799 1.00 50.93 ? 100 VAL A N   1 
ATOM   795  C CA  . VAL A 1 100 ? -2.021  -2.036  -12.807 1.00 51.23 ? 100 VAL A CA  1 
ATOM   796  C C   . VAL A 1 100 ? -1.657  -2.617  -14.191 1.00 51.10 ? 100 VAL A C   1 
ATOM   797  O O   . VAL A 1 100 ? -1.113  -3.714  -14.273 1.00 51.29 ? 100 VAL A O   1 
ATOM   798  C CB  . VAL A 1 100 ? -3.435  -2.498  -12.287 1.00 51.40 ? 100 VAL A CB  1 
ATOM   799  C CG1 . VAL A 1 100 ? -4.518  -2.463  -13.406 1.00 51.73 ? 100 VAL A CG1 1 
ATOM   800  C CG2 . VAL A 1 100 ? -3.342  -3.882  -11.662 1.00 51.43 ? 100 VAL A CG2 1 
ATOM   801  N N   . ASP A 1 101 ? -1.929  -1.859  -15.256 1.00 51.26 ? 101 ASP A N   1 
ATOM   802  C CA  . ASP A 1 101 ? -1.521  -2.224  -16.612 1.00 51.56 ? 101 ASP A CA  1 
ATOM   803  C C   . ASP A 1 101 ? -0.014  -2.296  -16.770 1.00 51.40 ? 101 ASP A C   1 
ATOM   804  O O   . ASP A 1 101 ? 0.500   -3.243  -17.373 1.00 51.70 ? 101 ASP A O   1 
ATOM   805  C CB  . ASP A 1 101 ? -2.099  -1.249  -17.640 1.00 51.68 ? 101 ASP A CB  1 
ATOM   806  C CG  . ASP A 1 101 ? -3.562  -1.521  -17.939 1.00 52.92 ? 101 ASP A CG  1 
ATOM   807  O OD1 . ASP A 1 101 ? -4.098  -2.525  -17.409 1.00 54.08 ? 101 ASP A OD1 1 
ATOM   808  O OD2 . ASP A 1 101 ? -4.176  -0.729  -18.699 1.00 52.86 ? 101 ASP A OD2 1 
ATOM   809  N N   . THR A 1 102 ? 0.694   -1.295  -16.246 1.00 51.50 ? 102 THR A N   1 
ATOM   810  C CA  . THR A 1 102 ? 2.165   -1.330  -16.238 1.00 51.78 ? 102 THR A CA  1 
ATOM   811  C C   . THR A 1 102 ? 2.611   -2.595  -15.528 1.00 51.52 ? 102 THR A C   1 
ATOM   812  O O   . THR A 1 102 ? 3.339   -3.406  -16.088 1.00 51.70 ? 102 THR A O   1 
ATOM   813  C CB  . THR A 1 102 ? 2.806   -0.108  -15.522 1.00 51.92 ? 102 THR A CB  1 
ATOM   814  O OG1 . THR A 1 102 ? 2.189   1.105   -15.970 1.00 53.04 ? 102 THR A OG1 1 
ATOM   815  C CG2 . THR A 1 102 ? 4.299   -0.035  -15.806 1.00 51.57 ? 102 THR A CG2 1 
ATOM   816  N N   . LEU A 1 103 ? 2.142   -2.759  -14.296 1.00 51.67 ? 103 LEU A N   1 
ATOM   817  C CA  . LEU A 1 103 ? 2.522   -3.892  -13.474 1.00 51.66 ? 103 LEU A CA  1 
ATOM   818  C C   . LEU A 1 103 ? 2.202   -5.231  -14.155 1.00 51.47 ? 103 LEU A C   1 
ATOM   819  O O   . LEU A 1 103 ? 3.005   -6.179  -14.102 1.00 51.08 ? 103 LEU A O   1 
ATOM   820  C CB  . LEU A 1 103 ? 1.866   -3.788  -12.095 1.00 51.17 ? 103 LEU A CB  1 
ATOM   821  C CG  . LEU A 1 103 ? 2.029   -4.971  -11.140 1.00 51.99 ? 103 LEU A CG  1 
ATOM   822  C CD1 . LEU A 1 103 ? 3.498   -5.356  -10.904 1.00 51.95 ? 103 LEU A CD1 1 
ATOM   823  C CD2 . LEU A 1 103 ? 1.351   -4.671  -9.841  1.00 52.53 ? 103 LEU A CD2 1 
ATOM   824  N N   . PHE A 1 104 ? 1.042   -5.287  -14.804 1.00 51.44 ? 104 PHE A N   1 
ATOM   825  C CA  . PHE A 1 104 ? 0.606   -6.493  -15.489 1.00 52.05 ? 104 PHE A CA  1 
ATOM   826  C C   . PHE A 1 104 ? 1.507   -6.813  -16.702 1.00 52.69 ? 104 PHE A C   1 
ATOM   827  O O   . PHE A 1 104 ? 1.675   -7.977  -17.048 1.00 52.16 ? 104 PHE A O   1 
ATOM   828  C CB  . PHE A 1 104 ? -0.886  -6.389  -15.851 1.00 52.05 ? 104 PHE A CB  1 
ATOM   829  C CG  . PHE A 1 104 ? -1.409  -7.533  -16.699 1.00 51.49 ? 104 PHE A CG  1 
ATOM   830  C CD1 . PHE A 1 104 ? -1.706  -8.774  -16.126 1.00 50.70 ? 104 PHE A CD1 1 
ATOM   831  C CD2 . PHE A 1 104 ? -1.641  -7.352  -18.062 1.00 51.67 ? 104 PHE A CD2 1 
ATOM   832  C CE1 . PHE A 1 104 ? -2.208  -9.823  -16.897 1.00 51.08 ? 104 PHE A CE1 1 
ATOM   833  C CE2 . PHE A 1 104 ? -2.135  -8.407  -18.859 1.00 51.93 ? 104 PHE A CE2 1 
ATOM   834  C CZ  . PHE A 1 104 ? -2.420  -9.639  -18.273 1.00 51.72 ? 104 PHE A CZ  1 
ATOM   835  N N   . GLU A 1 105 ? 2.096   -5.783  -17.314 1.00 53.65 ? 105 GLU A N   1 
ATOM   836  C CA  . GLU A 1 105 ? 3.074   -5.964  -18.388 1.00 55.21 ? 105 GLU A CA  1 
ATOM   837  C C   . GLU A 1 105 ? 4.354   -6.637  -17.896 1.00 56.11 ? 105 GLU A C   1 
ATOM   838  O O   . GLU A 1 105 ? 5.069   -7.286  -18.671 1.00 55.93 ? 105 GLU A O   1 
ATOM   839  C CB  . GLU A 1 105 ? 3.424   -4.626  -19.037 1.00 55.17 ? 105 GLU A CB  1 
ATOM   840  C CG  . GLU A 1 105 ? 2.692   -4.351  -20.335 1.00 55.45 ? 105 GLU A CG  1 
ATOM   841  C CD  . GLU A 1 105 ? 3.065   -3.008  -20.936 1.00 55.50 ? 105 GLU A CD  1 
ATOM   842  O OE1 . GLU A 1 105 ? 2.895   -1.982  -20.230 1.00 55.31 ? 105 GLU A OE1 1 
ATOM   843  O OE2 . GLU A 1 105 ? 3.518   -2.980  -22.109 1.00 54.42 ? 105 GLU A OE2 1 
ATOM   844  N N   . HIS A 1 106 ? 4.636   -6.477  -16.605 1.00 57.24 ? 106 HIS A N   1 
ATOM   845  C CA  . HIS A 1 106 ? 5.818   -7.091  -16.014 1.00 58.36 ? 106 HIS A CA  1 
ATOM   846  C C   . HIS A 1 106 ? 5.514   -8.426  -15.332 1.00 58.75 ? 106 HIS A C   1 
ATOM   847  O O   . HIS A 1 106 ? 6.429   -9.210  -15.057 1.00 58.97 ? 106 HIS A O   1 
ATOM   848  C CB  . HIS A 1 106 ? 6.535   -6.102  -15.090 1.00 58.58 ? 106 HIS A CB  1 
ATOM   849  C CG  . HIS A 1 106 ? 6.928   -4.832  -15.780 1.00 59.63 ? 106 HIS A CG  1 
ATOM   850  N ND1 . HIS A 1 106 ? 7.965   -4.767  -16.688 1.00 60.41 ? 106 HIS A ND1 1 
ATOM   851  C CD2 . HIS A 1 106 ? 6.404   -3.584  -15.719 1.00 60.91 ? 106 HIS A CD2 1 
ATOM   852  C CE1 . HIS A 1 106 ? 8.071   -3.532  -17.147 1.00 60.57 ? 106 HIS A CE1 1 
ATOM   853  N NE2 . HIS A 1 106 ? 7.136   -2.795  -16.575 1.00 61.81 ? 106 HIS A NE2 1 
ATOM   854  N N   . GLU A 1 107 ? 4.229   -8.691  -15.088 1.00 59.05 ? 107 GLU A N   1 
ATOM   855  C CA  . GLU A 1 107 ? 3.790   -9.992  -14.567 1.00 59.44 ? 107 GLU A CA  1 
ATOM   856  C C   . GLU A 1 107 ? 2.423   -10.467 -15.073 1.00 59.21 ? 107 GLU A C   1 
ATOM   857  O O   . GLU A 1 107 ? 1.388   -10.290 -14.409 1.00 59.24 ? 107 GLU A O   1 
ATOM   858  C CB  . GLU A 1 107 ? 3.863   -10.030 -13.042 1.00 59.90 ? 107 GLU A CB  1 
ATOM   859  C CG  . GLU A 1 107 ? 5.077   -10.808 -12.547 1.00 61.43 ? 107 GLU A CG  1 
ATOM   860  C CD  . GLU A 1 107 ? 5.597   -10.293 -11.218 1.00 62.94 ? 107 GLU A CD  1 
ATOM   861  O OE1 . GLU A 1 107 ? 4.788   -9.764  -10.424 1.00 62.17 ? 107 GLU A OE1 1 
ATOM   862  O OE2 . GLU A 1 107 ? 6.820   -10.429 -10.981 1.00 63.42 ? 107 GLU A OE2 1 
ATOM   863  N N   . ARG A 1 108 ? 2.449   -11.082 -16.255 1.00 58.85 ? 108 ARG A N   1 
ATOM   864  C CA  . ARG A 1 108 ? 1.271   -11.685 -16.867 1.00 58.46 ? 108 ARG A CA  1 
ATOM   865  C C   . ARG A 1 108 ? 0.810   -12.924 -16.091 1.00 58.19 ? 108 ARG A C   1 
ATOM   866  O O   . ARG A 1 108 ? -0.385  -13.227 -16.066 1.00 58.09 ? 108 ARG A O   1 
ATOM   867  C CB  . ARG A 1 108 ? 1.549   -12.039 -18.337 1.00 58.31 ? 108 ARG A CB  1 
ATOM   868  N N   . ASN A 1 109 ? 1.754   -13.622 -15.452 1.00 57.72 ? 109 ASN A N   1 
ATOM   869  C CA  . ASN A 1 109 ? 1.442   -14.878 -14.759 1.00 57.26 ? 109 ASN A CA  1 
ATOM   870  C C   . ASN A 1 109 ? 1.101   -14.815 -13.277 1.00 56.87 ? 109 ASN A C   1 
ATOM   871  O O   . ASN A 1 109 ? 0.523   -15.758 -12.738 1.00 56.95 ? 109 ASN A O   1 
ATOM   872  C CB  . ASN A 1 109 ? 2.508   -15.937 -15.018 1.00 57.43 ? 109 ASN A CB  1 
ATOM   873  C CG  . ASN A 1 109 ? 2.149   -16.827 -16.176 1.00 57.32 ? 109 ASN A CG  1 
ATOM   874  O OD1 . ASN A 1 109 ? 2.704   -17.911 -16.334 1.00 58.22 ? 109 ASN A OD1 1 
ATOM   875  N ND2 . ASN A 1 109 ? 1.198   -16.381 -16.989 1.00 57.20 ? 109 ASN A ND2 1 
ATOM   876  N N   . ASN A 1 110 ? 1.442   -13.702 -12.634 1.00 56.35 ? 110 ASN A N   1 
ATOM   877  C CA  . ASN A 1 110 ? 1.129   -13.475 -11.239 1.00 55.47 ? 110 ASN A CA  1 
ATOM   878  C C   . ASN A 1 110 ? -0.383  -13.412 -10.991 1.00 54.94 ? 110 ASN A C   1 
ATOM   879  O O   . ASN A 1 110 ? -1.067  -12.539 -11.529 1.00 54.95 ? 110 ASN A O   1 
ATOM   880  C CB  . ASN A 1 110 ? 1.786   -12.171 -10.801 1.00 56.09 ? 110 ASN A CB  1 
ATOM   881  C CG  . ASN A 1 110 ? 1.773   -11.992 -9.317  1.00 56.19 ? 110 ASN A CG  1 
ATOM   882  O OD1 . ASN A 1 110 ? 2.534   -12.625 -8.594  1.00 57.88 ? 110 ASN A OD1 1 
ATOM   883  N ND2 . ASN A 1 110 ? 0.904   -11.135 -8.847  1.00 56.30 ? 110 ASN A ND2 1 
ATOM   884  N N   . LYS A 1 111 ? -0.899  -14.329 -10.174 1.00 54.19 ? 111 LYS A N   1 
ATOM   885  C CA  . LYS A 1 111 ? -2.333  -14.376 -9.832  1.00 53.51 ? 111 LYS A CA  1 
ATOM   886  C C   . LYS A 1 111 ? -2.843  -13.217 -8.960  1.00 53.00 ? 111 LYS A C   1 
ATOM   887  O O   . LYS A 1 111 ? -4.026  -12.896 -8.991  1.00 53.11 ? 111 LYS A O   1 
ATOM   888  C CB  . LYS A 1 111 ? -2.702  -15.711 -9.172  1.00 53.58 ? 111 LYS A CB  1 
ATOM   889  C CG  . LYS A 1 111 ? -2.965  -16.833 -10.169 1.00 54.07 ? 111 LYS A CG  1 
ATOM   890  C CD  . LYS A 1 111 ? -3.831  -17.931 -9.570  1.00 54.97 ? 111 LYS A CD  1 
ATOM   891  C CE  . LYS A 1 111 ? -4.361  -18.850 -10.663 1.00 55.82 ? 111 LYS A CE  1 
ATOM   892  N NZ  . LYS A 1 111 ? -5.141  -19.992 -10.113 1.00 56.78 ? 111 LYS A NZ  1 
ATOM   893  N N   . GLN A 1 112 ? -1.963  -12.619 -8.167  1.00 51.98 ? 112 GLN A N   1 
ATOM   894  C CA  . GLN A 1 112 ? -2.347  -11.508 -7.314  1.00 51.64 ? 112 GLN A CA  1 
ATOM   895  C C   . GLN A 1 112 ? -2.634  -10.266 -8.149  1.00 51.42 ? 112 GLN A C   1 
ATOM   896  O O   . GLN A 1 112 ? -3.594  -9.550  -7.882  1.00 51.73 ? 112 GLN A O   1 
ATOM   897  C CB  . GLN A 1 112 ? -1.251  -11.198 -6.293  1.00 51.42 ? 112 GLN A CB  1 
ATOM   898  C CG  . GLN A 1 112 ? -1.137  -12.187 -5.164  1.00 49.22 ? 112 GLN A CG  1 
ATOM   899  C CD  . GLN A 1 112 ? -0.580  -11.539 -3.915  1.00 47.00 ? 112 GLN A CD  1 
ATOM   900  O OE1 . GLN A 1 112 ? -1.300  -11.306 -2.954  1.00 47.23 ? 112 GLN A OE1 1 
ATOM   901  N NE2 . GLN A 1 112 ? 0.697   -11.214 -3.938  1.00 45.45 ? 112 GLN A NE2 1 
ATOM   902  N N   . VAL A 1 113 ? -1.794  -10.036 -9.160  1.00 51.35 ? 113 VAL A N   1 
ATOM   903  C CA  . VAL A 1 113 ? -1.889  -8.876  -10.051 1.00 51.26 ? 113 VAL A CA  1 
ATOM   904  C C   . VAL A 1 113 ? -3.134  -8.973  -10.941 1.00 51.75 ? 113 VAL A C   1 
ATOM   905  O O   . VAL A 1 113 ? -3.902  -8.002  -11.053 1.00 52.73 ? 113 VAL A O   1 
ATOM   906  C CB  . VAL A 1 113 ? -0.582  -8.679  -10.892 1.00 50.94 ? 113 VAL A CB  1 
ATOM   907  C CG1 . VAL A 1 113 ? -0.785  -7.713  -12.044 1.00 50.35 ? 113 VAL A CG1 1 
ATOM   908  C CG2 . VAL A 1 113 ? 0.551   -8.190  -10.005 1.00 50.29 ? 113 VAL A CG2 1 
ATOM   909  N N   . GLY A 1 114 ? -3.345  -10.143 -11.530 1.00 50.93 ? 114 GLY A N   1 
ATOM   910  C CA  . GLY A 1 114 ? -4.536  -10.408 -12.327 1.00 50.87 ? 114 GLY A CA  1 
ATOM   911  C C   . GLY A 1 114 ? -5.817  -10.335 -11.515 1.00 50.27 ? 114 GLY A C   1 
ATOM   912  O O   . GLY A 1 114 ? -6.871  -9.998  -12.053 1.00 50.42 ? 114 GLY A O   1 
ATOM   913  N N   . ALA A 1 115 ? -5.735  -10.659 -10.226 1.00 49.62 ? 115 ALA A N   1 
ATOM   914  C CA  . ALA A 1 115 ? -6.880  -10.501 -9.330  1.00 49.14 ? 115 ALA A CA  1 
ATOM   915  C C   . ALA A 1 115 ? -7.170  -9.021  -9.123  1.00 49.02 ? 115 ALA A C   1 
ATOM   916  O O   . ALA A 1 115 ? -8.340  -8.604  -9.160  1.00 48.61 ? 115 ALA A O   1 
ATOM   917  C CB  . ALA A 1 115 ? -6.624  -11.179 -8.008  1.00 49.40 ? 115 ALA A CB  1 
ATOM   918  N N   . LEU A 1 116 ? -6.097  -8.243  -8.916  1.00 48.36 ? 116 LEU A N   1 
ATOM   919  C CA  . LEU A 1 116 ? -6.192  -6.803  -8.775  1.00 47.86 ? 116 LEU A CA  1 
ATOM   920  C C   . LEU A 1 116 ? -6.698  -6.180  -10.065 1.00 48.15 ? 116 LEU A C   1 
ATOM   921  O O   . LEU A 1 116 ? -7.679  -5.429  -10.029 1.00 47.93 ? 116 LEU A O   1 
ATOM   922  C CB  . LEU A 1 116 ? -4.853  -6.172  -8.384  1.00 47.67 ? 116 LEU A CB  1 
ATOM   923  C CG  . LEU A 1 116 ? -4.849  -4.651  -8.074  1.00 48.35 ? 116 LEU A CG  1 
ATOM   924  C CD1 . LEU A 1 116 ? -5.880  -4.253  -7.014  1.00 44.09 ? 116 LEU A CD1 1 
ATOM   925  C CD2 . LEU A 1 116 ? -3.445  -4.183  -7.653  1.00 47.51 ? 116 LEU A CD2 1 
ATOM   926  N N   . LYS A 1 117 ? -6.016  -6.466  -11.177 1.00 47.74 ? 117 LYS A N   1 
ATOM   927  C CA  . LYS A 1 117 ? -6.394  -5.940  -12.486 1.00 49.01 ? 117 LYS A CA  1 
ATOM   928  C C   . LYS A 1 117 ? -7.895  -6.145  -12.758 1.00 49.40 ? 117 LYS A C   1 
ATOM   929  O O   . LYS A 1 117 ? -8.612  -5.197  -13.131 1.00 49.92 ? 117 LYS A O   1 
ATOM   930  C CB  . LYS A 1 117 ? -5.548  -6.609  -13.578 1.00 48.56 ? 117 LYS A CB  1 
ATOM   931  C CG  . LYS A 1 117 ? -5.711  -6.053  -14.987 1.00 49.87 ? 117 LYS A CG  1 
ATOM   932  C CD  . LYS A 1 117 ? -5.045  -6.993  -16.008 1.00 50.30 ? 117 LYS A CD  1 
ATOM   933  C CE  . LYS A 1 117 ? -5.632  -6.832  -17.396 1.00 54.67 ? 117 LYS A CE  1 
ATOM   934  N NZ  . LYS A 1 117 ? -5.331  -5.490  -17.984 1.00 57.03 ? 117 LYS A NZ  1 
ATOM   935  N N   . SER A 1 118 ? -8.356  -7.378  -12.536 1.00 49.29 ? 118 SER A N   1 
ATOM   936  C CA  . SER A 1 118 ? -9.761  -7.758  -12.675 1.00 49.61 ? 118 SER A CA  1 
ATOM   937  C C   . SER A 1 118 ? -10.718 -6.884  -11.877 1.00 49.93 ? 118 SER A C   1 
ATOM   938  O O   . SER A 1 118 ? -11.702 -6.411  -12.423 1.00 49.80 ? 118 SER A O   1 
ATOM   939  C CB  . SER A 1 118 ? -9.944  -9.226  -12.275 1.00 50.05 ? 118 SER A CB  1 
ATOM   940  O OG  . SER A 1 118 ? -10.906 -9.875  -13.089 1.00 49.90 ? 118 SER A OG  1 
ATOM   941  N N   . MET A 1 119 ? -10.421 -6.670  -10.589 1.00 50.60 ? 119 MET A N   1 
ATOM   942  C CA  . MET A 1 119 ? -11.227 -5.810  -9.718  1.00 51.31 ? 119 MET A CA  1 
ATOM   943  C C   . MET A 1 119 ? -11.351 -4.404  -10.287 1.00 50.57 ? 119 MET A C   1 
ATOM   944  O O   . MET A 1 119 ? -12.436 -3.827  -10.322 1.00 50.53 ? 119 MET A O   1 
ATOM   945  C CB  . MET A 1 119 ? -10.581 -5.652  -8.341  1.00 52.99 ? 119 MET A CB  1 
ATOM   946  C CG  . MET A 1 119 ? -10.092 -6.907  -7.687  1.00 55.75 ? 119 MET A CG  1 
ATOM   947  S SD  . MET A 1 119 ? -11.382 -7.732  -6.770  1.00 64.32 ? 119 MET A SD  1 
ATOM   948  C CE  . MET A 1 119 ? -10.414 -8.188  -5.321  1.00 59.76 ? 119 MET A CE  1 
ATOM   949  N N   . VAL A 1 120 ? -10.216 -3.842  -10.684 1.00 49.84 ? 120 VAL A N   1 
ATOM   950  C CA  . VAL A 1 120 ? -10.158 -2.475  -11.193 1.00 49.48 ? 120 VAL A CA  1 
ATOM   951  C C   . VAL A 1 120 ? -11.075 -2.345  -12.421 1.00 49.48 ? 120 VAL A C   1 
ATOM   952  O O   . VAL A 1 120 ? -11.898 -1.442  -12.494 1.00 49.03 ? 120 VAL A O   1 
ATOM   953  C CB  . VAL A 1 120 ? -8.697  -2.047  -11.530 1.00 49.10 ? 120 VAL A CB  1 
ATOM   954  C CG1 . VAL A 1 120 ? -8.684  -0.711  -12.269 1.00 48.49 ? 120 VAL A CG1 1 
ATOM   955  C CG2 . VAL A 1 120 ? -7.873  -1.961  -10.260 1.00 48.45 ? 120 VAL A CG2 1 
ATOM   956  N N   . GLU A 1 121 ? -10.934 -3.278  -13.357 1.00 49.61 ? 121 GLU A N   1 
ATOM   957  C CA  . GLU A 1 121 ? -11.697 -3.253  -14.591 1.00 49.77 ? 121 GLU A CA  1 
ATOM   958  C C   . GLU A 1 121 ? -13.164 -3.606  -14.387 1.00 49.79 ? 121 GLU A C   1 
ATOM   959  O O   . GLU A 1 121 ? -14.023 -3.144  -15.144 1.00 50.16 ? 121 GLU A O   1 
ATOM   960  C CB  . GLU A 1 121 ? -11.082 -4.219  -15.586 1.00 50.16 ? 121 GLU A CB  1 
ATOM   961  C CG  . GLU A 1 121 ? -9.683  -3.853  -16.013 1.00 51.89 ? 121 GLU A CG  1 
ATOM   962  C CD  . GLU A 1 121 ? -9.085  -4.901  -16.922 1.00 55.88 ? 121 GLU A CD  1 
ATOM   963  O OE1 . GLU A 1 121 ? -9.434  -6.104  -16.777 1.00 56.38 ? 121 GLU A OE1 1 
ATOM   964  O OE2 . GLU A 1 121 ? -8.271  -4.519  -17.793 1.00 58.01 ? 121 GLU A OE2 1 
ATOM   965  N N   . ASP A 1 122 ? -13.458 -4.445  -13.394 1.00 49.58 ? 122 ASP A N   1 
ATOM   966  C CA  . ASP A 1 122 ? -14.853 -4.693  -12.999 1.00 49.45 ? 122 ASP A CA  1 
ATOM   967  C C   . ASP A 1 122 ? -15.502 -3.439  -12.405 1.00 48.72 ? 122 ASP A C   1 
ATOM   968  O O   . ASP A 1 122 ? -16.638 -3.105  -12.728 1.00 48.59 ? 122 ASP A O   1 
ATOM   969  C CB  . ASP A 1 122 ? -14.959 -5.880  -12.030 1.00 49.82 ? 122 ASP A CB  1 
ATOM   970  C CG  . ASP A 1 122 ? -14.712 -7.221  -12.715 1.00 50.65 ? 122 ASP A CG  1 
ATOM   971  O OD1 . ASP A 1 122 ? -14.817 -7.299  -13.963 1.00 52.23 ? 122 ASP A OD1 1 
ATOM   972  O OD2 . ASP A 1 122 ? -14.404 -8.200  -12.004 1.00 52.60 ? 122 ASP A OD2 1 
ATOM   973  N N   . LYS A 1 123 ? -14.761 -2.742  -11.556 1.00 48.00 ? 123 LYS A N   1 
ATOM   974  C CA  . LYS A 1 123 ? -15.211 -1.466  -11.014 1.00 47.73 ? 123 LYS A CA  1 
ATOM   975  C C   . LYS A 1 123 ? -15.441 -0.440  -12.113 1.00 46.95 ? 123 LYS A C   1 
ATOM   976  O O   . LYS A 1 123 ? -16.496 0.182   -12.161 1.00 46.80 ? 123 LYS A O   1 
ATOM   977  C CB  . LYS A 1 123 ? -14.224 -0.949  -9.958  1.00 47.71 ? 123 LYS A CB  1 
ATOM   978  C CG  . LYS A 1 123 ? -14.708 0.237   -9.122  1.00 49.12 ? 123 LYS A CG  1 
ATOM   979  C CD  . LYS A 1 123 ? -16.043 -0.048  -8.422  1.00 51.07 ? 123 LYS A CD  1 
ATOM   980  C CE  . LYS A 1 123 ? -16.304 1.052   -7.398  1.00 52.41 ? 123 LYS A CE  1 
ATOM   981  N NZ  . LYS A 1 123 ? -17.631 0.917   -6.768  1.00 52.98 ? 123 LYS A NZ  1 
ATOM   982  N N   . ILE A 1 124 ? -14.465 -0.286  -13.004 1.00 46.81 ? 124 ILE A N   1 
ATOM   983  C CA  . ILE A 1 124 ? -14.606 0.598   -14.160 1.00 47.16 ? 124 ILE A CA  1 
ATOM   984  C C   . ILE A 1 124 ? -15.837 0.234   -15.000 1.00 47.58 ? 124 ILE A C   1 
ATOM   985  O O   . ILE A 1 124 ? -16.625 1.110   -15.347 1.00 47.55 ? 124 ILE A O   1 
ATOM   986  C CB  . ILE A 1 124 ? -13.321 0.631   -15.022 1.00 47.42 ? 124 ILE A CB  1 
ATOM   987  C CG1 . ILE A 1 124 ? -12.245 1.453   -14.300 1.00 47.35 ? 124 ILE A CG1 1 
ATOM   988  C CG2 . ILE A 1 124 ? -13.615 1.180   -16.447 1.00 46.36 ? 124 ILE A CG2 1 
ATOM   989  C CD1 . ILE A 1 124 ? -10.885 1.476   -15.007 1.00 47.44 ? 124 ILE A CD1 1 
ATOM   990  N N   . GLN A 1 125 ? -15.999 -1.054  -15.303 1.00 47.97 ? 125 GLN A N   1 
ATOM   991  C CA  . GLN A 1 125 ? -17.186 -1.572  -15.997 1.00 48.83 ? 125 GLN A CA  1 
ATOM   992  C C   . GLN A 1 125 ? -18.470 -1.143  -15.272 1.00 48.80 ? 125 GLN A C   1 
ATOM   993  O O   . GLN A 1 125 ? -19.317 -0.476  -15.857 1.00 48.48 ? 125 GLN A O   1 
ATOM   994  C CB  . GLN A 1 125 ? -17.078 -3.103  -16.123 1.00 48.97 ? 125 GLN A CB  1 
ATOM   995  C CG  . GLN A 1 125 ? -18.390 -3.867  -16.321 1.00 51.01 ? 125 GLN A CG  1 
ATOM   996  C CD  . GLN A 1 125 ? -18.906 -3.798  -17.737 1.00 53.28 ? 125 GLN A CD  1 
ATOM   997  O OE1 . GLN A 1 125 ? -18.207 -3.341  -18.642 1.00 54.63 ? 125 GLN A OE1 1 
ATOM   998  N NE2 . GLN A 1 125 ? -20.136 -4.267  -17.945 1.00 54.52 ? 125 GLN A NE2 1 
ATOM   999  N N   . LYS A 1 126 ? -18.563 -1.495  -13.989 1.00 49.42 ? 126 LYS A N   1 
ATOM   1000 C CA  . LYS A 1 126 ? -19.717 -1.209  -13.133 1.00 50.18 ? 126 LYS A CA  1 
ATOM   1001 C C   . LYS A 1 126 ? -20.072 0.276   -13.073 1.00 50.41 ? 126 LYS A C   1 
ATOM   1002 O O   . LYS A 1 126 ? -21.256 0.643   -13.171 1.00 50.12 ? 126 LYS A O   1 
ATOM   1003 C CB  . LYS A 1 126 ? -19.464 -1.727  -11.709 1.00 50.40 ? 126 LYS A CB  1 
ATOM   1004 C CG  . LYS A 1 126 ? -20.707 -1.776  -10.817 1.00 52.37 ? 126 LYS A CG  1 
ATOM   1005 C CD  . LYS A 1 126 ? -20.318 -1.836  -9.340  1.00 55.80 ? 126 LYS A CD  1 
ATOM   1006 C CE  . LYS A 1 126 ? -21.481 -1.442  -8.419  1.00 57.62 ? 126 LYS A CE  1 
ATOM   1007 N NZ  . LYS A 1 126 ? -20.966 -0.651  -7.243  1.00 57.57 ? 126 LYS A NZ  1 
ATOM   1008 N N   . GLU A 1 127 ? -19.047 1.118   -12.914 1.00 50.69 ? 127 GLU A N   1 
ATOM   1009 C CA  . GLU A 1 127 ? -19.262 2.557   -12.792 1.00 50.84 ? 127 GLU A CA  1 
ATOM   1010 C C   . GLU A 1 127 ? -19.509 3.298   -14.107 1.00 51.76 ? 127 GLU A C   1 
ATOM   1011 O O   . GLU A 1 127 ? -19.681 4.509   -14.091 1.00 51.95 ? 127 GLU A O   1 
ATOM   1012 C CB  . GLU A 1 127 ? -18.139 3.228   -11.989 1.00 50.63 ? 127 GLU A CB  1 
ATOM   1013 C CG  . GLU A 1 127 ? -17.996 2.767   -10.526 1.00 48.99 ? 127 GLU A CG  1 
ATOM   1014 C CD  . GLU A 1 127 ? -19.322 2.547   -9.782  1.00 48.78 ? 127 GLU A CD  1 
ATOM   1015 O OE1 . GLU A 1 127 ? -20.381 3.127   -10.147 1.00 48.74 ? 127 GLU A OE1 1 
ATOM   1016 O OE2 . GLU A 1 127 ? -19.305 1.782   -8.798  1.00 49.41 ? 127 GLU A OE2 1 
ATOM   1017 N N   . THR A 1 128 ? -19.565 2.586   -15.234 1.00 52.98 ? 128 THR A N   1 
ATOM   1018 C CA  . THR A 1 128 ? -19.761 3.239   -16.542 1.00 54.31 ? 128 THR A CA  1 
ATOM   1019 C C   . THR A 1 128 ? -20.291 2.333   -17.680 1.00 54.96 ? 128 THR A C   1 
ATOM   1020 O O   . THR A 1 128 ? -19.468 1.798   -18.427 1.00 55.21 ? 128 THR A O   1 
ATOM   1021 C CB  . THR A 1 128 ? -18.408 3.858   -17.087 1.00 54.47 ? 128 THR A CB  1 
ATOM   1022 O OG1 . THR A 1 128 ? -17.474 2.805   -17.377 1.00 54.78 ? 128 THR A OG1 1 
ATOM   1023 C CG2 . THR A 1 128 ? -17.748 4.853   -16.106 1.00 54.83 ? 128 THR A CG2 1 
ATOM   1024 N N   . LEU A 1 129 ? -21.601 2.079   -17.843 1.00 55.80 ? 129 LEU A N   1 
ATOM   1025 C CA  . LEU A 1 129 ? -22.685 2.055   -16.834 1.00 56.37 ? 129 LEU A CA  1 
ATOM   1026 C C   . LEU A 1 129 ? -22.878 3.264   -15.910 1.00 56.94 ? 129 LEU A C   1 
ATOM   1027 O O   . LEU A 1 129 ? -23.936 3.410   -15.287 1.00 57.22 ? 129 LEU A O   1 
ATOM   1028 C CB  . LEU A 1 129 ? -22.630 0.748   -16.012 1.00 56.70 ? 129 LEU A CB  1 
ATOM   1029 C CG  . LEU A 1 129 ? -23.191 -0.583  -16.562 1.00 56.47 ? 129 LEU A CG  1 
ATOM   1030 C CD1 . LEU A 1 129 ? -22.439 -1.111  -17.780 1.00 56.18 ? 129 LEU A CD1 1 
ATOM   1031 C CD2 . LEU A 1 129 ? -23.191 -1.637  -15.465 1.00 56.29 ? 129 LEU A CD2 1 
ATOM   1032 N N   . GLU B 2 28  ? 14.347  -9.507  -3.670  1.00 60.42 ? 145 GLU B N   1 
ATOM   1033 C CA  . GLU B 2 28  ? 14.517  -8.949  -2.278  1.00 60.00 ? 145 GLU B CA  1 
ATOM   1034 C C   . GLU B 2 28  ? 13.204  -9.066  -1.510  1.00 57.84 ? 145 GLU B C   1 
ATOM   1035 O O   . GLU B 2 28  ? 12.100  -8.963  -2.108  1.00 58.88 ? 145 GLU B O   1 
ATOM   1036 C CB  . GLU B 2 28  ? 15.000  -7.478  -2.301  1.00 60.85 ? 145 GLU B CB  1 
ATOM   1037 C CG  . GLU B 2 28  ? 16.030  -7.143  -3.427  1.00 65.57 ? 145 GLU B CG  1 
ATOM   1038 C CD  . GLU B 2 28  ? 16.838  -8.372  -3.895  1.00 70.86 ? 145 GLU B CD  1 
ATOM   1039 O OE1 . GLU B 2 28  ? 16.657  -8.797  -5.070  1.00 72.93 ? 145 GLU B OE1 1 
ATOM   1040 O OE2 . GLU B 2 28  ? 17.617  -8.932  -3.075  1.00 71.75 ? 145 GLU B OE2 1 
ATOM   1041 N N   . THR B 2 29  ? 13.332  -9.290  -0.198  1.00 53.77 ? 146 THR B N   1 
ATOM   1042 C CA  . THR B 2 29  ? 12.183  -9.465  0.695   1.00 49.74 ? 146 THR B CA  1 
ATOM   1043 C C   . THR B 2 29  ? 11.288  -8.227  0.638   1.00 46.53 ? 146 THR B C   1 
ATOM   1044 O O   . THR B 2 29  ? 11.775  -7.097  0.688   1.00 46.05 ? 146 THR B O   1 
ATOM   1045 C CB  . THR B 2 29  ? 12.610  -9.896  2.141   1.00 49.84 ? 146 THR B CB  1 
ATOM   1046 O OG1 . THR B 2 29  ? 11.750  -9.304  3.118   1.00 50.40 ? 146 THR B OG1 1 
ATOM   1047 C CG2 . THR B 2 29  ? 14.060  -9.518  2.439   1.00 50.47 ? 146 THR B CG2 1 
ATOM   1048 N N   . SER B 2 30  ? 9.991   -8.450  0.462   1.00 42.61 ? 147 SER B N   1 
ATOM   1049 C CA  . SER B 2 30  ? 9.065   -7.363  0.144   1.00 38.79 ? 147 SER B CA  1 
ATOM   1050 C C   . SER B 2 30  ? 8.846   -6.359  1.274   1.00 36.15 ? 147 SER B C   1 
ATOM   1051 O O   . SER B 2 30  ? 9.022   -6.658  2.448   1.00 34.65 ? 147 SER B O   1 
ATOM   1052 C CB  . SER B 2 30  ? 7.705   -7.915  -0.293  1.00 38.89 ? 147 SER B CB  1 
ATOM   1053 O OG  . SER B 2 30  ? 6.964   -8.348  0.835   1.00 37.62 ? 147 SER B OG  1 
ATOM   1054 N N   . LEU B 2 31  ? 8.426   -5.160  0.881   1.00 34.63 ? 148 LEU B N   1 
ATOM   1055 C CA  . LEU B 2 31  ? 7.928   -4.160  1.834   1.00 32.28 ? 148 LEU B CA  1 
ATOM   1056 C C   . LEU B 2 31  ? 6.816   -4.736  2.695   1.00 31.24 ? 148 LEU B C   1 
ATOM   1057 O O   . LEU B 2 31  ? 6.833   -4.553  3.915   1.00 30.21 ? 148 LEU B O   1 
ATOM   1058 C CB  . LEU B 2 31  ? 7.423   -2.945  1.090   1.00 32.46 ? 148 LEU B CB  1 
ATOM   1059 C CG  . LEU B 2 31  ? 8.508   -2.231  0.306   1.00 31.51 ? 148 LEU B CG  1 
ATOM   1060 C CD1 . LEU B 2 31  ? 7.887   -1.203  -0.629  1.00 30.83 ? 148 LEU B CD1 1 
ATOM   1061 C CD2 . LEU B 2 31  ? 9.506   -1.619  1.264   1.00 31.75 ? 148 LEU B CD2 1 
ATOM   1062 N N   . PHE B 2 32  ? 5.874   -5.456  2.074   1.00 30.08 ? 149 PHE B N   1 
ATOM   1063 C CA  . PHE B 2 32  ? 4.753   -6.022  2.819   1.00 30.67 ? 149 PHE B CA  1 
ATOM   1064 C C   . PHE B 2 32  ? 5.243   -7.006  3.878   1.00 31.12 ? 149 PHE B C   1 
ATOM   1065 O O   . PHE B 2 32  ? 4.739   -7.011  4.999   1.00 29.59 ? 149 PHE B O   1 
ATOM   1066 C CB  . PHE B 2 32  ? 3.723   -6.646  1.879   1.00 30.57 ? 149 PHE B CB  1 
ATOM   1067 C CG  . PHE B 2 32  ? 2.539   -7.302  2.584   1.00 31.92 ? 149 PHE B CG  1 
ATOM   1068 C CD1 . PHE B 2 32  ? 1.730   -6.580  3.469   1.00 33.79 ? 149 PHE B CD1 1 
ATOM   1069 C CD2 . PHE B 2 32  ? 2.216   -8.636  2.324   1.00 31.67 ? 149 PHE B CD2 1 
ATOM   1070 C CE1 . PHE B 2 32  ? 0.627   -7.180  4.090   1.00 30.88 ? 149 PHE B CE1 1 
ATOM   1071 C CE2 . PHE B 2 32  ? 1.116   -9.255  2.951   1.00 32.25 ? 149 PHE B CE2 1 
ATOM   1072 C CZ  . PHE B 2 32  ? 0.328   -8.529  3.840   1.00 32.40 ? 149 PHE B CZ  1 
ATOM   1073 N N   . GLN B 2 33  ? 6.257   -7.812  3.513   1.00 32.17 ? 150 GLN B N   1 
ATOM   1074 C CA  . GLN B 2 33  ? 6.850   -8.782  4.433   1.00 33.33 ? 150 GLN B CA  1 
ATOM   1075 C C   . GLN B 2 33  ? 7.498   -8.058  5.605   1.00 32.99 ? 150 GLN B C   1 
ATOM   1076 O O   . GLN B 2 33  ? 7.272   -8.439  6.763   1.00 32.76 ? 150 GLN B O   1 
ATOM   1077 C CB  . GLN B 2 33  ? 7.803   -9.740  3.707   1.00 32.93 ? 150 GLN B CB  1 
ATOM   1078 C CG  . GLN B 2 33  ? 7.056   -10.585 2.637   1.00 35.32 ? 150 GLN B CG  1 
ATOM   1079 C CD  . GLN B 2 33  ? 7.954   -11.553 1.824   1.00 35.77 ? 150 GLN B CD  1 
ATOM   1080 O OE1 . GLN B 2 33  ? 7.785   -11.710 0.592   1.00 36.02 ? 150 GLN B OE1 1 
ATOM   1081 N NE2 . GLN B 2 33  ? 8.887   -12.232 2.521   1.00 38.39 ? 150 GLN B NE2 1 
ATOM   1082 N N   . GLY B 2 34  ? 8.241   -6.981  5.329   1.00 32.33 ? 151 GLY B N   1 
ATOM   1083 C CA  . GLY B 2 34  ? 8.753   -6.173  6.419   1.00 33.04 ? 151 GLY B CA  1 
ATOM   1084 C C   . GLY B 2 34  ? 7.650   -5.557  7.275   1.00 34.15 ? 151 GLY B C   1 
ATOM   1085 O O   . GLY B 2 34  ? 7.791   -5.394  8.494   1.00 34.97 ? 151 GLY B O   1 
ATOM   1086 N N   . PHE B 2 35  ? 6.529   -5.208  6.664   1.00 33.82 ? 152 PHE B N   1 
ATOM   1087 C CA  . PHE B 2 35  ? 5.456   -4.638  7.455   1.00 33.52 ? 152 PHE B CA  1 
ATOM   1088 C C   . PHE B 2 35  ? 4.889   -5.720  8.389   1.00 34.23 ? 152 PHE B C   1 
ATOM   1089 O O   . PHE B 2 35  ? 4.640   -5.475  9.578   1.00 33.91 ? 152 PHE B O   1 
ATOM   1090 C CB  . PHE B 2 35  ? 4.363   -4.068  6.534   1.00 33.02 ? 152 PHE B CB  1 
ATOM   1091 C CG  . PHE B 2 35  ? 3.046   -3.830  7.214   1.00 31.99 ? 152 PHE B CG  1 
ATOM   1092 C CD1 . PHE B 2 35  ? 2.802   -2.625  7.890   1.00 29.19 ? 152 PHE B CD1 1 
ATOM   1093 C CD2 . PHE B 2 35  ? 2.056   -4.802  7.172   1.00 27.88 ? 152 PHE B CD2 1 
ATOM   1094 C CE1 . PHE B 2 35  ? 1.570   -2.416  8.523   1.00 33.34 ? 152 PHE B CE1 1 
ATOM   1095 C CE2 . PHE B 2 35  ? 0.866   -4.645  7.816   1.00 28.09 ? 152 PHE B CE2 1 
ATOM   1096 C CZ  . PHE B 2 35  ? 0.583   -3.447  8.480   1.00 33.85 ? 152 PHE B CZ  1 
ATOM   1097 N N   . LYS B 2 36  ? 4.612   -6.890  7.840   1.00 33.75 ? 153 LYS B N   1 
ATOM   1098 C CA  . LYS B 2 36  ? 4.020   -7.946  8.679   1.00 36.25 ? 153 LYS B CA  1 
ATOM   1099 C C   . LYS B 2 36  ? 4.926   -8.365  9.854   1.00 35.47 ? 153 LYS B C   1 
ATOM   1100 O O   . LYS B 2 36  ? 4.396   -8.677  10.895  1.00 37.11 ? 153 LYS B O   1 
ATOM   1101 C CB  . LYS B 2 36  ? 3.507   -9.153  7.873   1.00 35.55 ? 153 LYS B CB  1 
ATOM   1102 C CG  . LYS B 2 36  ? 2.365   -8.778  6.891   1.00 39.66 ? 153 LYS B CG  1 
ATOM   1103 C CD  . LYS B 2 36  ? 0.953   -8.471  7.535   1.00 42.01 ? 153 LYS B CD  1 
ATOM   1104 C CE  . LYS B 2 36  ? 0.269   -9.742  8.077   1.00 44.88 ? 153 LYS B CE  1 
ATOM   1105 N NZ  . LYS B 2 36  ? -1.117  -9.890  7.540   1.00 44.95 ? 153 LYS B NZ  1 
ATOM   1106 N N   . SER B 2 37  ? 6.246   -8.291  9.702   1.00 35.12 ? 154 SER B N   1 
ATOM   1107 C CA  . SER B 2 37  ? 7.173   -8.446  10.831  1.00 36.89 ? 154 SER B CA  1 
ATOM   1108 C C   . SER B 2 37  ? 7.113   -7.369  11.892  1.00 38.42 ? 154 SER B C   1 
ATOM   1109 O O   . SER B 2 37  ? 7.185   -7.696  13.105  1.00 38.76 ? 154 SER B O   1 
ATOM   1110 C CB  . SER B 2 37  ? 8.617   -8.547  10.374  1.00 36.16 ? 154 SER B CB  1 
ATOM   1111 O OG  . SER B 2 37  ? 8.789   -9.643  9.514   1.00 40.12 ? 154 SER B OG  1 
ATOM   1112 N N   . TYR B 2 38  ? 6.973   -6.100  11.453  1.00 38.67 ? 155 TYR B N   1 
ATOM   1113 C CA  . TYR B 2 38  ? 7.139   -4.959  12.337  1.00 37.92 ? 155 TYR B CA  1 
ATOM   1114 C C   . TYR B 2 38  ? 6.104   -4.937  13.459  1.00 37.90 ? 155 TYR B C   1 
ATOM   1115 O O   . TYR B 2 38  ? 6.481   -4.754  14.625  1.00 39.22 ? 155 TYR B O   1 
ATOM   1116 C CB  . TYR B 2 38  ? 7.143   -3.590  11.566  1.00 37.00 ? 155 TYR B CB  1 
ATOM   1117 C CG  . TYR B 2 38  ? 7.246   -2.399  12.509  1.00 35.31 ? 155 TYR B CG  1 
ATOM   1118 C CD1 . TYR B 2 38  ? 8.475   -2.021  13.020  1.00 32.95 ? 155 TYR B CD1 1 
ATOM   1119 C CD2 . TYR B 2 38  ? 6.096   -1.686  12.936  1.00 33.92 ? 155 TYR B CD2 1 
ATOM   1120 C CE1 . TYR B 2 38  ? 8.590   -0.956  13.917  1.00 33.80 ? 155 TYR B CE1 1 
ATOM   1121 C CE2 . TYR B 2 38  ? 6.215   -0.564  13.841  1.00 32.58 ? 155 TYR B CE2 1 
ATOM   1122 C CZ  . TYR B 2 38  ? 7.461   -0.240  14.319  1.00 31.86 ? 155 TYR B CZ  1 
ATOM   1123 O OH  . TYR B 2 38  ? 7.653   0.773   15.210  1.00 34.23 ? 155 TYR B OH  1 
ATOM   1124 N N   . LEU B 2 39  ? 4.819   -5.062  13.138  1.00 37.89 ? 156 LEU B N   1 
ATOM   1125 C CA  . LEU B 2 39  ? 3.788   -4.733  14.134  1.00 36.89 ? 156 LEU B CA  1 
ATOM   1126 C C   . LEU B 2 39  ? 3.659   -5.697  15.308  1.00 37.28 ? 156 LEU B C   1 
ATOM   1127 O O   . LEU B 2 39  ? 3.377   -5.251  16.430  1.00 37.87 ? 156 LEU B O   1 
ATOM   1128 C CB  . LEU B 2 39  ? 2.393   -4.529  13.512  1.00 38.04 ? 156 LEU B CB  1 
ATOM   1129 C CG  . LEU B 2 39  ? 1.828   -3.106  13.328  1.00 38.30 ? 156 LEU B CG  1 
ATOM   1130 C CD1 . LEU B 2 39  ? 0.450   -3.205  12.739  1.00 37.88 ? 156 LEU B CD1 1 
ATOM   1131 C CD2 . LEU B 2 39  ? 1.792   -2.253  14.628  1.00 36.70 ? 156 LEU B CD2 1 
ATOM   1132 N N   . PRO B 2 40  ? 3.765   -7.033  15.061  1.00 35.37 ? 157 PRO B N   1 
ATOM   1133 C CA  . PRO B 2 40  ? 3.736   -7.903  16.234  1.00 34.42 ? 157 PRO B CA  1 
ATOM   1134 C C   . PRO B 2 40  ? 4.814   -7.611  17.252  1.00 33.33 ? 157 PRO B C   1 
ATOM   1135 O O   . PRO B 2 40  ? 4.566   -7.685  18.454  1.00 32.70 ? 157 PRO B O   1 
ATOM   1136 C CB  . PRO B 2 40  ? 3.872   -9.322  15.632  1.00 34.64 ? 157 PRO B CB  1 
ATOM   1137 C CG  . PRO B 2 40  ? 3.313   -9.196  14.264  1.00 34.77 ? 157 PRO B CG  1 
ATOM   1138 C CD  . PRO B 2 40  ? 3.784   -7.810  13.806  1.00 34.63 ? 157 PRO B CD  1 
ATOM   1139 N N   . ILE B 2 41  ? 5.998   -7.263  16.767  1.00 33.30 ? 158 ILE B N   1 
ATOM   1140 C CA  . ILE B 2 41  ? 7.151   -7.003  17.638  1.00 32.47 ? 158 ILE B CA  1 
ATOM   1141 C C   . ILE B 2 41  ? 7.014   -5.679  18.361  1.00 32.70 ? 158 ILE B C   1 
ATOM   1142 O O   . ILE B 2 41  ? 7.284   -5.594  19.563  1.00 31.97 ? 158 ILE B O   1 
ATOM   1143 C CB  . ILE B 2 41  ? 8.468   -7.095  16.859  1.00 32.20 ? 158 ILE B CB  1 
ATOM   1144 C CG1 . ILE B 2 41  ? 8.662   -8.513  16.258  1.00 32.50 ? 158 ILE B CG1 1 
ATOM   1145 C CG2 . ILE B 2 41  ? 9.659   -6.731  17.734  1.00 33.38 ? 158 ILE B CG2 1 
ATOM   1146 C CD1 . ILE B 2 41  ? 8.421   -9.692  17.251  1.00 31.81 ? 158 ILE B CD1 1 
ATOM   1147 N N   . ALA B 2 42  ? 6.562   -4.650  17.630  1.00 32.29 ? 159 ALA B N   1 
ATOM   1148 C CA  . ALA B 2 42  ? 6.217   -3.361  18.233  1.00 32.36 ? 159 ALA B CA  1 
ATOM   1149 C C   . ALA B 2 42  ? 5.161   -3.481  19.326  1.00 32.39 ? 159 ALA B C   1 
ATOM   1150 O O   . ALA B 2 42  ? 5.283   -2.885  20.386  1.00 32.37 ? 159 ALA B O   1 
ATOM   1151 C CB  . ALA B 2 42  ? 5.810   -2.328  17.152  1.00 32.39 ? 159 ALA B CB  1 
ATOM   1152 N N   . GLU B 2 43  ? 4.141   -4.287  19.101  1.00 32.95 ? 160 GLU B N   1 
ATOM   1153 C CA  . GLU B 2 43  ? 3.132   -4.516  20.141  1.00 34.23 ? 160 GLU B CA  1 
ATOM   1154 C C   . GLU B 2 43  ? 3.662   -5.289  21.353  1.00 33.61 ? 160 GLU B C   1 
ATOM   1155 O O   . GLU B 2 43  ? 3.173   -5.138  22.469  1.00 32.91 ? 160 GLU B O   1 
ATOM   1156 C CB  . GLU B 2 43  ? 1.928   -5.234  19.545  1.00 34.56 ? 160 GLU B CB  1 
ATOM   1157 C CG  . GLU B 2 43  ? 1.184   -4.375  18.500  1.00 36.73 ? 160 GLU B CG  1 
ATOM   1158 C CD  . GLU B 2 43  ? 0.077   -5.139  17.772  1.00 37.27 ? 160 GLU B CD  1 
ATOM   1159 O OE1 . GLU B 2 43  ? 0.265   -6.342  17.427  1.00 45.34 ? 160 GLU B OE1 1 
ATOM   1160 O OE2 . GLU B 2 43  ? -0.983  -4.540  17.547  1.00 37.70 ? 160 GLU B OE2 1 
ATOM   1161 N N   . LEU B 2 44  ? 4.687   -6.109  21.124  1.00 33.27 ? 161 LEU B N   1 
ATOM   1162 C CA  . LEU B 2 44  ? 5.329   -6.860  22.175  1.00 33.72 ? 161 LEU B CA  1 
ATOM   1163 C C   . LEU B 2 44  ? 6.047   -5.874  23.113  1.00 33.72 ? 161 LEU B C   1 
ATOM   1164 O O   . LEU B 2 44  ? 6.082   -6.043  24.342  1.00 32.97 ? 161 LEU B O   1 
ATOM   1165 C CB  . LEU B 2 44  ? 6.303   -7.873  21.513  1.00 33.84 ? 161 LEU B CB  1 
ATOM   1166 C CG  . LEU B 2 44  ? 7.171   -8.766  22.358  1.00 35.07 ? 161 LEU B CG  1 
ATOM   1167 C CD1 . LEU B 2 44  ? 6.229   -9.730  23.053  1.00 34.52 ? 161 LEU B CD1 1 
ATOM   1168 C CD2 . LEU B 2 44  ? 8.285   -9.499  21.519  1.00 33.75 ? 161 LEU B CD2 1 
ATOM   1169 N N   . ALA B 2 45  ? 6.634   -4.845  22.513  1.00 34.60 ? 162 ALA B N   1 
ATOM   1170 C CA  . ALA B 2 45  ? 7.358   -3.821  23.241  1.00 36.09 ? 162 ALA B CA  1 
ATOM   1171 C C   . ALA B 2 45  ? 6.479   -2.931  24.127  1.00 37.32 ? 162 ALA B C   1 
ATOM   1172 O O   . ALA B 2 45  ? 7.010   -2.224  24.964  1.00 38.25 ? 162 ALA B O   1 
ATOM   1173 C CB  . ALA B 2 45  ? 8.119   -2.940  22.275  1.00 36.60 ? 162 ALA B CB  1 
ATOM   1174 N N   . ILE B 2 46  ? 5.157   -2.944  23.960  1.00 38.54 ? 163 ILE B N   1 
ATOM   1175 C CA  . ILE B 2 46  ? 4.307   -2.008  24.724  1.00 39.81 ? 163 ILE B CA  1 
ATOM   1176 C C   . ILE B 2 46  ? 4.134   -2.381  26.198  1.00 41.25 ? 163 ILE B C   1 
ATOM   1177 O O   . ILE B 2 46  ? 3.914   -3.541  26.521  1.00 41.75 ? 163 ILE B O   1 
ATOM   1178 C CB  . ILE B 2 46  ? 2.924   -1.837  24.087  1.00 39.28 ? 163 ILE B CB  1 
ATOM   1179 C CG1 . ILE B 2 46  ? 3.076   -1.298  22.667  1.00 39.06 ? 163 ILE B CG1 1 
ATOM   1180 C CG2 . ILE B 2 46  ? 2.053   -0.892  24.938  1.00 38.70 ? 163 ILE B CG2 1 
ATOM   1181 C CD1 . ILE B 2 46  ? 1.820   -1.386  21.841  1.00 40.38 ? 163 ILE B CD1 1 
ATOM   1182 N N   . GLU B 2 47  ? 4.227   -1.379  27.078  1.00 43.36 ? 164 GLU B N   1 
ATOM   1183 C CA  . GLU B 2 47  ? 3.961   -1.535  28.516  1.00 44.57 ? 164 GLU B CA  1 
ATOM   1184 C C   . GLU B 2 47  ? 3.115   -0.389  29.036  1.00 44.54 ? 164 GLU B C   1 
ATOM   1185 O O   . GLU B 2 47  ? 1.915   -0.327  28.774  1.00 44.80 ? 164 GLU B O   1 
ATOM   1186 C CB  . GLU B 2 47  ? 5.263   -1.599  29.305  1.00 45.34 ? 164 GLU B CB  1 
ATOM   1187 C CG  . GLU B 2 47  ? 5.085   -1.930  30.790  1.00 48.35 ? 164 GLU B CG  1 
ATOM   1188 C CD  . GLU B 2 47  ? 6.264   -2.737  31.344  1.00 52.43 ? 164 GLU B CD  1 
ATOM   1189 O OE1 . GLU B 2 47  ? 7.374   -2.165  31.492  1.00 53.76 ? 164 GLU B OE1 1 
ATOM   1190 O OE2 . GLU B 2 47  ? 6.086   -3.949  31.626  1.00 53.71 ? 164 GLU B OE2 1 
HETATM 1191 O O   . HOH C 3 .   ? 6.231   3.057   10.476  1.00 28.10 ? 130 HOH A O   1 
HETATM 1192 O O   . HOH C 3 .   ? 7.338   0.694   11.124  1.00 34.11 ? 131 HOH A O   1 
HETATM 1193 O O   . HOH C 3 .   ? -2.438  -5.889  5.896   1.00 23.61 ? 132 HOH A O   1 
HETATM 1194 O O   . HOH C 3 .   ? -1.746  8.467   11.641  1.00 33.44 ? 133 HOH A O   1 
HETATM 1195 O O   . HOH C 3 .   ? -6.582  -4.980  10.901  1.00 40.69 ? 134 HOH A O   1 
HETATM 1196 O O   . HOH C 3 .   ? -5.497  1.689   9.027   1.00 28.87 ? 135 HOH A O   1 
HETATM 1197 O O   . HOH C 3 .   ? -0.219  3.308   20.109  1.00 36.36 ? 136 HOH A O   1 
HETATM 1198 O O   . HOH C 3 .   ? 8.261   8.553   18.405  1.00 51.40 ? 137 HOH A O   1 
HETATM 1199 O O   . HOH C 3 .   ? 6.359   3.044   17.261  1.00 34.15 ? 138 HOH A O   1 
HETATM 1200 O O   . HOH C 3 .   ? 4.950   -5.681  -1.044  1.00 45.29 ? 139 HOH A O   1 
HETATM 1201 O O   . HOH C 3 .   ? -5.250  -4.942  13.016  1.00 44.75 ? 140 HOH A O   1 
HETATM 1202 O O   . HOH C 3 .   ? 8.793   4.553   17.653  1.00 44.89 ? 141 HOH A O   1 
HETATM 1203 O O   . HOH C 3 .   ? -5.625  -5.567  8.962   1.00 36.98 ? 142 HOH A O   1 
HETATM 1204 O O   . HOH C 3 .   ? -12.937 -0.536  5.448   1.00 47.55 ? 143 HOH A O   1 
HETATM 1205 O O   . HOH C 3 .   ? 10.094  0.438   10.844  1.00 43.11 ? 144 HOH A O   1 
HETATM 1206 O O   . HOH C 3 .   ? 4.879   7.181   -14.524 1.00 72.36 ? 145 HOH A O   1 
HETATM 1207 O O   . HOH C 3 .   ? -2.183  5.196   20.984  1.00 55.92 ? 146 HOH A O   1 
HETATM 1208 O O   . HOH C 3 .   ? -13.555 3.434   -4.676  1.00 48.21 ? 147 HOH A O   1 
HETATM 1209 O O   . HOH C 3 .   ? -4.270  9.584   11.156  1.00 44.38 ? 148 HOH A O   1 
HETATM 1210 O O   . HOH C 3 .   ? -14.785 1.208   4.147   1.00 53.60 ? 149 HOH A O   1 
HETATM 1211 O O   . HOH C 3 .   ? -10.480 1.063   4.857   1.00 40.96 ? 150 HOH A O   1 
HETATM 1212 O O   . HOH C 3 .   ? -2.008  7.891   13.986  1.00 35.63 ? 151 HOH A O   1 
HETATM 1213 O O   . HOH C 3 .   ? -9.680  6.396   11.033  1.00 40.24 ? 152 HOH A O   1 
HETATM 1214 O O   . HOH C 3 .   ? -9.402  3.761   10.097  1.00 34.39 ? 153 HOH A O   1 
HETATM 1215 O O   . HOH C 3 .   ? -4.291  6.195   15.338  1.00 38.35 ? 154 HOH A O   1 
HETATM 1216 O O   . HOH C 3 .   ? -6.791  2.907   11.197  1.00 33.91 ? 155 HOH A O   1 
HETATM 1217 O O   . HOH C 3 .   ? -2.268  11.876  -2.228  1.00 51.58 ? 156 HOH A O   1 
HETATM 1218 O O   . HOH C 3 .   ? 7.919   9.499   1.908   1.00 47.42 ? 157 HOH A O   1 
HETATM 1219 O O   . HOH C 3 .   ? -0.998  -4.003  -19.972 1.00 64.18 ? 158 HOH A O   1 
HETATM 1220 O O   . HOH C 3 .   ? -11.742 2.824   11.058  1.00 53.02 ? 159 HOH A O   1 
HETATM 1221 O O   . HOH C 3 .   ? -9.635  5.211   13.479  1.00 55.40 ? 160 HOH A O   1 
HETATM 1222 O O   . HOH C 3 .   ? 9.125   12.515  19.188  1.00 58.98 ? 161 HOH A O   1 
HETATM 1223 O O   . HOH C 3 .   ? 0.403   13.542  12.729  1.00 58.20 ? 162 HOH A O   1 
HETATM 1224 O O   . HOH C 3 .   ? -4.142  13.835  3.156   1.00 51.70 ? 163 HOH A O   1 
HETATM 1225 O O   . HOH C 3 .   ? -11.001 17.421  4.194   1.00 50.27 ? 164 HOH A O   1 
HETATM 1226 O O   . HOH C 3 .   ? -10.491 17.430  7.131   1.00 49.46 ? 165 HOH A O   1 
HETATM 1227 O O   . HOH C 3 .   ? -11.981 -6.058  4.011   1.00 52.52 ? 166 HOH A O   1 
HETATM 1228 O O   . HOH C 3 .   ? -4.342  -7.256  14.857  1.00 60.74 ? 167 HOH A O   1 
HETATM 1229 O O   . HOH C 3 .   ? -9.789  0.801   13.079  1.00 39.74 ? 168 HOH A O   1 
HETATM 1230 O O   . HOH D 3 .   ? 8.817   -3.895  15.502  1.00 41.44 ? 18  HOH B O   1 
HETATM 1231 O O   . HOH D 3 .   ? 6.024   -0.293  20.369  1.00 44.16 ? 21  HOH B O   1 
# 
loop_
_pdbx_poly_seq_scheme.asym_id 
_pdbx_poly_seq_scheme.entity_id 
_pdbx_poly_seq_scheme.seq_id 
_pdbx_poly_seq_scheme.mon_id 
_pdbx_poly_seq_scheme.ndb_seq_num 
_pdbx_poly_seq_scheme.pdb_seq_num 
_pdbx_poly_seq_scheme.auth_seq_num 
_pdbx_poly_seq_scheme.pdb_mon_id 
_pdbx_poly_seq_scheme.auth_mon_id 
_pdbx_poly_seq_scheme.pdb_strand_id 
_pdbx_poly_seq_scheme.pdb_ins_code 
_pdbx_poly_seq_scheme.hetero 
A 1 1   MET 1   1   ?   ?   ?   A . n 
A 1 2   THR 2   2   ?   ?   ?   A . n 
A 1 3   LYS 3   3   ?   ?   ?   A . n 
A 1 4   VAL 4   4   4   VAL VAL A . n 
A 1 5   ASP 5   5   5   ASP ASP A . n 
A 1 6   PHE 6   6   6   PHE PHE A . n 
A 1 7   TRP 7   7   7   TRP TRP A . n 
A 1 8   PRO 8   8   8   PRO PRO A . n 
A 1 9   THR 9   9   9   THR THR A . n 
A 1 10  LEU 10  10  10  LEU LEU A . n 
A 1 11  LYS 11  11  11  LYS LYS A . n 
A 1 12  ASP 12  12  12  ASP ASP A . n 
A 1 13  ALA 13  13  13  ALA ALA A . n 
A 1 14  TYR 14  14  14  TYR TYR A . n 
A 1 15  GLU 15  15  15  GLU GLU A . n 
A 1 16  PRO 16  16  16  PRO PRO A . n 
A 1 17  LEU 17  17  17  LEU LEU A . n 
A 1 18  TYR 18  18  18  TYR TYR A . n 
A 1 19  PRO 19  19  19  PRO PRO A . n 
A 1 20  GLN 20  20  20  GLN GLN A . n 
A 1 21  GLN 21  21  21  GLN GLN A . n 
A 1 22  LEU 22  22  22  LEU LEU A . n 
A 1 23  GLU 23  23  23  GLU GLU A . n 
A 1 24  ILE 24  24  24  ILE ILE A . n 
A 1 25  LEU 25  25  25  LEU LEU A . n 
A 1 26  ARG 26  26  26  ARG ARG A . n 
A 1 27  GLN 27  27  27  GLN GLN A . n 
A 1 28  GLN 28  28  28  GLN GLN A . n 
A 1 29  VAL 29  29  29  VAL VAL A . n 
A 1 30  VAL 30  30  30  VAL VAL A . n 
A 1 31  SER 31  31  31  SER SER A . n 
A 1 32  GLU 32  32  32  GLU GLU A . n 
A 1 33  GLY 33  33  33  GLY GLY A . n 
A 1 34  GLY 34  34  34  GLY GLY A . n 
A 1 35  PRO 35  35  35  PRO PRO A . n 
A 1 36  THR 36  36  36  THR THR A . n 
A 1 37  ALA 37  37  37  ALA ALA A . n 
A 1 38  THR 38  38  38  THR THR A . n 
A 1 39  ILE 39  39  39  ILE ILE A . n 
A 1 40  GLN 40  40  40  GLN GLN A . n 
A 1 41  SER 41  41  41  SER SER A . n 
A 1 42  ARG 42  42  42  ARG ARG A . n 
A 1 43  PHE 43  43  43  PHE PHE A . n 
A 1 44  ASN 44  44  44  ASN ASN A . n 
A 1 45  TYR 45  45  45  TYR TYR A . n 
A 1 46  ALA 46  46  46  ALA ALA A . n 
A 1 47  TRP 47  47  47  TRP TRP A . n 
A 1 48  GLY 48  48  48  GLY GLY A . n 
A 1 49  LEU 49  49  49  LEU LEU A . n 
A 1 50  ILE 50  50  50  ILE ILE A . n 
A 1 51  LYS 51  51  51  LYS LYS A . n 
A 1 52  SER 52  52  52  SER SER A . n 
A 1 53  THR 53  53  53  THR THR A . n 
A 1 54  ASP 54  54  54  ASP ASP A . n 
A 1 55  VAL 55  55  55  VAL VAL A . n 
A 1 56  ASN 56  56  56  ASN ASN A . n 
A 1 57  ASP 57  57  57  ASP ASP A . n 
A 1 58  GLU 58  58  58  GLU GLU A . n 
A 1 59  ARG 59  59  59  ARG ARG A . n 
A 1 60  LEU 60  60  60  LEU LEU A . n 
A 1 61  GLY 61  61  61  GLY GLY A . n 
A 1 62  VAL 62  62  62  VAL VAL A . n 
A 1 63  LYS 63  63  63  LYS LYS A . n 
A 1 64  ILE 64  64  64  ILE ILE A . n 
A 1 65  LEU 65  65  65  LEU LEU A . n 
A 1 66  THR 66  66  66  THR THR A . n 
A 1 67  ASP 67  67  67  ASP ASP A . n 
A 1 68  ILE 68  68  68  ILE ILE A . n 
A 1 69  TYR 69  69  69  TYR TYR A . n 
A 1 70  LYS 70  70  70  LYS LYS A . n 
A 1 71  GLU 71  71  71  GLU GLU A . n 
A 1 72  ALA 72  72  72  ALA ALA A . n 
A 1 73  GLU 73  73  73  GLU GLU A . n 
A 1 74  SER 74  74  74  SER SER A . n 
A 1 75  ARG 75  75  75  ARG ARG A . n 
A 1 76  ARG 76  76  76  ARG ARG A . n 
A 1 77  ARG 77  77  77  ARG ARG A . n 
A 1 78  GLU 78  78  78  GLU GLU A . n 
A 1 79  CYS 79  79  79  CYS CYS A . n 
A 1 80  LEU 80  80  80  LEU LEU A . n 
A 1 81  TYR 81  81  81  TYR TYR A . n 
A 1 82  TYR 82  82  82  TYR TYR A . n 
A 1 83  LEU 83  83  83  LEU LEU A . n 
A 1 84  THR 84  84  84  THR THR A . n 
A 1 85  ILE 85  85  85  ILE ILE A . n 
A 1 86  GLY 86  86  86  GLY GLY A . n 
A 1 87  CYS 87  87  87  CYS CYS A . n 
A 1 88  TYR 88  88  88  TYR TYR A . n 
A 1 89  LYS 89  89  89  LYS LYS A . n 
A 1 90  LEU 90  90  90  LEU LEU A . n 
A 1 91  GLY 91  91  91  GLY GLY A . n 
A 1 92  GLU 92  92  92  GLU GLU A . n 
A 1 93  TYR 93  93  93  TYR TYR A . n 
A 1 94  SER 94  94  94  SER SER A . n 
A 1 95  MET 95  95  95  MET MET A . n 
A 1 96  ALA 96  96  96  ALA ALA A . n 
A 1 97  LYS 97  97  97  LYS LYS A . n 
A 1 98  ARG 98  98  98  ARG ARG A . n 
A 1 99  TYR 99  99  99  TYR TYR A . n 
A 1 100 VAL 100 100 100 VAL VAL A . n 
A 1 101 ASP 101 101 101 ASP ASP A . n 
A 1 102 THR 102 102 102 THR THR A . n 
A 1 103 LEU 103 103 103 LEU LEU A . n 
A 1 104 PHE 104 104 104 PHE PHE A . n 
A 1 105 GLU 105 105 105 GLU GLU A . n 
A 1 106 HIS 106 106 106 HIS HIS A . n 
A 1 107 GLU 107 107 107 GLU GLU A . n 
A 1 108 ARG 108 108 108 ARG ALA A . n 
A 1 109 ASN 109 109 109 ASN ASN A . n 
A 1 110 ASN 110 110 110 ASN ASN A . n 
A 1 111 LYS 111 111 111 LYS LYS A . n 
A 1 112 GLN 112 112 112 GLN GLN A . n 
A 1 113 VAL 113 113 113 VAL VAL A . n 
A 1 114 GLY 114 114 114 GLY GLY A . n 
A 1 115 ALA 115 115 115 ALA ALA A . n 
A 1 116 LEU 116 116 116 LEU LEU A . n 
A 1 117 LYS 117 117 117 LYS LYS A . n 
A 1 118 SER 118 118 118 SER SER A . n 
A 1 119 MET 119 119 119 MET MET A . n 
A 1 120 VAL 120 120 120 VAL VAL A . n 
A 1 121 GLU 121 121 121 GLU GLU A . n 
A 1 122 ASP 122 122 122 ASP ASP A . n 
A 1 123 LYS 123 123 123 LYS LYS A . n 
A 1 124 ILE 124 124 124 ILE ILE A . n 
A 1 125 GLN 125 125 125 GLN GLN A . n 
A 1 126 LYS 126 126 126 LYS LYS A . n 
A 1 127 GLU 127 127 127 GLU GLU A . n 
A 1 128 THR 128 128 128 THR THR A . n 
A 1 129 LEU 129 129 129 LEU LEU A . n 
B 2 1   GLY 1   118 ?   ?   ?   B . n 
B 2 2   SER 2   119 ?   ?   ?   B . n 
B 2 3   HIS 3   120 ?   ?   ?   B . n 
B 2 4   MET 4   121 ?   ?   ?   B . n 
B 2 5   ASP 5   122 ?   ?   ?   B . n 
B 2 6   ALA 6   123 ?   ?   ?   B . n 
B 2 7   ASP 7   124 ?   ?   ?   B . n 
B 2 8   GLY 8   125 ?   ?   ?   B . n 
B 2 9   LYS 9   126 ?   ?   ?   B . n 
B 2 10  LEU 10  127 ?   ?   ?   B . n 
B 2 11  LEU 11  128 ?   ?   ?   B . n 
B 2 12  THR 12  129 ?   ?   ?   B . n 
B 2 13  GLU 13  130 ?   ?   ?   B . n 
B 2 14  GLY 14  131 ?   ?   ?   B . n 
B 2 15  GLY 15  132 ?   ?   ?   B . n 
B 2 16  GLU 16  133 ?   ?   ?   B . n 
B 2 17  ASN 17  134 ?   ?   ?   B . n 
B 2 18  GLU 18  135 ?   ?   ?   B . n 
B 2 19  ASN 19  136 ?   ?   ?   B . n 
B 2 20  LEU 20  137 ?   ?   ?   B . n 
B 2 21  ARG 21  138 ?   ?   ?   B . n 
B 2 22  LYS 22  139 ?   ?   ?   B . n 
B 2 23  ASN 23  140 ?   ?   ?   B . n 
B 2 24  ALA 24  141 ?   ?   ?   B . n 
B 2 25  SER 25  142 ?   ?   ?   B . n 
B 2 26  LYS 26  143 ?   ?   ?   B . n 
B 2 27  LYS 27  144 ?   ?   ?   B . n 
B 2 28  GLU 28  145 145 GLU GLU B . n 
B 2 29  THR 29  146 146 THR THR B . n 
B 2 30  SER 30  147 147 SER SER B . n 
B 2 31  LEU 31  148 148 LEU LEU B . n 
B 2 32  PHE 32  149 149 PHE PHE B . n 
B 2 33  GLN 33  150 150 GLN GLN B . n 
B 2 34  GLY 34  151 151 GLY GLY B . n 
B 2 35  PHE 35  152 152 PHE PHE B . n 
B 2 36  LYS 36  153 153 LYS LYS B . n 
B 2 37  SER 37  154 154 SER SER B . n 
B 2 38  TYR 38  155 155 TYR TYR B . n 
B 2 39  LEU 39  156 156 LEU LEU B . n 
B 2 40  PRO 40  157 157 PRO PRO B . n 
B 2 41  ILE 41  158 158 ILE ILE B . n 
B 2 42  ALA 42  159 159 ALA ALA B . n 
B 2 43  GLU 43  160 160 GLU GLU B . n 
B 2 44  LEU 44  161 161 LEU LEU B . n 
B 2 45  ALA 45  162 162 ALA ALA B . n 
B 2 46  ILE 46  163 163 ILE ILE B . n 
B 2 47  GLU 47  164 164 GLU GLU B . n 
B 2 48  ASN 48  165 ?   ?   ?   B . n 
B 2 49  THR 49  166 ?   ?   ?   B . n 
B 2 50  GLU 50  167 ?   ?   ?   B . n 
B 2 51  ARG 51  168 ?   ?   ?   B . n 
B 2 52  LEU 52  169 ?   ?   ?   B . n 
B 2 53  ASN 53  170 ?   ?   ?   B . n 
B 2 54  TYR 54  171 ?   ?   ?   B . n 
# 
loop_
_pdbx_nonpoly_scheme.asym_id 
_pdbx_nonpoly_scheme.entity_id 
_pdbx_nonpoly_scheme.mon_id 
_pdbx_nonpoly_scheme.ndb_seq_num 
_pdbx_nonpoly_scheme.pdb_seq_num 
_pdbx_nonpoly_scheme.auth_seq_num 
_pdbx_nonpoly_scheme.pdb_mon_id 
_pdbx_nonpoly_scheme.auth_mon_id 
_pdbx_nonpoly_scheme.pdb_strand_id 
_pdbx_nonpoly_scheme.pdb_ins_code 
C 3 HOH 1  130 1  HOH HOH A . 
C 3 HOH 2  131 2  HOH HOH A . 
C 3 HOH 3  132 3  HOH HOH A . 
C 3 HOH 4  133 4  HOH HOH A . 
C 3 HOH 5  134 5  HOH HOH A . 
C 3 HOH 6  135 6  HOH HOH A . 
C 3 HOH 7  136 8  HOH HOH A . 
C 3 HOH 8  137 10 HOH HOH A . 
C 3 HOH 9  138 11 HOH HOH A . 
C 3 HOH 10 139 12 HOH HOH A . 
C 3 HOH 11 140 13 HOH HOH A . 
C 3 HOH 12 141 15 HOH HOH A . 
C 3 HOH 13 142 16 HOH HOH A . 
C 3 HOH 14 143 17 HOH HOH A . 
C 3 HOH 15 144 19 HOH HOH A . 
C 3 HOH 16 145 20 HOH HOH A . 
C 3 HOH 17 146 22 HOH HOH A . 
C 3 HOH 18 147 24 HOH HOH A . 
C 3 HOH 19 148 25 HOH HOH A . 
C 3 HOH 20 149 26 HOH HOH A . 
C 3 HOH 21 150 28 HOH HOH A . 
C 3 HOH 22 151 29 HOH HOH A . 
C 3 HOH 23 152 30 HOH HOH A . 
C 3 HOH 24 153 31 HOH HOH A . 
C 3 HOH 25 154 32 HOH HOH A . 
C 3 HOH 26 155 33 HOH HOH A . 
C 3 HOH 27 156 35 HOH HOH A . 
C 3 HOH 28 157 36 HOH HOH A . 
C 3 HOH 29 158 41 HOH HOH A . 
C 3 HOH 30 159 42 HOH HOH A . 
C 3 HOH 31 160 43 HOH HOH A . 
C 3 HOH 32 161 45 HOH HOH A . 
C 3 HOH 33 162 51 HOH HOH A . 
C 3 HOH 34 163 52 HOH HOH A . 
C 3 HOH 35 164 53 HOH HOH A . 
C 3 HOH 36 165 54 HOH HOH A . 
C 3 HOH 37 166 55 HOH HOH A . 
C 3 HOH 38 167 59 HOH HOH A . 
C 3 HOH 39 168 60 HOH HOH A . 
D 3 HOH 1  18  18 HOH HOH B . 
D 3 HOH 2  21  21 HOH HOH B . 
# 
_pdbx_struct_assembly.id                   1 
_pdbx_struct_assembly.details              author_defined_assembly 
_pdbx_struct_assembly.method_details       ? 
_pdbx_struct_assembly.oligomeric_details   dimeric 
_pdbx_struct_assembly.oligomeric_count     2 
# 
_pdbx_struct_assembly_gen.assembly_id       1 
_pdbx_struct_assembly_gen.oper_expression   1 
_pdbx_struct_assembly_gen.asym_id_list      A,B,C,D 
# 
_pdbx_struct_oper_list.id                   1 
_pdbx_struct_oper_list.type                 'identity operation' 
_pdbx_struct_oper_list.name                 1_555 
_pdbx_struct_oper_list.symmetry_operation   x,y,z 
_pdbx_struct_oper_list.matrix[1][1]         1.0000000000 
_pdbx_struct_oper_list.matrix[1][2]         0.0000000000 
_pdbx_struct_oper_list.matrix[1][3]         0.0000000000 
_pdbx_struct_oper_list.vector[1]            0.0000000000 
_pdbx_struct_oper_list.matrix[2][1]         0.0000000000 
_pdbx_struct_oper_list.matrix[2][2]         1.0000000000 
_pdbx_struct_oper_list.matrix[2][3]         0.0000000000 
_pdbx_struct_oper_list.vector[2]            0.0000000000 
_pdbx_struct_oper_list.matrix[3][1]         0.0000000000 
_pdbx_struct_oper_list.matrix[3][2]         0.0000000000 
_pdbx_struct_oper_list.matrix[3][3]         1.0000000000 
_pdbx_struct_oper_list.vector[3]            0.0000000000 
# 
loop_
_pdbx_audit_revision_history.ordinal 
_pdbx_audit_revision_history.data_content_type 
_pdbx_audit_revision_history.major_revision 
_pdbx_audit_revision_history.minor_revision 
_pdbx_audit_revision_history.revision_date 
1 'Structure model' 1 0 2007-11-06 
2 'Structure model' 1 1 2011-07-13 
3 'Structure model' 1 2 2017-10-18 
4 'Structure model' 1 3 2019-07-24 
5 'Structure model' 1 4 2023-08-30 
# 
_pdbx_audit_revision_details.ordinal             1 
_pdbx_audit_revision_details.revision_ordinal    1 
_pdbx_audit_revision_details.data_content_type   'Structure model' 
_pdbx_audit_revision_details.provider            repository 
_pdbx_audit_revision_details.type                'Initial release' 
_pdbx_audit_revision_details.description         ? 
_pdbx_audit_revision_details.details             ? 
# 
loop_
_pdbx_audit_revision_group.ordinal 
_pdbx_audit_revision_group.revision_ordinal 
_pdbx_audit_revision_group.data_content_type 
_pdbx_audit_revision_group.group 
1 2 'Structure model' Advisory                    
2 2 'Structure model' 'Version format compliance' 
3 3 'Structure model' 'Refinement description'    
4 4 'Structure model' 'Data collection'           
5 4 'Structure model' 'Refinement description'    
6 5 'Structure model' 'Data collection'           
7 5 'Structure model' 'Database references'       
8 5 'Structure model' 'Refinement description'    
# 
loop_
_pdbx_audit_revision_category.ordinal 
_pdbx_audit_revision_category.revision_ordinal 
_pdbx_audit_revision_category.data_content_type 
_pdbx_audit_revision_category.category 
1 3 'Structure model' software                      
2 4 'Structure model' software                      
3 5 'Structure model' chem_comp_atom                
4 5 'Structure model' chem_comp_bond                
5 5 'Structure model' database_2                    
6 5 'Structure model' pdbx_initial_refinement_model 
7 5 'Structure model' struct_ref_seq_dif            
# 
loop_
_pdbx_audit_revision_item.ordinal 
_pdbx_audit_revision_item.revision_ordinal 
_pdbx_audit_revision_item.data_content_type 
_pdbx_audit_revision_item.item 
1  3 'Structure model' '_software.classification'            
2  3 'Structure model' '_software.contact_author'            
3  3 'Structure model' '_software.contact_author_email'      
4  3 'Structure model' '_software.date'                      
5  3 'Structure model' '_software.language'                  
6  3 'Structure model' '_software.location'                  
7  3 'Structure model' '_software.name'                      
8  3 'Structure model' '_software.type'                      
9  3 'Structure model' '_software.version'                   
10 4 'Structure model' '_software.classification'            
11 4 'Structure model' '_software.contact_author'            
12 4 'Structure model' '_software.contact_author_email'      
13 4 'Structure model' '_software.language'                  
14 4 'Structure model' '_software.location'                  
15 4 'Structure model' '_software.name'                      
16 4 'Structure model' '_software.type'                      
17 5 'Structure model' '_database_2.pdbx_DOI'                
18 5 'Structure model' '_database_2.pdbx_database_accession' 
19 5 'Structure model' '_struct_ref_seq_dif.details'         
# 
loop_
_pdbx_refine_tls.id 
_pdbx_refine_tls.details 
_pdbx_refine_tls.method 
_pdbx_refine_tls.origin_x 
_pdbx_refine_tls.origin_y 
_pdbx_refine_tls.origin_z 
_pdbx_refine_tls.T[1][1] 
_pdbx_refine_tls.T[2][2] 
_pdbx_refine_tls.T[3][3] 
_pdbx_refine_tls.T[1][2] 
_pdbx_refine_tls.T[1][3] 
_pdbx_refine_tls.T[2][3] 
_pdbx_refine_tls.L[1][1] 
_pdbx_refine_tls.L[2][2] 
_pdbx_refine_tls.L[3][3] 
_pdbx_refine_tls.L[1][2] 
_pdbx_refine_tls.L[1][3] 
_pdbx_refine_tls.L[2][3] 
_pdbx_refine_tls.S[1][1] 
_pdbx_refine_tls.S[1][2] 
_pdbx_refine_tls.S[1][3] 
_pdbx_refine_tls.S[2][1] 
_pdbx_refine_tls.S[2][2] 
_pdbx_refine_tls.S[2][3] 
_pdbx_refine_tls.S[3][1] 
_pdbx_refine_tls.S[3][2] 
_pdbx_refine_tls.S[3][3] 
_pdbx_refine_tls.pdbx_refine_id 
1 ? refined -2.4489 -7.6638 -0.2368  0.1472  0.1066  0.1249  0.2119 -0.1327 -0.3050 33.1522 12.8988 11.2747 -8.4455  -12.2504 -1.2932 0.1133  0.7666  -3.0101 -0.5810 -0.2352 0.5829  1.5796  1.1909  0.1219  'X-RAY DIFFRACTION' 
2 ? refined 1.1230  5.1110  8.2321   -0.0136 -0.2096 0.1289  0.0906 0.0152  0.0173  5.1564  5.4816  2.6400  0.0825   1.1337   -0.2758 -0.0782 0.1782  0.1819  0.0197  0.0558  -0.1940 0.0361  0.0502  0.0224  'X-RAY DIFFRACTION' 
3 ? refined 9.1260  4.8373  -4.7910  -0.1111 0.1650  0.1194  0.0690 0.1588  0.0680  27.1802 13.0476 9.8056  -12.8598 -6.7225  8.4417  0.4295  1.7853  0.6315  -0.7764 -0.3596 -0.9116 -0.4469 0.6147  -0.0698 'X-RAY DIFFRACTION' 
4 ? refined -5.0585 -1.9461 -10.8123 0.1252  0.0750  -0.1124 0.0619 0.0486  -0.1281 9.4509  8.1177  6.5794  -2.4383  3.0854   0.7299  0.4484  1.4476  -0.2423 -0.6261 -0.1886 0.0044  0.6649  0.5015  -0.2599 'X-RAY DIFFRACTION' 
5 ? refined 5.2511  -5.2745 13.2555  -0.0240 -0.1918 0.2960  0.0711 -0.0111 0.0205  6.8718  5.0463  17.0386 -1.8284  4.6099   -3.4608 -0.0533 -0.0905 0.0081  -0.0479 0.0695  0.0078  -0.0136 -0.1082 -0.0161 'X-RAY DIFFRACTION' 
# 
loop_
_pdbx_refine_tls_group.id 
_pdbx_refine_tls_group.refine_tls_id 
_pdbx_refine_tls_group.beg_label_asym_id 
_pdbx_refine_tls_group.beg_label_seq_id 
_pdbx_refine_tls_group.end_label_asym_id 
_pdbx_refine_tls_group.end_label_seq_id 
_pdbx_refine_tls_group.selection 
_pdbx_refine_tls_group.beg_auth_asym_id 
_pdbx_refine_tls_group.beg_auth_seq_id 
_pdbx_refine_tls_group.end_auth_asym_id 
_pdbx_refine_tls_group.end_auth_seq_id 
_pdbx_refine_tls_group.pdbx_refine_id 
_pdbx_refine_tls_group.selection_details 
1 1 A 4  A 14  ALL A 4   A 14  'X-RAY DIFFRACTION' ? 
2 2 A 15 A 63  ALL A 15  A 63  'X-RAY DIFFRACTION' ? 
3 3 A 64 A 76  ALL A 64  A 76  'X-RAY DIFFRACTION' ? 
4 4 A 77 A 129 ALL A 77  A 129 'X-RAY DIFFRACTION' ? 
5 5 B 29 B 47  ALL B 146 B 164 'X-RAY DIFFRACTION' ? 
# 
_pdbx_phasing_MR.entry_id                     2PQN 
_pdbx_phasing_MR.method_rotation              'fast direct' 
_pdbx_phasing_MR.method_translation           STRIPtrans_method 
_pdbx_phasing_MR.model_details                ? 
_pdbx_phasing_MR.R_factor                     ? 
_pdbx_phasing_MR.R_rigid_body                 ? 
_pdbx_phasing_MR.correlation_coeff_Fo_to_Fc   ? 
_pdbx_phasing_MR.correlation_coeff_Io_to_Ic   ? 
_pdbx_phasing_MR.d_res_high_rotation          ? 
_pdbx_phasing_MR.d_res_low_rotation           ? 
_pdbx_phasing_MR.d_res_high_translation       ? 
_pdbx_phasing_MR.d_res_low_translation        ? 
_pdbx_phasing_MR.packing                      ? 
_pdbx_phasing_MR.reflns_percent_rotation      ? 
_pdbx_phasing_MR.reflns_percent_translation   ? 
_pdbx_phasing_MR.sigma_F_rotation             ? 
_pdbx_phasing_MR.sigma_F_translation          ? 
_pdbx_phasing_MR.sigma_I_rotation             ? 
_pdbx_phasing_MR.sigma_I_translation          ? 
# 
loop_
_software.name 
_software.version 
_software.date 
_software.type 
_software.contact_author 
_software.contact_author_email 
_software.classification 
_software.location 
_software.language 
_software.citation_id 
_software.pdbx_ordinal 
REFMAC      .     ?                program 'Murshudov, G.N.'    ccp4@dl.ac.uk            refinement        
http://www.ccp4.ac.uk/main.html                  Fortran_77 ? 1 
SCALEPACK   .     ?                package 'Zbyszek Otwinowski' zbyszek@mix.swmed.edu    'data scaling'    
http://www.lnls.br/infra/linhasluz/denzo-hkl.htm ?          ? 2 
CNS         .     ?                package 'Axel T. Brunger'    axel.brunger@yale.edu    refinement        
http://cns.csb.yale.edu/v1.1/                    Fortran_77 ? 3 
DENZO       .     ?                package 'Zbyszek Otwinowski' zbyszek@mix.swmed.edu    'data reduction'  
http://www.lnls.br/infra/linhasluz/denzo-hkl.htm ?          ? 4 
PDB_EXTRACT 2.000 'April. 3, 2006' package PDB                  sw-help@rcsb.rutgers.edu 'data extraction' 
http://pdb.rutgers.edu/software/                 C++        ? 5 
Blu-Ice     .     ?                ?       ?                    ?                        'data collection' ? ?          ? 6 
HKL-2000    .     ?                ?       ?                    ?                        'data reduction'  ? ?          ? 7 
CNS         .     ?                ?       ?                    ?                        phasing           ? ?          ? 8 
# 
_pdbx_validate_torsion.id              1 
_pdbx_validate_torsion.PDB_model_num   1 
_pdbx_validate_torsion.auth_comp_id    THR 
_pdbx_validate_torsion.auth_asym_id    A 
_pdbx_validate_torsion.auth_seq_id     128 
_pdbx_validate_torsion.PDB_ins_code    ? 
_pdbx_validate_torsion.label_alt_id    ? 
_pdbx_validate_torsion.phi             -159.56 
_pdbx_validate_torsion.psi             83.90 
# 
loop_
_pdbx_unobs_or_zero_occ_atoms.id 
_pdbx_unobs_or_zero_occ_atoms.PDB_model_num 
_pdbx_unobs_or_zero_occ_atoms.polymer_flag 
_pdbx_unobs_or_zero_occ_atoms.occupancy_flag 
_pdbx_unobs_or_zero_occ_atoms.auth_asym_id 
_pdbx_unobs_or_zero_occ_atoms.auth_comp_id 
_pdbx_unobs_or_zero_occ_atoms.auth_seq_id 
_pdbx_unobs_or_zero_occ_atoms.PDB_ins_code 
_pdbx_unobs_or_zero_occ_atoms.auth_atom_id 
_pdbx_unobs_or_zero_occ_atoms.label_alt_id 
_pdbx_unobs_or_zero_occ_atoms.label_asym_id 
_pdbx_unobs_or_zero_occ_atoms.label_comp_id 
_pdbx_unobs_or_zero_occ_atoms.label_seq_id 
_pdbx_unobs_or_zero_occ_atoms.label_atom_id 
1  1 Y 1 A ARG 77  ? CG  ? A ARG 77  CG  
2  1 Y 1 A ARG 77  ? CD  ? A ARG 77  CD  
3  1 Y 1 A ARG 77  ? NE  ? A ARG 77  NE  
4  1 Y 1 A ARG 77  ? CZ  ? A ARG 77  CZ  
5  1 Y 1 A ARG 77  ? NH1 ? A ARG 77  NH1 
6  1 Y 1 A ARG 77  ? NH2 ? A ARG 77  NH2 
7  1 Y 1 A ARG 108 ? CG  ? A ARG 108 CG  
8  1 Y 1 A ARG 108 ? CD  ? A ARG 108 CD  
9  1 Y 1 A ARG 108 ? NE  ? A ARG 108 NE  
10 1 Y 1 A ARG 108 ? CZ  ? A ARG 108 CZ  
11 1 Y 1 A ARG 108 ? NH1 ? A ARG 108 NH1 
12 1 Y 1 A ARG 108 ? NH2 ? A ARG 108 NH2 
# 
loop_
_pdbx_unobs_or_zero_occ_residues.id 
_pdbx_unobs_or_zero_occ_residues.PDB_model_num 
_pdbx_unobs_or_zero_occ_residues.polymer_flag 
_pdbx_unobs_or_zero_occ_residues.occupancy_flag 
_pdbx_unobs_or_zero_occ_residues.auth_asym_id 
_pdbx_unobs_or_zero_occ_residues.auth_comp_id 
_pdbx_unobs_or_zero_occ_residues.auth_seq_id 
_pdbx_unobs_or_zero_occ_residues.PDB_ins_code 
_pdbx_unobs_or_zero_occ_residues.label_asym_id 
_pdbx_unobs_or_zero_occ_residues.label_comp_id 
_pdbx_unobs_or_zero_occ_residues.label_seq_id 
1  1 Y 1 A MET 1   ? A MET 1  
2  1 Y 1 A THR 2   ? A THR 2  
3  1 Y 1 A LYS 3   ? A LYS 3  
4  1 Y 1 B GLY 118 ? B GLY 1  
5  1 Y 1 B SER 119 ? B SER 2  
6  1 Y 1 B HIS 120 ? B HIS 3  
7  1 Y 1 B MET 121 ? B MET 4  
8  1 Y 1 B ASP 122 ? B ASP 5  
9  1 Y 1 B ALA 123 ? B ALA 6  
10 1 Y 1 B ASP 124 ? B ASP 7  
11 1 Y 1 B GLY 125 ? B GLY 8  
12 1 Y 1 B LYS 126 ? B LYS 9  
13 1 Y 1 B LEU 127 ? B LEU 10 
14 1 Y 1 B LEU 128 ? B LEU 11 
15 1 Y 1 B THR 129 ? B THR 12 
16 1 Y 1 B GLU 130 ? B GLU 13 
17 1 Y 1 B GLY 131 ? B GLY 14 
18 1 Y 1 B GLY 132 ? B GLY 15 
19 1 Y 1 B GLU 133 ? B GLU 16 
20 1 Y 1 B ASN 134 ? B ASN 17 
21 1 Y 1 B GLU 135 ? B GLU 18 
22 1 Y 1 B ASN 136 ? B ASN 19 
23 1 Y 1 B LEU 137 ? B LEU 20 
24 1 Y 1 B ARG 138 ? B ARG 21 
25 1 Y 1 B LYS 139 ? B LYS 22 
26 1 Y 1 B ASN 140 ? B ASN 23 
27 1 Y 1 B ALA 141 ? B ALA 24 
28 1 Y 1 B SER 142 ? B SER 25 
29 1 Y 1 B LYS 143 ? B LYS 26 
30 1 Y 1 B LYS 144 ? B LYS 27 
31 1 Y 1 B ASN 165 ? B ASN 48 
32 1 Y 1 B THR 166 ? B THR 49 
33 1 Y 1 B GLU 167 ? B GLU 50 
34 1 Y 1 B ARG 168 ? B ARG 51 
35 1 Y 1 B LEU 169 ? B LEU 52 
36 1 Y 1 B ASN 170 ? B ASN 53 
37 1 Y 1 B TYR 171 ? B TYR 54 
# 
loop_
_chem_comp_atom.comp_id 
_chem_comp_atom.atom_id 
_chem_comp_atom.type_symbol 
_chem_comp_atom.pdbx_aromatic_flag 
_chem_comp_atom.pdbx_stereo_config 
_chem_comp_atom.pdbx_ordinal 
ALA N    N N N 1   
ALA CA   C N S 2   
ALA C    C N N 3   
ALA O    O N N 4   
ALA CB   C N N 5   
ALA OXT  O N N 6   
ALA H    H N N 7   
ALA H2   H N N 8   
ALA HA   H N N 9   
ALA HB1  H N N 10  
ALA HB2  H N N 11  
ALA HB3  H N N 12  
ALA HXT  H N N 13  
ARG N    N N N 14  
ARG CA   C N S 15  
ARG C    C N N 16  
ARG O    O N N 17  
ARG CB   C N N 18  
ARG CG   C N N 19  
ARG CD   C N N 20  
ARG NE   N N N 21  
ARG CZ   C N N 22  
ARG NH1  N N N 23  
ARG NH2  N N N 24  
ARG OXT  O N N 25  
ARG H    H N N 26  
ARG H2   H N N 27  
ARG HA   H N N 28  
ARG HB2  H N N 29  
ARG HB3  H N N 30  
ARG HG2  H N N 31  
ARG HG3  H N N 32  
ARG HD2  H N N 33  
ARG HD3  H N N 34  
ARG HE   H N N 35  
ARG HH11 H N N 36  
ARG HH12 H N N 37  
ARG HH21 H N N 38  
ARG HH22 H N N 39  
ARG HXT  H N N 40  
ASN N    N N N 41  
ASN CA   C N S 42  
ASN C    C N N 43  
ASN O    O N N 44  
ASN CB   C N N 45  
ASN CG   C N N 46  
ASN OD1  O N N 47  
ASN ND2  N N N 48  
ASN OXT  O N N 49  
ASN H    H N N 50  
ASN H2   H N N 51  
ASN HA   H N N 52  
ASN HB2  H N N 53  
ASN HB3  H N N 54  
ASN HD21 H N N 55  
ASN HD22 H N N 56  
ASN HXT  H N N 57  
ASP N    N N N 58  
ASP CA   C N S 59  
ASP C    C N N 60  
ASP O    O N N 61  
ASP CB   C N N 62  
ASP CG   C N N 63  
ASP OD1  O N N 64  
ASP OD2  O N N 65  
ASP OXT  O N N 66  
ASP H    H N N 67  
ASP H2   H N N 68  
ASP HA   H N N 69  
ASP HB2  H N N 70  
ASP HB3  H N N 71  
ASP HD2  H N N 72  
ASP HXT  H N N 73  
CYS N    N N N 74  
CYS CA   C N R 75  
CYS C    C N N 76  
CYS O    O N N 77  
CYS CB   C N N 78  
CYS SG   S N N 79  
CYS OXT  O N N 80  
CYS H    H N N 81  
CYS H2   H N N 82  
CYS HA   H N N 83  
CYS HB2  H N N 84  
CYS HB3  H N N 85  
CYS HG   H N N 86  
CYS HXT  H N N 87  
GLN N    N N N 88  
GLN CA   C N S 89  
GLN C    C N N 90  
GLN O    O N N 91  
GLN CB   C N N 92  
GLN CG   C N N 93  
GLN CD   C N N 94  
GLN OE1  O N N 95  
GLN NE2  N N N 96  
GLN OXT  O N N 97  
GLN H    H N N 98  
GLN H2   H N N 99  
GLN HA   H N N 100 
GLN HB2  H N N 101 
GLN HB3  H N N 102 
GLN HG2  H N N 103 
GLN HG3  H N N 104 
GLN HE21 H N N 105 
GLN HE22 H N N 106 
GLN HXT  H N N 107 
GLU N    N N N 108 
GLU CA   C N S 109 
GLU C    C N N 110 
GLU O    O N N 111 
GLU CB   C N N 112 
GLU CG   C N N 113 
GLU CD   C N N 114 
GLU OE1  O N N 115 
GLU OE2  O N N 116 
GLU OXT  O N N 117 
GLU H    H N N 118 
GLU H2   H N N 119 
GLU HA   H N N 120 
GLU HB2  H N N 121 
GLU HB3  H N N 122 
GLU HG2  H N N 123 
GLU HG3  H N N 124 
GLU HE2  H N N 125 
GLU HXT  H N N 126 
GLY N    N N N 127 
GLY CA   C N N 128 
GLY C    C N N 129 
GLY O    O N N 130 
GLY OXT  O N N 131 
GLY H    H N N 132 
GLY H2   H N N 133 
GLY HA2  H N N 134 
GLY HA3  H N N 135 
GLY HXT  H N N 136 
HIS N    N N N 137 
HIS CA   C N S 138 
HIS C    C N N 139 
HIS O    O N N 140 
HIS CB   C N N 141 
HIS CG   C Y N 142 
HIS ND1  N Y N 143 
HIS CD2  C Y N 144 
HIS CE1  C Y N 145 
HIS NE2  N Y N 146 
HIS OXT  O N N 147 
HIS H    H N N 148 
HIS H2   H N N 149 
HIS HA   H N N 150 
HIS HB2  H N N 151 
HIS HB3  H N N 152 
HIS HD1  H N N 153 
HIS HD2  H N N 154 
HIS HE1  H N N 155 
HIS HE2  H N N 156 
HIS HXT  H N N 157 
HOH O    O N N 158 
HOH H1   H N N 159 
HOH H2   H N N 160 
ILE N    N N N 161 
ILE CA   C N S 162 
ILE C    C N N 163 
ILE O    O N N 164 
ILE CB   C N S 165 
ILE CG1  C N N 166 
ILE CG2  C N N 167 
ILE CD1  C N N 168 
ILE OXT  O N N 169 
ILE H    H N N 170 
ILE H2   H N N 171 
ILE HA   H N N 172 
ILE HB   H N N 173 
ILE HG12 H N N 174 
ILE HG13 H N N 175 
ILE HG21 H N N 176 
ILE HG22 H N N 177 
ILE HG23 H N N 178 
ILE HD11 H N N 179 
ILE HD12 H N N 180 
ILE HD13 H N N 181 
ILE HXT  H N N 182 
LEU N    N N N 183 
LEU CA   C N S 184 
LEU C    C N N 185 
LEU O    O N N 186 
LEU CB   C N N 187 
LEU CG   C N N 188 
LEU CD1  C N N 189 
LEU CD2  C N N 190 
LEU OXT  O N N 191 
LEU H    H N N 192 
LEU H2   H N N 193 
LEU HA   H N N 194 
LEU HB2  H N N 195 
LEU HB3  H N N 196 
LEU HG   H N N 197 
LEU HD11 H N N 198 
LEU HD12 H N N 199 
LEU HD13 H N N 200 
LEU HD21 H N N 201 
LEU HD22 H N N 202 
LEU HD23 H N N 203 
LEU HXT  H N N 204 
LYS N    N N N 205 
LYS CA   C N S 206 
LYS C    C N N 207 
LYS O    O N N 208 
LYS CB   C N N 209 
LYS CG   C N N 210 
LYS CD   C N N 211 
LYS CE   C N N 212 
LYS NZ   N N N 213 
LYS OXT  O N N 214 
LYS H    H N N 215 
LYS H2   H N N 216 
LYS HA   H N N 217 
LYS HB2  H N N 218 
LYS HB3  H N N 219 
LYS HG2  H N N 220 
LYS HG3  H N N 221 
LYS HD2  H N N 222 
LYS HD3  H N N 223 
LYS HE2  H N N 224 
LYS HE3  H N N 225 
LYS HZ1  H N N 226 
LYS HZ2  H N N 227 
LYS HZ3  H N N 228 
LYS HXT  H N N 229 
MET N    N N N 230 
MET CA   C N S 231 
MET C    C N N 232 
MET O    O N N 233 
MET CB   C N N 234 
MET CG   C N N 235 
MET SD   S N N 236 
MET CE   C N N 237 
MET OXT  O N N 238 
MET H    H N N 239 
MET H2   H N N 240 
MET HA   H N N 241 
MET HB2  H N N 242 
MET HB3  H N N 243 
MET HG2  H N N 244 
MET HG3  H N N 245 
MET HE1  H N N 246 
MET HE2  H N N 247 
MET HE3  H N N 248 
MET HXT  H N N 249 
PHE N    N N N 250 
PHE CA   C N S 251 
PHE C    C N N 252 
PHE O    O N N 253 
PHE CB   C N N 254 
PHE CG   C Y N 255 
PHE CD1  C Y N 256 
PHE CD2  C Y N 257 
PHE CE1  C Y N 258 
PHE CE2  C Y N 259 
PHE CZ   C Y N 260 
PHE OXT  O N N 261 
PHE H    H N N 262 
PHE H2   H N N 263 
PHE HA   H N N 264 
PHE HB2  H N N 265 
PHE HB3  H N N 266 
PHE HD1  H N N 267 
PHE HD2  H N N 268 
PHE HE1  H N N 269 
PHE HE2  H N N 270 
PHE HZ   H N N 271 
PHE HXT  H N N 272 
PRO N    N N N 273 
PRO CA   C N S 274 
PRO C    C N N 275 
PRO O    O N N 276 
PRO CB   C N N 277 
PRO CG   C N N 278 
PRO CD   C N N 279 
PRO OXT  O N N 280 
PRO H    H N N 281 
PRO HA   H N N 282 
PRO HB2  H N N 283 
PRO HB3  H N N 284 
PRO HG2  H N N 285 
PRO HG3  H N N 286 
PRO HD2  H N N 287 
PRO HD3  H N N 288 
PRO HXT  H N N 289 
SER N    N N N 290 
SER CA   C N S 291 
SER C    C N N 292 
SER O    O N N 293 
SER CB   C N N 294 
SER OG   O N N 295 
SER OXT  O N N 296 
SER H    H N N 297 
SER H2   H N N 298 
SER HA   H N N 299 
SER HB2  H N N 300 
SER HB3  H N N 301 
SER HG   H N N 302 
SER HXT  H N N 303 
THR N    N N N 304 
THR CA   C N S 305 
THR C    C N N 306 
THR O    O N N 307 
THR CB   C N R 308 
THR OG1  O N N 309 
THR CG2  C N N 310 
THR OXT  O N N 311 
THR H    H N N 312 
THR H2   H N N 313 
THR HA   H N N 314 
THR HB   H N N 315 
THR HG1  H N N 316 
THR HG21 H N N 317 
THR HG22 H N N 318 
THR HG23 H N N 319 
THR HXT  H N N 320 
TRP N    N N N 321 
TRP CA   C N S 322 
TRP C    C N N 323 
TRP O    O N N 324 
TRP CB   C N N 325 
TRP CG   C Y N 326 
TRP CD1  C Y N 327 
TRP CD2  C Y N 328 
TRP NE1  N Y N 329 
TRP CE2  C Y N 330 
TRP CE3  C Y N 331 
TRP CZ2  C Y N 332 
TRP CZ3  C Y N 333 
TRP CH2  C Y N 334 
TRP OXT  O N N 335 
TRP H    H N N 336 
TRP H2   H N N 337 
TRP HA   H N N 338 
TRP HB2  H N N 339 
TRP HB3  H N N 340 
TRP HD1  H N N 341 
TRP HE1  H N N 342 
TRP HE3  H N N 343 
TRP HZ2  H N N 344 
TRP HZ3  H N N 345 
TRP HH2  H N N 346 
TRP HXT  H N N 347 
TYR N    N N N 348 
TYR CA   C N S 349 
TYR C    C N N 350 
TYR O    O N N 351 
TYR CB   C N N 352 
TYR CG   C Y N 353 
TYR CD1  C Y N 354 
TYR CD2  C Y N 355 
TYR CE1  C Y N 356 
TYR CE2  C Y N 357 
TYR CZ   C Y N 358 
TYR OH   O N N 359 
TYR OXT  O N N 360 
TYR H    H N N 361 
TYR H2   H N N 362 
TYR HA   H N N 363 
TYR HB2  H N N 364 
TYR HB3  H N N 365 
TYR HD1  H N N 366 
TYR HD2  H N N 367 
TYR HE1  H N N 368 
TYR HE2  H N N 369 
TYR HH   H N N 370 
TYR HXT  H N N 371 
VAL N    N N N 372 
VAL CA   C N S 373 
VAL C    C N N 374 
VAL O    O N N 375 
VAL CB   C N N 376 
VAL CG1  C N N 377 
VAL CG2  C N N 378 
VAL OXT  O N N 379 
VAL H    H N N 380 
VAL H2   H N N 381 
VAL HA   H N N 382 
VAL HB   H N N 383 
VAL HG11 H N N 384 
VAL HG12 H N N 385 
VAL HG13 H N N 386 
VAL HG21 H N N 387 
VAL HG22 H N N 388 
VAL HG23 H N N 389 
VAL HXT  H N N 390 
# 
loop_
_chem_comp_bond.comp_id 
_chem_comp_bond.atom_id_1 
_chem_comp_bond.atom_id_2 
_chem_comp_bond.value_order 
_chem_comp_bond.pdbx_aromatic_flag 
_chem_comp_bond.pdbx_stereo_config 
_chem_comp_bond.pdbx_ordinal 
ALA N   CA   sing N N 1   
ALA N   H    sing N N 2   
ALA N   H2   sing N N 3   
ALA CA  C    sing N N 4   
ALA CA  CB   sing N N 5   
ALA CA  HA   sing N N 6   
ALA C   O    doub N N 7   
ALA C   OXT  sing N N 8   
ALA CB  HB1  sing N N 9   
ALA CB  HB2  sing N N 10  
ALA CB  HB3  sing N N 11  
ALA OXT HXT  sing N N 12  
ARG N   CA   sing N N 13  
ARG N   H    sing N N 14  
ARG N   H2   sing N N 15  
ARG CA  C    sing N N 16  
ARG CA  CB   sing N N 17  
ARG CA  HA   sing N N 18  
ARG C   O    doub N N 19  
ARG C   OXT  sing N N 20  
ARG CB  CG   sing N N 21  
ARG CB  HB2  sing N N 22  
ARG CB  HB3  sing N N 23  
ARG CG  CD   sing N N 24  
ARG CG  HG2  sing N N 25  
ARG CG  HG3  sing N N 26  
ARG CD  NE   sing N N 27  
ARG CD  HD2  sing N N 28  
ARG CD  HD3  sing N N 29  
ARG NE  CZ   sing N N 30  
ARG NE  HE   sing N N 31  
ARG CZ  NH1  sing N N 32  
ARG CZ  NH2  doub N N 33  
ARG NH1 HH11 sing N N 34  
ARG NH1 HH12 sing N N 35  
ARG NH2 HH21 sing N N 36  
ARG NH2 HH22 sing N N 37  
ARG OXT HXT  sing N N 38  
ASN N   CA   sing N N 39  
ASN N   H    sing N N 40  
ASN N   H2   sing N N 41  
ASN CA  C    sing N N 42  
ASN CA  CB   sing N N 43  
ASN CA  HA   sing N N 44  
ASN C   O    doub N N 45  
ASN C   OXT  sing N N 46  
ASN CB  CG   sing N N 47  
ASN CB  HB2  sing N N 48  
ASN CB  HB3  sing N N 49  
ASN CG  OD1  doub N N 50  
ASN CG  ND2  sing N N 51  
ASN ND2 HD21 sing N N 52  
ASN ND2 HD22 sing N N 53  
ASN OXT HXT  sing N N 54  
ASP N   CA   sing N N 55  
ASP N   H    sing N N 56  
ASP N   H2   sing N N 57  
ASP CA  C    sing N N 58  
ASP CA  CB   sing N N 59  
ASP CA  HA   sing N N 60  
ASP C   O    doub N N 61  
ASP C   OXT  sing N N 62  
ASP CB  CG   sing N N 63  
ASP CB  HB2  sing N N 64  
ASP CB  HB3  sing N N 65  
ASP CG  OD1  doub N N 66  
ASP CG  OD2  sing N N 67  
ASP OD2 HD2  sing N N 68  
ASP OXT HXT  sing N N 69  
CYS N   CA   sing N N 70  
CYS N   H    sing N N 71  
CYS N   H2   sing N N 72  
CYS CA  C    sing N N 73  
CYS CA  CB   sing N N 74  
CYS CA  HA   sing N N 75  
CYS C   O    doub N N 76  
CYS C   OXT  sing N N 77  
CYS CB  SG   sing N N 78  
CYS CB  HB2  sing N N 79  
CYS CB  HB3  sing N N 80  
CYS SG  HG   sing N N 81  
CYS OXT HXT  sing N N 82  
GLN N   CA   sing N N 83  
GLN N   H    sing N N 84  
GLN N   H2   sing N N 85  
GLN CA  C    sing N N 86  
GLN CA  CB   sing N N 87  
GLN CA  HA   sing N N 88  
GLN C   O    doub N N 89  
GLN C   OXT  sing N N 90  
GLN CB  CG   sing N N 91  
GLN CB  HB2  sing N N 92  
GLN CB  HB3  sing N N 93  
GLN CG  CD   sing N N 94  
GLN CG  HG2  sing N N 95  
GLN CG  HG3  sing N N 96  
GLN CD  OE1  doub N N 97  
GLN CD  NE2  sing N N 98  
GLN NE2 HE21 sing N N 99  
GLN NE2 HE22 sing N N 100 
GLN OXT HXT  sing N N 101 
GLU N   CA   sing N N 102 
GLU N   H    sing N N 103 
GLU N   H2   sing N N 104 
GLU CA  C    sing N N 105 
GLU CA  CB   sing N N 106 
GLU CA  HA   sing N N 107 
GLU C   O    doub N N 108 
GLU C   OXT  sing N N 109 
GLU CB  CG   sing N N 110 
GLU CB  HB2  sing N N 111 
GLU CB  HB3  sing N N 112 
GLU CG  CD   sing N N 113 
GLU CG  HG2  sing N N 114 
GLU CG  HG3  sing N N 115 
GLU CD  OE1  doub N N 116 
GLU CD  OE2  sing N N 117 
GLU OE2 HE2  sing N N 118 
GLU OXT HXT  sing N N 119 
GLY N   CA   sing N N 120 
GLY N   H    sing N N 121 
GLY N   H2   sing N N 122 
GLY CA  C    sing N N 123 
GLY CA  HA2  sing N N 124 
GLY CA  HA3  sing N N 125 
GLY C   O    doub N N 126 
GLY C   OXT  sing N N 127 
GLY OXT HXT  sing N N 128 
HIS N   CA   sing N N 129 
HIS N   H    sing N N 130 
HIS N   H2   sing N N 131 
HIS CA  C    sing N N 132 
HIS CA  CB   sing N N 133 
HIS CA  HA   sing N N 134 
HIS C   O    doub N N 135 
HIS C   OXT  sing N N 136 
HIS CB  CG   sing N N 137 
HIS CB  HB2  sing N N 138 
HIS CB  HB3  sing N N 139 
HIS CG  ND1  sing Y N 140 
HIS CG  CD2  doub Y N 141 
HIS ND1 CE1  doub Y N 142 
HIS ND1 HD1  sing N N 143 
HIS CD2 NE2  sing Y N 144 
HIS CD2 HD2  sing N N 145 
HIS CE1 NE2  sing Y N 146 
HIS CE1 HE1  sing N N 147 
HIS NE2 HE2  sing N N 148 
HIS OXT HXT  sing N N 149 
HOH O   H1   sing N N 150 
HOH O   H2   sing N N 151 
ILE N   CA   sing N N 152 
ILE N   H    sing N N 153 
ILE N   H2   sing N N 154 
ILE CA  C    sing N N 155 
ILE CA  CB   sing N N 156 
ILE CA  HA   sing N N 157 
ILE C   O    doub N N 158 
ILE C   OXT  sing N N 159 
ILE CB  CG1  sing N N 160 
ILE CB  CG2  sing N N 161 
ILE CB  HB   sing N N 162 
ILE CG1 CD1  sing N N 163 
ILE CG1 HG12 sing N N 164 
ILE CG1 HG13 sing N N 165 
ILE CG2 HG21 sing N N 166 
ILE CG2 HG22 sing N N 167 
ILE CG2 HG23 sing N N 168 
ILE CD1 HD11 sing N N 169 
ILE CD1 HD12 sing N N 170 
ILE CD1 HD13 sing N N 171 
ILE OXT HXT  sing N N 172 
LEU N   CA   sing N N 173 
LEU N   H    sing N N 174 
LEU N   H2   sing N N 175 
LEU CA  C    sing N N 176 
LEU CA  CB   sing N N 177 
LEU CA  HA   sing N N 178 
LEU C   O    doub N N 179 
LEU C   OXT  sing N N 180 
LEU CB  CG   sing N N 181 
LEU CB  HB2  sing N N 182 
LEU CB  HB3  sing N N 183 
LEU CG  CD1  sing N N 184 
LEU CG  CD2  sing N N 185 
LEU CG  HG   sing N N 186 
LEU CD1 HD11 sing N N 187 
LEU CD1 HD12 sing N N 188 
LEU CD1 HD13 sing N N 189 
LEU CD2 HD21 sing N N 190 
LEU CD2 HD22 sing N N 191 
LEU CD2 HD23 sing N N 192 
LEU OXT HXT  sing N N 193 
LYS N   CA   sing N N 194 
LYS N   H    sing N N 195 
LYS N   H2   sing N N 196 
LYS CA  C    sing N N 197 
LYS CA  CB   sing N N 198 
LYS CA  HA   sing N N 199 
LYS C   O    doub N N 200 
LYS C   OXT  sing N N 201 
LYS CB  CG   sing N N 202 
LYS CB  HB2  sing N N 203 
LYS CB  HB3  sing N N 204 
LYS CG  CD   sing N N 205 
LYS CG  HG2  sing N N 206 
LYS CG  HG3  sing N N 207 
LYS CD  CE   sing N N 208 
LYS CD  HD2  sing N N 209 
LYS CD  HD3  sing N N 210 
LYS CE  NZ   sing N N 211 
LYS CE  HE2  sing N N 212 
LYS CE  HE3  sing N N 213 
LYS NZ  HZ1  sing N N 214 
LYS NZ  HZ2  sing N N 215 
LYS NZ  HZ3  sing N N 216 
LYS OXT HXT  sing N N 217 
MET N   CA   sing N N 218 
MET N   H    sing N N 219 
MET N   H2   sing N N 220 
MET CA  C    sing N N 221 
MET CA  CB   sing N N 222 
MET CA  HA   sing N N 223 
MET C   O    doub N N 224 
MET C   OXT  sing N N 225 
MET CB  CG   sing N N 226 
MET CB  HB2  sing N N 227 
MET CB  HB3  sing N N 228 
MET CG  SD   sing N N 229 
MET CG  HG2  sing N N 230 
MET CG  HG3  sing N N 231 
MET SD  CE   sing N N 232 
MET CE  HE1  sing N N 233 
MET CE  HE2  sing N N 234 
MET CE  HE3  sing N N 235 
MET OXT HXT  sing N N 236 
PHE N   CA   sing N N 237 
PHE N   H    sing N N 238 
PHE N   H2   sing N N 239 
PHE CA  C    sing N N 240 
PHE CA  CB   sing N N 241 
PHE CA  HA   sing N N 242 
PHE C   O    doub N N 243 
PHE C   OXT  sing N N 244 
PHE CB  CG   sing N N 245 
PHE CB  HB2  sing N N 246 
PHE CB  HB3  sing N N 247 
PHE CG  CD1  doub Y N 248 
PHE CG  CD2  sing Y N 249 
PHE CD1 CE1  sing Y N 250 
PHE CD1 HD1  sing N N 251 
PHE CD2 CE2  doub Y N 252 
PHE CD2 HD2  sing N N 253 
PHE CE1 CZ   doub Y N 254 
PHE CE1 HE1  sing N N 255 
PHE CE2 CZ   sing Y N 256 
PHE CE2 HE2  sing N N 257 
PHE CZ  HZ   sing N N 258 
PHE OXT HXT  sing N N 259 
PRO N   CA   sing N N 260 
PRO N   CD   sing N N 261 
PRO N   H    sing N N 262 
PRO CA  C    sing N N 263 
PRO CA  CB   sing N N 264 
PRO CA  HA   sing N N 265 
PRO C   O    doub N N 266 
PRO C   OXT  sing N N 267 
PRO CB  CG   sing N N 268 
PRO CB  HB2  sing N N 269 
PRO CB  HB3  sing N N 270 
PRO CG  CD   sing N N 271 
PRO CG  HG2  sing N N 272 
PRO CG  HG3  sing N N 273 
PRO CD  HD2  sing N N 274 
PRO CD  HD3  sing N N 275 
PRO OXT HXT  sing N N 276 
SER N   CA   sing N N 277 
SER N   H    sing N N 278 
SER N   H2   sing N N 279 
SER CA  C    sing N N 280 
SER CA  CB   sing N N 281 
SER CA  HA   sing N N 282 
SER C   O    doub N N 283 
SER C   OXT  sing N N 284 
SER CB  OG   sing N N 285 
SER CB  HB2  sing N N 286 
SER CB  HB3  sing N N 287 
SER OG  HG   sing N N 288 
SER OXT HXT  sing N N 289 
THR N   CA   sing N N 290 
THR N   H    sing N N 291 
THR N   H2   sing N N 292 
THR CA  C    sing N N 293 
THR CA  CB   sing N N 294 
THR CA  HA   sing N N 295 
THR C   O    doub N N 296 
THR C   OXT  sing N N 297 
THR CB  OG1  sing N N 298 
THR CB  CG2  sing N N 299 
THR CB  HB   sing N N 300 
THR OG1 HG1  sing N N 301 
THR CG2 HG21 sing N N 302 
THR CG2 HG22 sing N N 303 
THR CG2 HG23 sing N N 304 
THR OXT HXT  sing N N 305 
TRP N   CA   sing N N 306 
TRP N   H    sing N N 307 
TRP N   H2   sing N N 308 
TRP CA  C    sing N N 309 
TRP CA  CB   sing N N 310 
TRP CA  HA   sing N N 311 
TRP C   O    doub N N 312 
TRP C   OXT  sing N N 313 
TRP CB  CG   sing N N 314 
TRP CB  HB2  sing N N 315 
TRP CB  HB3  sing N N 316 
TRP CG  CD1  doub Y N 317 
TRP CG  CD2  sing Y N 318 
TRP CD1 NE1  sing Y N 319 
TRP CD1 HD1  sing N N 320 
TRP CD2 CE2  doub Y N 321 
TRP CD2 CE3  sing Y N 322 
TRP NE1 CE2  sing Y N 323 
TRP NE1 HE1  sing N N 324 
TRP CE2 CZ2  sing Y N 325 
TRP CE3 CZ3  doub Y N 326 
TRP CE3 HE3  sing N N 327 
TRP CZ2 CH2  doub Y N 328 
TRP CZ2 HZ2  sing N N 329 
TRP CZ3 CH2  sing Y N 330 
TRP CZ3 HZ3  sing N N 331 
TRP CH2 HH2  sing N N 332 
TRP OXT HXT  sing N N 333 
TYR N   CA   sing N N 334 
TYR N   H    sing N N 335 
TYR N   H2   sing N N 336 
TYR CA  C    sing N N 337 
TYR CA  CB   sing N N 338 
TYR CA  HA   sing N N 339 
TYR C   O    doub N N 340 
TYR C   OXT  sing N N 341 
TYR CB  CG   sing N N 342 
TYR CB  HB2  sing N N 343 
TYR CB  HB3  sing N N 344 
TYR CG  CD1  doub Y N 345 
TYR CG  CD2  sing Y N 346 
TYR CD1 CE1  sing Y N 347 
TYR CD1 HD1  sing N N 348 
TYR CD2 CE2  doub Y N 349 
TYR CD2 HD2  sing N N 350 
TYR CE1 CZ   doub Y N 351 
TYR CE1 HE1  sing N N 352 
TYR CE2 CZ   sing Y N 353 
TYR CE2 HE2  sing N N 354 
TYR CZ  OH   sing N N 355 
TYR OH  HH   sing N N 356 
TYR OXT HXT  sing N N 357 
VAL N   CA   sing N N 358 
VAL N   H    sing N N 359 
VAL N   H2   sing N N 360 
VAL CA  C    sing N N 361 
VAL CA  CB   sing N N 362 
VAL CA  HA   sing N N 363 
VAL C   O    doub N N 364 
VAL C   OXT  sing N N 365 
VAL CB  CG1  sing N N 366 
VAL CB  CG2  sing N N 367 
VAL CB  HB   sing N N 368 
VAL CG1 HG11 sing N N 369 
VAL CG1 HG12 sing N N 370 
VAL CG1 HG13 sing N N 371 
VAL CG2 HG21 sing N N 372 
VAL CG2 HG22 sing N N 373 
VAL CG2 HG23 sing N N 374 
VAL OXT HXT  sing N N 375 
# 
_pdbx_entity_nonpoly.entity_id   3 
_pdbx_entity_nonpoly.name        water 
_pdbx_entity_nonpoly.comp_id     HOH 
# 
_pdbx_initial_refinement_model.id               1 
_pdbx_initial_refinement_model.entity_id_list   ? 
_pdbx_initial_refinement_model.type             'experimental model' 
_pdbx_initial_refinement_model.source_name      PDB 
_pdbx_initial_refinement_model.accession_code   1Y8M 
_pdbx_initial_refinement_model.details          'PDB entry 1Y8M' 
# 
